data_6LQO
#
_entry.id   6LQO
#
_cell.length_a   75.778
_cell.length_b   161.848
_cell.length_c   97.862
_cell.angle_alpha   90.000
_cell.angle_beta   100.777
_cell.angle_gamma   90.000
#
_symmetry.space_group_name_H-M   'P 1 21 1'
#
loop_
_entity.id
_entity.type
_entity.pdbx_description
1 polymer 'Cytoplasmic envelopment protein 1'
2 polymer 'Tegument protein UL51 homolog'
3 non-polymer 'ACETATE ION'
4 non-polymer GLYCEROL
5 water water
#
loop_
_entity_poly.entity_id
_entity_poly.type
_entity_poly.pdbx_seq_one_letter_code
_entity_poly.pdbx_strand_id
1 'polypeptide(L)'
;GPHMGGSMQKVSLRVTPRLVLEVNRHNAICVATNVPEFYNARGDLNIRDLRAHVKARMISSQFCGYVLVSLLDSEDQVDH
LNIFPHVFSERMILYKPNNVNLMEMCALLSMIENAKSPSIGLCREVLGRLTLLHSKCNNLDSLFLYNGARTLLSTLVKYH
DLEEGAATPGPWNEGLSLFKLHKELKRAPSEARDLMQSLFLTSGKMGCLARSPKDYCADLNKEEDANSGFTFNLFYQDSL
LTKHFQCQTVLQTLRRKCLGSDTVSKIIP
;
A,B,C,D,E,F
2 'polypeptide(L)'
;GPLGSECPDRWRAEIDLGLPPGVQVGDLLRNEQTMGSLRQVYLLAVQANSITDHLKRFDAVRVPESCRGVVEAQVAKLEA
VRSVIWNTMISLAVSGIEMDENGLKALLDKQAGDSLALMEMEKVATALKMD
;
H,I,J,K,L,M
#
loop_
_chem_comp.id
_chem_comp.type
_chem_comp.name
_chem_comp.formula
ACT non-polymer 'ACETATE ION' 'C2 H3 O2 -1'
GOL non-polymer GLYCEROL 'C3 H8 O3'
#
# COMPACT_ATOMS: atom_id res chain seq x y z
N VAL A 11 -7.32 -22.85 -36.29
CA VAL A 11 -8.45 -23.49 -35.63
C VAL A 11 -9.60 -22.49 -35.46
N SER A 12 -9.28 -21.22 -35.29
CA SER A 12 -10.26 -20.13 -35.27
C SER A 12 -9.96 -19.16 -36.41
N LEU A 13 -10.24 -19.61 -37.63
CA LEU A 13 -10.33 -18.75 -38.80
C LEU A 13 -11.79 -18.53 -39.20
N ARG A 14 -12.67 -18.50 -38.22
CA ARG A 14 -14.10 -18.51 -38.48
C ARG A 14 -14.68 -17.11 -38.38
N VAL A 15 -15.39 -16.72 -39.40
CA VAL A 15 -16.12 -15.46 -39.41
C VAL A 15 -17.54 -15.76 -38.94
N THR A 16 -18.09 -14.86 -38.14
CA THR A 16 -19.42 -15.14 -37.64
C THR A 16 -20.29 -13.90 -37.79
N PRO A 17 -21.52 -14.07 -38.28
CA PRO A 17 -22.40 -12.91 -38.45
C PRO A 17 -22.92 -12.49 -37.10
N ARG A 18 -22.79 -11.20 -36.81
CA ARG A 18 -23.29 -10.64 -35.58
C ARG A 18 -24.15 -9.44 -35.93
N LEU A 19 -24.87 -8.96 -34.92
CA LEU A 19 -25.83 -7.87 -35.04
C LEU A 19 -26.75 -8.06 -36.25
N VAL A 20 -27.68 -8.99 -36.16
CA VAL A 20 -28.60 -9.27 -37.25
C VAL A 20 -29.94 -8.64 -36.94
N LEU A 21 -30.34 -7.64 -37.72
CA LEU A 21 -31.67 -7.04 -37.60
C LEU A 21 -32.32 -7.02 -38.98
N GLU A 22 -33.63 -6.80 -39.01
CA GLU A 22 -34.32 -6.62 -40.28
C GLU A 22 -34.82 -5.19 -40.43
N VAL A 23 -34.70 -4.68 -41.66
CA VAL A 23 -34.67 -3.26 -41.96
C VAL A 23 -35.82 -2.91 -42.89
N ASN A 24 -36.62 -1.90 -42.52
CA ASN A 24 -37.76 -1.45 -43.29
C ASN A 24 -37.68 0.04 -43.58
N ARG A 25 -38.21 0.44 -44.73
CA ARG A 25 -38.20 1.83 -45.14
C ARG A 25 -39.52 2.18 -45.81
N HIS A 26 -40.27 3.09 -45.19
CA HIS A 26 -41.54 3.61 -45.69
C HIS A 26 -41.34 5.08 -46.02
N ASN A 27 -41.04 5.38 -47.29
CA ASN A 27 -40.77 6.75 -47.74
C ASN A 27 -39.64 7.39 -46.92
N ALA A 28 -38.46 6.82 -47.09
CA ALA A 28 -37.23 7.29 -46.47
C ALA A 28 -37.30 7.37 -44.94
N ILE A 29 -38.32 6.79 -44.32
CA ILE A 29 -38.39 6.66 -42.86
C ILE A 29 -38.07 5.22 -42.52
N CYS A 30 -36.98 5.01 -41.78
CA CYS A 30 -36.32 3.72 -41.70
C CYS A 30 -36.36 3.19 -40.27
N VAL A 31 -36.44 1.87 -40.16
CA VAL A 31 -36.49 1.20 -38.86
C VAL A 31 -35.77 -0.14 -38.97
N ALA A 32 -34.86 -0.40 -38.02
CA ALA A 32 -34.20 -1.70 -37.92
C ALA A 32 -34.67 -2.37 -36.64
N THR A 33 -35.26 -3.55 -36.78
CA THR A 33 -35.95 -4.24 -35.70
C THR A 33 -35.36 -5.63 -35.54
N ASN A 34 -35.43 -6.19 -34.35
CA ASN A 34 -35.16 -7.60 -34.24
C ASN A 34 -36.37 -8.38 -34.74
N VAL A 35 -36.11 -9.59 -35.20
CA VAL A 35 -37.23 -10.50 -35.49
C VAL A 35 -37.94 -10.84 -34.19
N PRO A 36 -39.27 -10.74 -34.12
CA PRO A 36 -39.99 -11.09 -32.90
C PRO A 36 -39.76 -12.54 -32.52
N GLU A 37 -40.09 -12.85 -31.27
CA GLU A 37 -39.96 -14.20 -30.77
C GLU A 37 -41.16 -15.04 -31.22
N PHE A 38 -40.88 -16.20 -31.79
CA PHE A 38 -41.90 -17.11 -32.26
C PHE A 38 -41.79 -18.39 -31.45
N TYR A 39 -42.12 -18.31 -30.16
CA TYR A 39 -42.05 -19.47 -29.27
C TYR A 39 -42.77 -19.15 -27.98
N ASN A 40 -43.26 -20.20 -27.33
CA ASN A 40 -44.03 -20.09 -26.09
C ASN A 40 -43.11 -20.14 -24.87
N ALA A 41 -43.71 -19.98 -23.68
CA ALA A 41 -42.93 -19.84 -22.45
C ALA A 41 -42.10 -21.08 -22.15
N ARG A 42 -42.51 -22.25 -22.65
CA ARG A 42 -41.74 -23.47 -22.42
C ARG A 42 -40.66 -23.70 -23.47
N GLY A 43 -40.78 -23.08 -24.64
CA GLY A 43 -39.75 -23.20 -25.66
C GLY A 43 -40.15 -24.04 -26.85
N ASP A 44 -41.33 -23.80 -27.39
CA ASP A 44 -41.80 -24.48 -28.59
C ASP A 44 -41.78 -23.47 -29.75
N LEU A 45 -40.90 -23.72 -30.71
CA LEU A 45 -40.66 -22.81 -31.81
C LEU A 45 -41.81 -22.88 -32.80
N ASN A 46 -42.46 -21.74 -33.03
CA ASN A 46 -43.61 -21.60 -33.93
C ASN A 46 -43.09 -21.42 -35.36
N ILE A 47 -42.78 -22.55 -36.01
CA ILE A 47 -42.25 -22.50 -37.37
C ILE A 47 -43.24 -21.91 -38.35
N ARG A 48 -44.55 -22.13 -38.14
CA ARG A 48 -45.57 -21.67 -39.08
C ARG A 48 -45.60 -20.15 -39.14
N ASP A 49 -45.68 -19.50 -37.98
CA ASP A 49 -45.70 -18.04 -37.94
C ASP A 49 -44.37 -17.44 -38.39
N LEU A 50 -43.24 -18.06 -38.00
CA LEU A 50 -41.92 -17.62 -38.46
C LEU A 50 -41.83 -17.62 -39.98
N ARG A 51 -42.21 -18.73 -40.60
CA ARG A 51 -42.12 -18.82 -42.05
C ARG A 51 -43.09 -17.87 -42.73
N ALA A 52 -44.26 -17.64 -42.12
CA ALA A 52 -45.19 -16.64 -42.66
C ALA A 52 -44.59 -15.24 -42.56
N HIS A 53 -43.93 -14.94 -41.45
CA HIS A 53 -43.22 -13.68 -41.31
C HIS A 53 -42.20 -13.49 -42.42
N VAL A 54 -41.40 -14.52 -42.67
CA VAL A 54 -40.34 -14.43 -43.65
C VAL A 54 -40.93 -14.24 -45.04
N LYS A 55 -41.92 -15.05 -45.40
CA LYS A 55 -42.60 -14.88 -46.69
C LYS A 55 -43.14 -13.46 -46.82
N ALA A 56 -43.76 -12.96 -45.76
CA ALA A 56 -44.36 -11.64 -45.76
C ALA A 56 -43.31 -10.57 -45.99
N ARG A 57 -42.13 -10.73 -45.37
CA ARG A 57 -41.07 -9.76 -45.56
C ARG A 57 -40.47 -9.83 -46.95
N MET A 58 -40.49 -11.00 -47.60
CA MET A 58 -40.05 -11.07 -48.99
C MET A 58 -41.01 -10.36 -49.94
N ILE A 59 -42.30 -10.68 -49.87
CA ILE A 59 -43.26 -10.04 -50.77
C ILE A 59 -43.35 -8.54 -50.52
N SER A 60 -42.97 -8.07 -49.34
CA SER A 60 -43.06 -6.65 -49.05
C SER A 60 -42.08 -5.84 -49.87
N SER A 61 -42.43 -4.57 -50.03
CA SER A 61 -41.62 -3.65 -50.82
C SER A 61 -40.82 -2.69 -49.96
N GLN A 62 -41.32 -2.39 -48.75
CA GLN A 62 -40.58 -1.65 -47.74
C GLN A 62 -39.54 -2.51 -47.02
N PHE A 63 -39.24 -3.70 -47.53
CA PHE A 63 -38.23 -4.56 -46.96
C PHE A 63 -36.93 -4.42 -47.74
N CYS A 64 -35.86 -4.05 -47.03
CA CYS A 64 -34.53 -3.89 -47.60
C CYS A 64 -33.61 -5.06 -47.30
N GLY A 65 -33.73 -5.63 -46.11
CA GLY A 65 -33.03 -6.85 -45.79
C GLY A 65 -32.62 -6.88 -44.34
N TYR A 66 -31.87 -7.92 -43.99
CA TYR A 66 -31.21 -8.03 -42.69
C TYR A 66 -29.89 -7.28 -42.77
N VAL A 67 -29.74 -6.26 -41.95
CA VAL A 67 -28.42 -5.70 -41.71
C VAL A 67 -27.66 -6.66 -40.82
N LEU A 68 -26.45 -7.01 -41.22
CA LEU A 68 -25.61 -7.88 -40.41
C LEU A 68 -24.16 -7.44 -40.53
N VAL A 69 -23.35 -7.87 -39.56
CA VAL A 69 -21.94 -7.55 -39.55
C VAL A 69 -21.24 -8.90 -39.55
N SER A 70 -19.98 -8.92 -39.98
CA SER A 70 -19.13 -10.09 -39.84
C SER A 70 -18.02 -9.80 -38.85
N LEU A 71 -17.96 -10.56 -37.75
CA LEU A 71 -16.91 -10.40 -36.75
C LEU A 71 -15.98 -11.59 -36.74
N LEU A 72 -14.72 -11.33 -36.42
CA LEU A 72 -13.77 -12.41 -36.12
C LEU A 72 -13.70 -12.63 -34.62
N ASP A 73 -13.26 -13.84 -34.24
CA ASP A 73 -13.36 -14.26 -32.83
C ASP A 73 -12.64 -13.31 -31.90
N SER A 74 -11.47 -12.81 -32.29
CA SER A 74 -10.70 -11.96 -31.41
C SER A 74 -11.19 -10.52 -31.40
N GLU A 75 -12.23 -10.18 -32.14
CA GLU A 75 -12.76 -8.83 -32.14
C GLU A 75 -13.99 -8.64 -31.25
N ASP A 76 -14.73 -9.70 -30.93
CA ASP A 76 -16.00 -9.60 -30.20
C ASP A 76 -15.74 -9.77 -28.71
N GLN A 77 -15.72 -8.66 -27.97
CA GLN A 77 -15.49 -8.66 -26.53
C GLN A 77 -16.79 -8.50 -25.74
N VAL A 78 -17.88 -9.10 -26.21
CA VAL A 78 -19.13 -9.21 -25.47
C VAL A 78 -19.83 -7.86 -25.36
N ASP A 79 -19.14 -6.85 -24.83
CA ASP A 79 -19.72 -5.51 -24.79
C ASP A 79 -18.74 -4.41 -25.20
N HIS A 80 -17.72 -4.77 -25.99
CA HIS A 80 -16.78 -3.82 -26.60
C HIS A 80 -16.19 -4.46 -27.83
N LEU A 81 -15.64 -3.64 -28.74
CA LEU A 81 -15.21 -4.12 -30.04
C LEU A 81 -13.75 -3.79 -30.29
N ASN A 82 -12.92 -4.83 -30.41
CA ASN A 82 -11.51 -4.67 -30.80
C ASN A 82 -11.40 -4.67 -32.31
N ILE A 83 -12.02 -3.65 -32.88
CA ILE A 83 -12.03 -3.48 -34.32
C ILE A 83 -11.92 -1.99 -34.58
N PHE A 84 -11.36 -1.62 -35.75
CA PHE A 84 -11.40 -0.18 -36.05
C PHE A 84 -12.68 0.16 -36.79
N PRO A 85 -13.14 1.40 -36.66
CA PRO A 85 -14.42 1.79 -37.28
C PRO A 85 -14.49 1.62 -38.79
N HIS A 86 -13.41 1.91 -39.51
CA HIS A 86 -13.49 1.70 -40.95
C HIS A 86 -13.64 0.22 -41.28
N VAL A 87 -12.85 -0.65 -40.63
CA VAL A 87 -12.98 -2.09 -40.87
C VAL A 87 -14.39 -2.56 -40.55
N PHE A 88 -14.88 -2.20 -39.37
CA PHE A 88 -16.25 -2.50 -39.01
C PHE A 88 -17.21 -2.12 -40.12
N SER A 89 -17.06 -0.92 -40.71
CA SER A 89 -17.98 -0.54 -41.79
C SER A 89 -17.85 -1.48 -42.97
N GLU A 90 -16.62 -1.86 -43.32
CA GLU A 90 -16.48 -2.81 -44.42
C GLU A 90 -17.17 -4.15 -44.12
N ARG A 91 -17.32 -4.49 -42.84
CA ARG A 91 -17.88 -5.80 -42.51
C ARG A 91 -19.42 -5.80 -42.53
N MET A 92 -20.06 -4.65 -42.34
CA MET A 92 -21.53 -4.56 -42.19
C MET A 92 -22.21 -4.45 -43.55
N ILE A 93 -23.12 -5.40 -43.86
CA ILE A 93 -23.80 -5.47 -45.14
C ILE A 93 -25.31 -5.51 -44.95
N LEU A 94 -26.02 -5.19 -46.04
CA LEU A 94 -27.47 -5.22 -46.14
C LEU A 94 -27.87 -6.39 -47.02
N TYR A 95 -28.53 -7.37 -46.42
CA TYR A 95 -28.74 -8.67 -47.04
C TYR A 95 -30.18 -8.77 -47.48
N LYS A 96 -30.40 -9.13 -48.74
CA LYS A 96 -31.73 -9.50 -49.20
C LYS A 96 -31.52 -10.62 -50.21
N PRO A 97 -31.52 -11.86 -49.75
CA PRO A 97 -31.22 -12.97 -50.65
C PRO A 97 -32.45 -13.34 -51.47
N ASN A 98 -32.21 -13.77 -52.71
CA ASN A 98 -33.29 -14.26 -53.57
C ASN A 98 -33.70 -15.69 -53.22
N ASN A 99 -33.71 -16.01 -51.93
CA ASN A 99 -33.93 -17.36 -51.42
C ASN A 99 -34.69 -17.26 -50.11
N VAL A 100 -35.69 -18.13 -49.95
CA VAL A 100 -36.55 -18.08 -48.77
C VAL A 100 -35.85 -18.65 -47.54
N ASN A 101 -35.03 -19.69 -47.72
CA ASN A 101 -34.46 -20.40 -46.59
C ASN A 101 -33.33 -19.62 -45.92
N LEU A 102 -32.48 -18.98 -46.74
CA LEU A 102 -31.46 -18.07 -46.22
C LEU A 102 -32.09 -16.89 -45.49
N MET A 103 -33.16 -16.32 -46.07
CA MET A 103 -33.96 -15.31 -45.41
C MET A 103 -34.41 -15.75 -44.01
N GLU A 104 -34.91 -16.98 -43.89
CA GLU A 104 -35.36 -17.48 -42.60
C GLU A 104 -34.19 -17.79 -41.66
N MET A 105 -33.04 -18.19 -42.22
CA MET A 105 -31.83 -18.35 -41.40
C MET A 105 -31.41 -17.02 -40.78
N CYS A 106 -31.26 -15.97 -41.59
CA CYS A 106 -30.97 -14.65 -41.01
C CYS A 106 -32.01 -14.28 -39.97
N ALA A 107 -33.27 -14.63 -40.21
CA ALA A 107 -34.31 -14.33 -39.22
C ALA A 107 -34.05 -15.06 -37.92
N LEU A 108 -33.63 -16.32 -37.99
CA LEU A 108 -33.36 -17.06 -36.77
C LEU A 108 -32.13 -16.50 -36.07
N LEU A 109 -31.12 -16.07 -36.83
CA LEU A 109 -29.99 -15.36 -36.26
C LEU A 109 -30.43 -14.16 -35.43
N SER A 110 -31.25 -13.30 -36.04
CA SER A 110 -31.86 -12.19 -35.31
C SER A 110 -32.50 -12.68 -34.02
N MET A 111 -33.30 -13.75 -34.12
CA MET A 111 -34.07 -14.21 -32.98
C MET A 111 -33.21 -14.81 -31.88
N ILE A 112 -32.08 -15.42 -32.25
CA ILE A 112 -31.16 -15.93 -31.23
C ILE A 112 -30.48 -14.76 -30.51
N GLU A 113 -29.95 -13.79 -31.27
CA GLU A 113 -29.28 -12.65 -30.64
C GLU A 113 -30.19 -11.94 -29.65
N ASN A 114 -31.46 -11.79 -29.97
CA ASN A 114 -32.36 -10.95 -29.20
C ASN A 114 -33.24 -11.76 -28.27
N ALA A 115 -33.04 -13.08 -28.19
CA ALA A 115 -33.83 -13.88 -27.27
C ALA A 115 -33.51 -13.50 -25.83
N LYS A 116 -34.55 -13.16 -25.07
CA LYS A 116 -34.37 -12.66 -23.71
C LYS A 116 -33.62 -13.65 -22.83
N SER A 117 -34.20 -14.83 -22.60
CA SER A 117 -33.54 -15.88 -21.83
C SER A 117 -34.03 -17.22 -22.33
N PRO A 118 -33.46 -17.72 -23.43
CA PRO A 118 -33.96 -18.96 -24.01
C PRO A 118 -33.60 -20.16 -23.16
N SER A 119 -34.55 -21.08 -23.08
CA SER A 119 -34.30 -22.40 -22.54
C SER A 119 -33.51 -23.22 -23.55
N ILE A 120 -32.75 -24.19 -23.05
CA ILE A 120 -32.03 -25.03 -24.00
C ILE A 120 -33.00 -25.75 -24.93
N GLY A 121 -34.27 -25.88 -24.55
CA GLY A 121 -35.22 -26.51 -25.46
C GLY A 121 -35.44 -25.69 -26.73
N LEU A 122 -35.62 -24.38 -26.55
CA LEU A 122 -35.70 -23.50 -27.71
C LEU A 122 -34.41 -23.54 -28.52
N CYS A 123 -33.27 -23.66 -27.84
CA CYS A 123 -32.01 -23.73 -28.56
C CYS A 123 -31.93 -24.98 -29.43
N ARG A 124 -32.22 -26.16 -28.86
CA ARG A 124 -32.12 -27.38 -29.65
CA ARG A 124 -32.14 -27.40 -29.62
C ARG A 124 -33.11 -27.38 -30.80
N GLU A 125 -34.32 -26.84 -30.57
CA GLU A 125 -35.29 -26.69 -31.66
C GLU A 125 -34.78 -25.77 -32.74
N VAL A 126 -34.13 -24.67 -32.35
CA VAL A 126 -33.62 -23.66 -33.28
C VAL A 126 -32.49 -24.24 -34.13
N LEU A 127 -31.52 -24.88 -33.49
CA LEU A 127 -30.50 -25.59 -34.25
C LEU A 127 -31.12 -26.61 -35.17
N GLY A 128 -32.16 -27.31 -34.71
CA GLY A 128 -32.79 -28.31 -35.55
C GLY A 128 -33.41 -27.72 -36.80
N ARG A 129 -34.22 -26.66 -36.62
CA ARG A 129 -34.78 -25.95 -37.76
C ARG A 129 -33.68 -25.44 -38.68
N LEU A 130 -32.57 -24.96 -38.09
CA LEU A 130 -31.46 -24.43 -38.87
C LEU A 130 -30.83 -25.50 -39.76
N THR A 131 -30.45 -26.63 -39.18
CA THR A 131 -29.89 -27.70 -40.00
C THR A 131 -30.86 -28.12 -41.07
N LEU A 132 -32.16 -28.07 -40.76
CA LEU A 132 -33.16 -28.42 -41.76
C LEU A 132 -33.17 -27.42 -42.90
N LEU A 133 -33.04 -26.12 -42.60
CA LEU A 133 -32.96 -25.10 -43.64
C LEU A 133 -31.68 -25.21 -44.44
N HIS A 134 -30.55 -25.44 -43.77
CA HIS A 134 -29.25 -25.54 -44.43
C HIS A 134 -29.13 -26.78 -45.31
N SER A 135 -29.82 -27.87 -44.95
CA SER A 135 -29.89 -28.99 -45.87
C SER A 135 -30.67 -28.65 -47.13
N LYS A 136 -31.55 -27.65 -47.07
CA LYS A 136 -32.33 -27.24 -48.22
C LYS A 136 -31.55 -26.30 -49.15
N CYS A 137 -30.42 -25.75 -48.71
CA CYS A 137 -29.69 -24.75 -49.48
C CYS A 137 -28.19 -25.02 -49.36
N ASN A 138 -27.63 -25.69 -50.35
CA ASN A 138 -26.18 -25.77 -50.42
C ASN A 138 -25.67 -24.48 -51.03
N ASN A 139 -24.83 -23.78 -50.29
CA ASN A 139 -24.51 -22.39 -50.58
C ASN A 139 -23.42 -21.97 -49.61
N LEU A 140 -22.52 -21.08 -50.03
CA LEU A 140 -21.61 -20.56 -49.02
C LEU A 140 -22.36 -19.73 -48.00
N ASP A 141 -23.44 -19.07 -48.42
CA ASP A 141 -24.23 -18.28 -47.49
C ASP A 141 -24.95 -19.16 -46.47
N SER A 142 -25.36 -20.37 -46.86
CA SER A 142 -26.03 -21.18 -45.86
C SER A 142 -25.02 -21.82 -44.92
N LEU A 143 -23.88 -22.27 -45.44
CA LEU A 143 -22.83 -22.77 -44.54
C LEU A 143 -22.42 -21.70 -43.55
N PHE A 144 -22.35 -20.45 -44.02
CA PHE A 144 -21.97 -19.32 -43.17
C PHE A 144 -23.03 -19.03 -42.11
N LEU A 145 -24.25 -18.73 -42.55
CA LEU A 145 -25.38 -18.52 -41.64
C LEU A 145 -25.52 -19.65 -40.61
N TYR A 146 -25.27 -20.89 -41.02
CA TYR A 146 -25.45 -22.04 -40.13
C TYR A 146 -24.35 -22.11 -39.09
N ASN A 147 -23.09 -22.20 -39.53
CA ASN A 147 -22.00 -22.22 -38.58
C ASN A 147 -22.16 -21.10 -37.55
N GLY A 148 -22.31 -19.87 -38.02
CA GLY A 148 -22.39 -18.75 -37.10
C GLY A 148 -23.60 -18.77 -36.20
N ALA A 149 -24.73 -19.28 -36.70
CA ALA A 149 -25.94 -19.33 -35.85
C ALA A 149 -25.79 -20.38 -34.76
N ARG A 150 -25.27 -21.55 -35.11
CA ARG A 150 -24.91 -22.56 -34.12
C ARG A 150 -23.92 -21.99 -33.11
N THR A 151 -22.99 -21.16 -33.57
CA THR A 151 -21.98 -20.55 -32.70
C THR A 151 -22.61 -19.58 -31.70
N LEU A 152 -23.53 -18.74 -32.18
CA LEU A 152 -24.28 -17.87 -31.27
C LEU A 152 -25.08 -18.70 -30.26
N LEU A 153 -25.74 -19.76 -30.74
CA LEU A 153 -26.45 -20.68 -29.85
C LEU A 153 -25.53 -21.23 -28.77
N SER A 154 -24.41 -21.82 -29.18
CA SER A 154 -23.47 -22.41 -28.25
C SER A 154 -22.96 -21.38 -27.24
N THR A 155 -22.55 -20.21 -27.73
CA THR A 155 -22.19 -19.14 -26.82
C THR A 155 -23.26 -18.99 -25.75
N LEU A 156 -24.54 -18.90 -26.16
CA LEU A 156 -25.59 -18.69 -25.17
C LEU A 156 -25.67 -19.83 -24.16
N VAL A 157 -25.58 -21.09 -24.60
CA VAL A 157 -25.65 -22.18 -23.64
C VAL A 157 -24.43 -22.16 -22.71
N LYS A 158 -23.22 -22.26 -23.28
CA LYS A 158 -22.02 -22.37 -22.46
C LYS A 158 -21.94 -21.23 -21.45
N TYR A 159 -22.40 -20.03 -21.82
CA TYR A 159 -22.32 -18.92 -20.88
C TYR A 159 -23.39 -19.02 -19.80
N HIS A 160 -24.59 -19.47 -20.14
CA HIS A 160 -25.67 -19.46 -19.16
C HIS A 160 -25.88 -20.79 -18.45
N ASP A 161 -25.05 -21.79 -18.74
CA ASP A 161 -25.14 -23.11 -18.13
C ASP A 161 -26.50 -23.75 -18.43
N LEU A 162 -26.83 -23.81 -19.72
CA LEU A 162 -28.09 -24.40 -20.11
C LEU A 162 -27.98 -25.89 -20.33
N GLU A 163 -26.77 -26.40 -20.52
CA GLU A 163 -26.50 -27.82 -20.70
C GLU A 163 -26.34 -28.56 -19.37
N GLU A 164 -26.65 -27.91 -18.25
CA GLU A 164 -26.41 -28.49 -16.93
C GLU A 164 -27.36 -27.93 -15.88
N ALA A 166 -27.65 -32.43 -17.21
CA ALA A 166 -27.05 -33.29 -18.23
C ALA A 166 -25.53 -33.37 -18.06
N ALA A 167 -24.91 -34.31 -18.77
CA ALA A 167 -23.47 -34.48 -18.73
C ALA A 167 -22.90 -34.75 -20.12
N THR A 168 -23.49 -35.71 -20.83
CA THR A 168 -23.01 -36.06 -22.16
C THR A 168 -23.11 -34.86 -23.09
N PRO A 169 -22.09 -34.62 -23.92
CA PRO A 169 -22.09 -33.41 -24.75
C PRO A 169 -23.27 -33.40 -25.72
N GLY A 170 -23.80 -32.21 -25.93
CA GLY A 170 -24.71 -31.95 -27.01
C GLY A 170 -23.93 -31.53 -28.23
N PRO A 171 -24.62 -31.13 -29.27
CA PRO A 171 -23.93 -30.79 -30.51
C PRO A 171 -23.51 -29.33 -30.61
N TRP A 172 -23.21 -28.67 -29.48
CA TRP A 172 -22.71 -27.31 -29.52
C TRP A 172 -21.18 -27.29 -29.59
N ASN A 173 -20.64 -26.10 -29.81
CA ASN A 173 -19.21 -25.87 -29.83
C ASN A 173 -18.86 -24.81 -28.79
N GLU A 174 -17.62 -24.35 -28.81
CA GLU A 174 -17.15 -23.51 -27.72
C GLU A 174 -17.77 -22.12 -27.70
N GLY A 175 -18.34 -21.69 -28.82
CA GLY A 175 -18.91 -20.36 -28.88
C GLY A 175 -17.84 -19.31 -29.13
N LEU A 176 -18.26 -18.06 -28.99
CA LEU A 176 -17.33 -16.96 -29.21
C LEU A 176 -16.30 -16.91 -28.07
N SER A 177 -15.02 -16.99 -28.44
CA SER A 177 -13.97 -17.33 -27.48
C SER A 177 -13.92 -16.33 -26.35
N LEU A 178 -13.78 -15.06 -26.69
CA LEU A 178 -13.73 -14.05 -25.65
C LEU A 178 -14.98 -14.04 -24.75
N PHE A 179 -16.05 -14.77 -25.09
CA PHE A 179 -17.13 -14.85 -24.12
C PHE A 179 -16.72 -15.72 -22.95
N LYS A 180 -15.88 -16.74 -23.19
CA LYS A 180 -15.31 -17.54 -22.11
C LYS A 180 -14.42 -16.72 -21.21
N LEU A 181 -13.60 -15.83 -21.79
CA LEU A 181 -12.79 -14.91 -20.99
C LEU A 181 -13.66 -13.97 -20.19
N HIS A 182 -14.67 -13.38 -20.83
CA HIS A 182 -15.61 -12.49 -20.15
C HIS A 182 -16.23 -13.16 -18.94
N LYS A 183 -16.67 -14.41 -19.09
CA LYS A 183 -17.28 -15.14 -17.97
C LYS A 183 -16.25 -15.44 -16.89
N GLU A 184 -15.05 -15.81 -17.30
CA GLU A 184 -14.04 -16.24 -16.33
C GLU A 184 -13.56 -15.08 -15.47
N LEU A 185 -13.52 -13.85 -16.01
CA LEU A 185 -12.99 -12.74 -15.21
C LEU A 185 -14.03 -12.17 -14.27
N LYS A 186 -15.31 -12.47 -14.50
CA LYS A 186 -16.32 -12.05 -13.53
C LYS A 186 -16.23 -12.88 -12.26
N ARG A 187 -15.57 -14.04 -12.34
CA ARG A 187 -15.43 -14.96 -11.23
C ARG A 187 -14.35 -14.54 -10.24
N ALA A 188 -13.37 -13.76 -10.70
CA ALA A 188 -12.13 -13.52 -10.00
C ALA A 188 -12.29 -12.48 -8.89
N PRO A 189 -11.40 -12.49 -7.90
CA PRO A 189 -11.46 -11.50 -6.82
C PRO A 189 -11.68 -10.10 -7.36
N SER A 190 -12.67 -9.43 -6.77
CA SER A 190 -13.13 -8.10 -7.19
C SER A 190 -11.95 -7.17 -7.48
N GLU A 191 -10.88 -7.34 -6.72
CA GLU A 191 -9.69 -6.53 -6.91
C GLU A 191 -9.13 -6.70 -8.32
N ALA A 192 -8.87 -7.95 -8.72
CA ALA A 192 -8.20 -8.25 -9.98
C ALA A 192 -9.16 -8.22 -11.15
N ARG A 193 -10.40 -8.64 -10.92
CA ARG A 193 -11.42 -8.64 -11.98
C ARG A 193 -11.48 -7.29 -12.69
N ASP A 194 -11.55 -6.20 -11.92
CA ASP A 194 -11.70 -4.87 -12.52
C ASP A 194 -10.55 -4.54 -13.49
N LEU A 195 -9.31 -4.68 -13.01
CA LEU A 195 -8.16 -4.45 -13.88
C LEU A 195 -8.18 -5.34 -15.11
N MET A 196 -8.33 -6.65 -14.92
CA MET A 196 -8.23 -7.58 -16.05
C MET A 196 -9.31 -7.33 -17.11
N GLN A 197 -10.52 -6.94 -16.68
CA GLN A 197 -11.54 -6.50 -17.61
C GLN A 197 -11.09 -5.23 -18.36
N SER A 198 -10.46 -4.29 -17.64
CA SER A 198 -9.95 -3.08 -18.28
C SER A 198 -8.84 -3.36 -19.27
N LEU A 199 -8.12 -4.46 -19.09
CA LEU A 199 -6.93 -4.73 -19.90
C LEU A 199 -7.18 -5.65 -21.09
N PHE A 200 -8.21 -6.52 -21.03
CA PHE A 200 -8.40 -7.51 -22.09
C PHE A 200 -9.72 -7.41 -22.85
N LEU A 201 -10.78 -6.85 -22.27
CA LEU A 201 -12.10 -6.81 -22.90
C LEU A 201 -12.74 -5.42 -22.80
N THR A 202 -11.94 -4.38 -23.07
CA THR A 202 -12.47 -3.02 -23.14
C THR A 202 -11.66 -2.26 -24.20
N SER A 203 -11.89 -2.60 -25.46
CA SER A 203 -11.06 -2.04 -26.51
C SER A 203 -11.55 -0.64 -26.85
N GLY A 204 -10.71 0.37 -26.62
CA GLY A 204 -11.16 1.73 -26.87
C GLY A 204 -11.50 2.02 -28.32
N LYS A 205 -11.04 1.17 -29.25
CA LYS A 205 -10.96 1.54 -30.67
C LYS A 205 -12.31 1.97 -31.26
N MET A 206 -13.40 1.42 -30.78
CA MET A 206 -14.71 1.78 -31.29
C MET A 206 -15.38 2.88 -30.49
N GLY A 207 -14.70 3.36 -29.46
CA GLY A 207 -15.15 4.51 -28.76
C GLY A 207 -16.25 4.22 -27.77
N CYS A 208 -16.81 5.31 -27.26
CA CYS A 208 -17.72 5.28 -26.13
C CYS A 208 -18.97 4.47 -26.41
N LEU A 209 -19.71 4.22 -25.33
CA LEU A 209 -21.05 3.67 -25.35
C LEU A 209 -22.04 4.76 -24.96
N ALA A 210 -23.17 4.82 -25.66
CA ALA A 210 -24.25 5.72 -25.26
C ALA A 210 -25.10 5.07 -24.17
N ARG A 211 -25.71 5.92 -23.34
CA ARG A 211 -26.48 5.42 -22.20
C ARG A 211 -27.64 4.55 -22.64
N SER A 212 -28.37 4.97 -23.68
CA SER A 212 -29.57 4.26 -24.12
C SER A 212 -29.75 4.52 -25.61
N PRO A 213 -29.36 3.55 -26.46
CA PRO A 213 -29.26 3.79 -27.90
C PRO A 213 -30.39 4.62 -28.49
N LYS A 214 -31.64 4.30 -28.10
CA LYS A 214 -32.82 4.93 -28.70
C LYS A 214 -32.73 6.47 -28.64
N ASP A 215 -32.32 7.02 -27.49
CA ASP A 215 -32.12 8.46 -27.40
C ASP A 215 -31.00 8.94 -28.31
N TYR A 216 -29.89 8.18 -28.36
CA TYR A 216 -28.77 8.55 -29.21
C TYR A 216 -29.18 8.58 -30.68
N CYS A 217 -30.13 7.74 -31.08
CA CYS A 217 -30.65 7.79 -32.44
C CYS A 217 -31.66 8.91 -32.64
N ALA A 218 -32.36 9.30 -31.57
CA ALA A 218 -33.30 10.41 -31.69
C ALA A 218 -32.58 11.73 -31.94
N ASP A 219 -31.50 12.00 -31.20
CA ASP A 219 -30.76 13.21 -31.56
C ASP A 219 -29.82 12.98 -32.74
N LEU A 220 -29.46 11.72 -33.02
CA LEU A 220 -28.83 11.41 -34.29
C LEU A 220 -29.74 11.77 -35.44
N ASN A 221 -31.06 11.78 -35.19
CA ASN A 221 -32.03 12.29 -36.15
C ASN A 221 -32.12 13.81 -36.12
N LYS A 222 -32.12 14.41 -34.93
CA LYS A 222 -32.19 15.87 -34.85
C LYS A 222 -31.04 16.53 -35.62
N GLU A 223 -29.83 15.94 -35.61
CA GLU A 223 -28.69 16.61 -36.24
C GLU A 223 -28.79 16.60 -37.76
N GLU A 224 -29.20 15.48 -38.34
CA GLU A 224 -29.24 15.30 -39.80
C GLU A 224 -30.68 15.09 -40.23
N ASP A 225 -31.47 16.18 -40.25
CA ASP A 225 -32.85 16.06 -40.68
C ASP A 225 -33.35 17.28 -41.45
N ALA A 226 -32.50 18.27 -41.74
CA ALA A 226 -32.94 19.37 -42.61
C ALA A 226 -32.85 18.95 -44.07
N ASN A 227 -31.65 18.57 -44.51
CA ASN A 227 -31.47 18.12 -45.89
C ASN A 227 -32.14 16.78 -46.14
N SER A 228 -32.16 15.90 -45.14
CA SER A 228 -32.66 14.53 -45.29
C SER A 228 -33.94 14.36 -44.48
N GLY A 229 -35.01 13.95 -45.15
CA GLY A 229 -36.16 13.44 -44.43
C GLY A 229 -35.94 12.08 -43.81
N PHE A 230 -34.76 11.51 -44.02
CA PHE A 230 -34.40 10.20 -43.48
C PHE A 230 -34.55 10.23 -41.96
N THR A 231 -35.11 9.16 -41.41
CA THR A 231 -35.27 9.04 -39.96
C THR A 231 -35.07 7.58 -39.57
N PHE A 232 -33.94 7.26 -38.95
CA PHE A 232 -33.63 5.90 -38.56
C PHE A 232 -34.02 5.67 -37.11
N ASN A 233 -34.74 4.57 -36.86
CA ASN A 233 -35.06 4.14 -35.51
C ASN A 233 -34.62 2.69 -35.33
N LEU A 234 -34.37 2.31 -34.08
CA LEU A 234 -33.75 1.03 -33.76
C LEU A 234 -34.56 0.35 -32.67
N PHE A 235 -34.88 -0.92 -32.88
CA PHE A 235 -35.60 -1.73 -31.91
C PHE A 235 -34.87 -3.05 -31.79
N TYR A 236 -34.39 -3.33 -30.58
CA TYR A 236 -33.67 -4.56 -30.29
C TYR A 236 -33.96 -4.90 -28.84
N GLN A 237 -33.95 -6.21 -28.56
CA GLN A 237 -34.11 -6.69 -27.20
C GLN A 237 -32.75 -6.81 -26.54
N ASP A 238 -32.61 -6.21 -25.36
CA ASP A 238 -31.32 -6.21 -24.68
C ASP A 238 -30.93 -7.63 -24.30
N SER A 239 -29.65 -7.94 -24.43
CA SER A 239 -29.24 -9.33 -24.38
C SER A 239 -27.72 -9.40 -24.38
N LEU A 240 -27.20 -10.50 -23.81
CA LEU A 240 -25.77 -10.78 -23.85
C LEU A 240 -25.21 -10.72 -25.27
N LEU A 241 -26.04 -10.90 -26.30
CA LEU A 241 -25.58 -10.86 -27.69
C LEU A 241 -25.87 -9.56 -28.43
N THR A 242 -26.51 -8.58 -27.77
CA THR A 242 -26.80 -7.30 -28.43
C THR A 242 -26.14 -6.12 -27.72
N LYS A 243 -25.16 -6.36 -26.85
CA LYS A 243 -24.52 -5.28 -26.08
C LYS A 243 -23.84 -4.24 -26.99
N HIS A 244 -23.43 -4.65 -28.20
CA HIS A 244 -22.82 -3.73 -29.15
C HIS A 244 -23.79 -2.73 -29.74
N PHE A 245 -25.12 -2.88 -29.53
CA PHE A 245 -26.01 -1.78 -29.90
C PHE A 245 -25.88 -0.60 -28.95
N GLN A 246 -25.08 -0.74 -27.87
CA GLN A 246 -24.83 0.42 -27.04
C GLN A 246 -23.74 1.30 -27.61
N CYS A 247 -22.87 0.75 -28.46
CA CYS A 247 -21.72 1.50 -28.94
C CYS A 247 -22.16 2.54 -29.97
N GLN A 248 -21.79 3.79 -29.72
CA GLN A 248 -22.21 4.91 -30.56
C GLN A 248 -21.69 4.79 -32.00
N THR A 249 -20.41 4.45 -32.18
CA THR A 249 -19.90 4.24 -33.53
C THR A 249 -20.68 3.13 -34.21
N VAL A 250 -21.03 2.08 -33.46
CA VAL A 250 -21.90 1.06 -34.03
C VAL A 250 -23.16 1.73 -34.55
N LEU A 251 -23.91 2.39 -33.67
CA LEU A 251 -25.16 2.98 -34.10
C LEU A 251 -24.98 3.90 -35.31
N GLN A 252 -23.90 4.69 -35.35
CA GLN A 252 -23.68 5.56 -36.49
C GLN A 252 -23.53 4.75 -37.77
N THR A 253 -22.61 3.78 -37.77
CA THR A 253 -22.43 2.90 -38.92
C THR A 253 -23.73 2.20 -39.30
N LEU A 254 -24.52 1.79 -38.30
CA LEU A 254 -25.77 1.08 -38.56
C LEU A 254 -26.77 1.98 -39.29
N ARG A 255 -27.02 3.17 -38.76
CA ARG A 255 -27.88 4.13 -39.45
C ARG A 255 -27.40 4.40 -40.87
N ARG A 256 -26.09 4.58 -41.04
CA ARG A 256 -25.57 4.84 -42.37
C ARG A 256 -25.87 3.67 -43.31
N LYS A 257 -25.60 2.45 -42.86
CA LYS A 257 -25.78 1.31 -43.74
C LYS A 257 -27.26 1.07 -44.05
N CYS A 258 -28.12 1.23 -43.05
CA CYS A 258 -29.55 1.01 -43.25
C CYS A 258 -30.15 2.07 -44.18
N LEU A 259 -29.63 3.30 -44.16
CA LEU A 259 -30.28 4.37 -44.89
C LEU A 259 -29.88 4.43 -46.35
N GLY A 260 -28.68 3.97 -46.69
CA GLY A 260 -28.29 4.06 -48.08
C GLY A 260 -27.57 2.83 -48.55
N SER A 261 -26.29 3.00 -48.88
CA SER A 261 -25.43 1.91 -49.33
C SER A 261 -26.13 1.11 -50.43
N ASP A 262 -26.05 -0.21 -50.34
CA ASP A 262 -26.66 -1.10 -51.31
C ASP A 262 -27.20 -2.31 -50.59
N THR A 263 -27.73 -3.25 -51.36
CA THR A 263 -28.08 -4.58 -50.89
C THR A 263 -27.28 -5.61 -51.67
N VAL A 264 -27.18 -6.81 -51.10
CA VAL A 264 -26.54 -7.92 -51.78
C VAL A 264 -27.49 -9.11 -51.73
N SER A 265 -27.60 -9.81 -52.85
CA SER A 265 -28.38 -11.04 -52.88
C SER A 265 -27.59 -12.23 -52.36
N LYS A 266 -26.27 -12.12 -52.34
CA LYS A 266 -25.37 -13.17 -51.90
C LYS A 266 -24.27 -12.55 -51.06
N ILE A 267 -24.10 -13.07 -49.84
CA ILE A 267 -23.00 -12.66 -48.97
C ILE A 267 -21.67 -13.07 -49.58
N ILE A 268 -21.53 -14.36 -49.85
CA ILE A 268 -20.30 -14.97 -50.33
C ILE A 268 -20.54 -15.53 -51.74
N PRO A 269 -20.57 -14.68 -52.78
CA PRO A 269 -20.94 -15.10 -54.14
C PRO A 269 -19.89 -15.99 -54.77
N VAL B 11 26.83 -33.49 0.81
CA VAL B 11 25.45 -33.03 0.98
C VAL B 11 24.65 -33.38 -0.27
N SER B 12 25.37 -33.64 -1.35
CA SER B 12 24.71 -34.05 -2.59
C SER B 12 23.94 -35.34 -2.40
N LEU B 13 24.44 -36.22 -1.53
CA LEU B 13 23.86 -37.56 -1.35
C LEU B 13 24.22 -38.11 0.04
N ARG B 14 24.17 -37.26 1.05
CA ARG B 14 24.33 -37.71 2.41
C ARG B 14 23.01 -38.22 2.94
N VAL B 15 23.07 -39.24 3.79
CA VAL B 15 21.91 -39.81 4.47
C VAL B 15 22.21 -39.82 5.97
N THR B 16 21.29 -39.31 6.77
CA THR B 16 21.61 -38.97 8.15
C THR B 16 20.64 -39.59 9.15
N PRO B 17 21.11 -40.44 10.06
CA PRO B 17 20.23 -41.02 11.08
C PRO B 17 19.72 -39.91 12.00
N ARG B 18 18.41 -39.72 12.03
CA ARG B 18 17.83 -38.68 12.85
C ARG B 18 16.78 -39.28 13.79
N LEU B 19 16.49 -38.53 14.84
CA LEU B 19 15.56 -38.91 15.92
C LEU B 19 15.93 -40.25 16.55
N VAL B 20 17.09 -40.32 17.20
CA VAL B 20 17.53 -41.58 17.78
C VAL B 20 17.10 -41.64 19.23
N LEU B 21 16.27 -42.62 19.57
CA LEU B 21 16.00 -42.82 20.99
C LEU B 21 15.77 -44.31 21.23
N GLU B 22 15.90 -44.73 22.50
CA GLU B 22 15.96 -46.16 22.84
C GLU B 22 14.60 -46.69 23.27
N VAL B 23 14.31 -47.90 22.83
CA VAL B 23 13.05 -48.59 23.08
C VAL B 23 13.29 -49.72 24.06
N ASN B 24 12.40 -49.85 25.03
CA ASN B 24 12.47 -50.92 26.01
C ASN B 24 11.05 -51.35 26.33
N ARG B 25 10.79 -52.65 26.32
CA ARG B 25 9.45 -53.17 26.54
C ARG B 25 9.45 -54.01 27.81
N HIS B 26 8.73 -53.55 28.83
CA HIS B 26 8.58 -54.28 30.08
C HIS B 26 7.12 -54.67 30.26
N ASN B 27 6.88 -55.96 30.44
CA ASN B 27 5.55 -56.54 30.36
C ASN B 27 4.85 -56.03 29.09
N ALA B 28 3.88 -55.15 29.29
CA ALA B 28 3.16 -54.58 28.17
C ALA B 28 3.61 -53.18 27.80
N ILE B 29 4.08 -52.39 28.78
CA ILE B 29 4.47 -51.01 28.51
C ILE B 29 5.74 -50.98 27.66
N CYS B 30 5.68 -50.25 26.56
CA CYS B 30 6.82 -49.98 25.71
C CYS B 30 7.18 -48.51 25.91
N VAL B 31 8.43 -48.24 26.29
CA VAL B 31 8.87 -46.88 26.56
C VAL B 31 10.03 -46.57 25.62
N ALA B 32 10.03 -45.36 25.06
CA ALA B 32 11.10 -44.90 24.20
C ALA B 32 11.64 -43.60 24.80
N THR B 33 12.83 -43.68 25.37
CA THR B 33 13.46 -42.60 26.12
C THR B 33 14.71 -42.14 25.39
N ASN B 34 15.06 -40.87 25.61
CA ASN B 34 16.37 -40.39 25.21
C ASN B 34 17.44 -41.05 26.07
N VAL B 35 18.62 -41.23 25.49
CA VAL B 35 19.70 -41.77 26.31
C VAL B 35 19.93 -40.83 27.49
N PRO B 36 20.27 -41.32 28.69
CA PRO B 36 20.38 -40.44 29.85
C PRO B 36 21.47 -39.39 29.66
N GLU B 37 21.49 -38.47 30.62
CA GLU B 37 22.35 -37.28 30.53
C GLU B 37 23.66 -37.60 31.26
N PHE B 38 24.64 -38.10 30.49
CA PHE B 38 25.90 -38.61 31.04
C PHE B 38 27.02 -37.58 30.88
N TYR B 39 26.90 -36.50 31.65
CA TYR B 39 27.92 -35.46 31.64
C TYR B 39 27.77 -34.57 32.86
N ASN B 40 28.71 -33.63 33.00
CA ASN B 40 28.79 -32.65 34.08
C ASN B 40 28.21 -31.31 33.66
N ALA B 41 27.89 -30.49 34.67
CA ALA B 41 27.55 -29.09 34.39
C ALA B 41 28.70 -28.37 33.73
N ARG B 42 29.95 -28.75 34.04
CA ARG B 42 31.14 -28.19 33.42
C ARG B 42 31.49 -28.87 32.10
N GLY B 43 30.63 -29.76 31.60
CA GLY B 43 30.87 -30.45 30.35
C GLY B 43 31.61 -31.76 30.48
N ASP B 44 32.29 -32.00 31.60
CA ASP B 44 32.96 -33.28 31.82
C ASP B 44 31.95 -34.41 31.70
N LEU B 45 32.42 -35.57 31.23
CA LEU B 45 31.53 -36.70 30.93
C LEU B 45 31.92 -37.91 31.75
N ASN B 46 30.93 -38.48 32.45
CA ASN B 46 31.15 -39.66 33.30
C ASN B 46 30.90 -40.94 32.50
N ILE B 47 31.83 -41.21 31.58
CA ILE B 47 31.76 -42.37 30.69
C ILE B 47 31.49 -43.67 31.45
N ARG B 48 31.96 -43.75 32.69
CA ARG B 48 31.70 -44.91 33.53
C ARG B 48 30.21 -45.22 33.59
N ASP B 49 29.41 -44.18 33.82
CA ASP B 49 27.96 -44.33 33.77
C ASP B 49 27.50 -44.82 32.39
N LEU B 50 28.12 -44.32 31.32
CA LEU B 50 27.66 -44.60 29.96
C LEU B 50 27.83 -46.06 29.60
N ARG B 51 28.98 -46.64 29.92
CA ARG B 51 29.13 -48.08 29.69
C ARG B 51 28.28 -48.90 30.64
N ALA B 52 28.17 -48.48 31.91
CA ALA B 52 27.29 -49.21 32.83
C ALA B 52 25.89 -49.35 32.26
N HIS B 53 25.38 -48.26 31.68
CA HIS B 53 24.02 -48.24 31.13
C HIS B 53 23.92 -49.03 29.83
N VAL B 54 24.85 -48.83 28.89
CA VAL B 54 24.76 -49.50 27.60
C VAL B 54 24.91 -51.02 27.76
N LYS B 55 25.91 -51.44 28.53
CA LYS B 55 26.05 -52.87 28.81
C LYS B 55 24.83 -53.38 29.55
N ALA B 56 24.31 -52.59 30.51
CA ALA B 56 23.05 -52.94 31.15
C ALA B 56 21.93 -53.16 30.13
N ARG B 57 22.01 -52.51 28.96
CA ARG B 57 21.06 -52.79 27.89
C ARG B 57 21.39 -54.06 27.15
N MET B 58 22.68 -54.41 27.04
CA MET B 58 23.00 -55.73 26.52
C MET B 58 22.35 -56.81 27.39
N ILE B 59 22.44 -56.63 28.71
CA ILE B 59 21.96 -57.63 29.66
C ILE B 59 20.45 -57.79 29.55
N SER B 60 19.73 -56.69 29.73
CA SER B 60 18.28 -56.74 29.92
C SER B 60 17.60 -57.34 28.70
N SER B 61 16.68 -58.26 28.96
CA SER B 61 15.85 -58.81 27.90
C SER B 61 14.74 -57.87 27.48
N GLN B 62 14.54 -56.76 28.20
CA GLN B 62 13.45 -55.83 27.92
C GLN B 62 13.90 -54.67 27.05
N PHE B 63 14.87 -54.90 26.17
CA PHE B 63 15.44 -53.86 25.31
C PHE B 63 15.27 -54.29 23.86
N CYS B 64 14.52 -53.51 23.09
CA CYS B 64 14.25 -53.85 21.70
C CYS B 64 15.18 -53.15 20.72
N GLY B 65 15.88 -52.11 21.12
CA GLY B 65 16.85 -51.49 20.25
C GLY B 65 16.73 -50.00 20.28
N TYR B 66 17.34 -49.35 19.30
CA TYR B 66 17.26 -47.92 19.07
C TYR B 66 16.39 -47.67 17.85
N VAL B 67 15.38 -46.87 18.02
CA VAL B 67 14.57 -46.50 16.89
C VAL B 67 15.14 -45.19 16.34
N LEU B 68 15.11 -45.09 15.01
CA LEU B 68 15.72 -43.98 14.29
C LEU B 68 15.20 -43.97 12.88
N VAL B 69 15.27 -42.80 12.24
CA VAL B 69 14.77 -42.64 10.88
C VAL B 69 15.81 -41.89 10.05
N SER B 70 16.19 -42.45 8.90
CA SER B 70 17.23 -41.85 8.09
C SER B 70 16.61 -40.75 7.21
N LEU B 71 17.23 -39.57 7.18
CA LEU B 71 16.69 -38.43 6.45
C LEU B 71 17.72 -37.78 5.53
N LEU B 72 17.21 -37.16 4.49
CA LEU B 72 18.02 -36.41 3.54
C LEU B 72 18.08 -34.93 3.92
N ASP B 73 19.10 -34.25 3.41
CA ASP B 73 19.28 -32.84 3.75
C ASP B 73 18.03 -32.04 3.47
N SER B 74 17.48 -32.17 2.25
CA SER B 74 16.32 -31.41 1.82
C SER B 74 15.05 -31.81 2.56
N GLU B 75 15.02 -32.96 3.22
CA GLU B 75 13.81 -33.38 3.91
C GLU B 75 13.65 -32.78 5.31
N ASP B 76 14.75 -32.34 5.93
CA ASP B 76 14.76 -31.86 7.31
C ASP B 76 14.75 -30.33 7.29
N GLN B 77 13.57 -29.73 7.52
CA GLN B 77 13.42 -28.28 7.57
C GLN B 77 13.39 -27.76 9.01
N VAL B 78 14.01 -28.50 9.94
CA VAL B 78 14.23 -28.15 11.34
C VAL B 78 12.98 -28.38 12.17
N ASP B 79 11.91 -27.61 11.90
CA ASP B 79 10.66 -27.77 12.63
C ASP B 79 9.62 -28.58 11.86
N HIS B 80 9.82 -28.81 10.57
CA HIS B 80 8.86 -29.55 9.76
C HIS B 80 9.61 -30.47 8.82
N LEU B 81 8.97 -31.55 8.42
CA LEU B 81 9.60 -32.53 7.55
C LEU B 81 8.98 -32.45 6.17
N ASN B 82 9.83 -32.34 5.15
CA ASN B 82 9.40 -32.28 3.75
C ASN B 82 9.66 -33.65 3.15
N ILE B 83 8.71 -34.53 3.41
CA ILE B 83 8.82 -35.93 3.07
C ILE B 83 7.39 -36.42 3.00
N PHE B 84 7.18 -37.55 2.41
CA PHE B 84 5.81 -37.99 2.55
C PHE B 84 5.70 -38.97 3.69
N PRO B 85 4.50 -39.15 4.26
CA PRO B 85 4.36 -40.10 5.37
C PRO B 85 4.73 -41.52 4.98
N HIS B 86 4.24 -42.02 3.85
CA HIS B 86 4.57 -43.37 3.47
C HIS B 86 6.05 -43.53 3.18
N VAL B 87 6.81 -42.44 3.08
CA VAL B 87 8.26 -42.53 2.97
C VAL B 87 8.91 -42.45 4.34
N PHE B 88 8.37 -41.58 5.19
CA PHE B 88 8.95 -41.42 6.52
C PHE B 88 8.91 -42.73 7.27
N SER B 89 7.80 -43.46 7.19
CA SER B 89 7.74 -44.73 7.90
C SER B 89 8.81 -45.69 7.42
N GLU B 90 9.04 -45.75 6.10
CA GLU B 90 10.01 -46.69 5.54
C GLU B 90 11.44 -46.29 5.83
N ARG B 91 11.70 -45.01 6.07
CA ARG B 91 13.05 -44.64 6.48
C ARG B 91 13.34 -45.02 7.93
N MET B 92 12.28 -45.10 8.75
CA MET B 92 12.40 -45.43 10.16
C MET B 92 12.56 -46.93 10.37
N ILE B 93 13.40 -47.28 11.34
CA ILE B 93 13.67 -48.66 11.69
C ILE B 93 13.79 -48.73 13.20
N LEU B 94 13.40 -49.88 13.75
CA LEU B 94 13.94 -50.31 15.02
C LEU B 94 15.22 -51.04 14.71
N TYR B 95 16.26 -50.78 15.49
CA TYR B 95 17.62 -51.18 15.17
C TYR B 95 18.32 -51.69 16.41
N LYS B 96 18.68 -52.97 16.42
CA LYS B 96 19.44 -53.54 17.51
C LYS B 96 20.64 -54.23 16.89
N PRO B 97 21.85 -54.04 17.45
CA PRO B 97 23.04 -54.66 16.87
C PRO B 97 23.77 -55.58 17.84
N ASN B 98 24.21 -56.76 17.41
CA ASN B 98 24.97 -57.64 18.29
C ASN B 98 26.38 -57.10 18.52
N ASN B 99 26.45 -55.91 19.11
CA ASN B 99 27.70 -55.20 19.27
C ASN B 99 27.63 -54.38 20.54
N VAL B 100 28.76 -53.79 20.91
CA VAL B 100 28.83 -52.83 22.01
C VAL B 100 29.43 -51.49 21.59
N ASN B 101 30.24 -51.45 20.54
CA ASN B 101 30.65 -50.16 19.97
C ASN B 101 29.48 -49.45 19.31
N LEU B 102 28.69 -50.18 18.52
CA LEU B 102 27.52 -49.59 17.86
C LEU B 102 26.51 -49.10 18.88
N MET B 103 26.22 -49.91 19.90
CA MET B 103 25.24 -49.51 20.90
C MET B 103 25.62 -48.19 21.57
N GLU B 104 26.90 -47.98 21.83
CA GLU B 104 27.32 -46.73 22.45
C GLU B 104 27.38 -45.60 21.43
N MET B 105 27.59 -45.89 20.15
CA MET B 105 27.52 -44.84 19.14
C MET B 105 26.09 -44.33 18.99
N CYS B 106 25.12 -45.24 18.93
CA CYS B 106 23.72 -44.85 18.85
C CYS B 106 23.29 -44.15 20.12
N ALA B 107 23.67 -44.70 21.27
CA ALA B 107 23.42 -44.01 22.53
C ALA B 107 23.96 -42.58 22.48
N LEU B 108 25.16 -42.41 21.92
CA LEU B 108 25.74 -41.09 21.75
C LEU B 108 24.84 -40.20 20.91
N LEU B 109 24.53 -40.63 19.68
CA LEU B 109 23.56 -39.94 18.82
C LEU B 109 22.33 -39.41 19.56
N SER B 110 21.59 -40.32 20.22
CA SER B 110 20.48 -39.91 21.07
C SER B 110 20.90 -38.80 22.02
N MET B 111 22.04 -38.99 22.68
CA MET B 111 22.49 -38.01 23.66
C MET B 111 22.82 -36.66 23.02
N ILE B 112 23.34 -36.65 21.79
CA ILE B 112 23.58 -35.41 21.11
C ILE B 112 22.26 -34.69 20.86
N GLU B 113 21.34 -35.35 20.16
CA GLU B 113 20.05 -34.74 19.85
C GLU B 113 19.40 -34.15 21.09
N ASN B 114 19.29 -34.95 22.16
CA ASN B 114 18.46 -34.59 23.29
C ASN B 114 19.20 -33.78 24.34
N ALA B 115 20.35 -33.20 23.99
CA ALA B 115 21.07 -32.35 24.91
C ALA B 115 20.45 -30.96 24.91
N LYS B 116 19.89 -30.57 26.07
CA LYS B 116 19.28 -29.26 26.27
C LYS B 116 20.10 -28.14 25.67
N SER B 117 21.26 -27.85 26.28
CA SER B 117 22.12 -26.76 25.83
C SER B 117 23.57 -27.18 26.05
N PRO B 118 24.16 -27.87 25.09
CA PRO B 118 25.53 -28.33 25.25
C PRO B 118 26.51 -27.17 25.20
N SER B 119 27.77 -27.51 25.46
CA SER B 119 28.89 -26.61 25.30
C SER B 119 29.93 -27.29 24.43
N ILE B 120 30.76 -26.50 23.75
CA ILE B 120 31.77 -27.09 22.89
C ILE B 120 32.71 -27.95 23.71
N GLY B 121 32.73 -27.73 25.04
CA GLY B 121 33.42 -28.58 26.00
C GLY B 121 32.73 -29.90 26.26
N LEU B 122 31.48 -30.05 25.85
CA LEU B 122 30.81 -31.35 25.81
C LEU B 122 30.88 -31.99 24.43
N CYS B 123 30.80 -31.19 23.38
CA CYS B 123 30.86 -31.69 22.02
C CYS B 123 32.26 -32.18 21.65
N ARG B 124 33.30 -31.65 22.32
CA ARG B 124 34.67 -32.10 22.07
C ARG B 124 34.91 -33.48 22.68
N GLU B 125 34.49 -33.69 23.92
CA GLU B 125 34.65 -35.00 24.53
C GLU B 125 33.75 -36.05 23.89
N VAL B 126 32.55 -35.66 23.44
CA VAL B 126 31.66 -36.62 22.77
C VAL B 126 32.17 -36.94 21.36
N LEU B 127 32.71 -35.92 20.67
CA LEU B 127 33.35 -36.19 19.39
C LEU B 127 34.54 -37.12 19.56
N GLY B 128 35.31 -36.91 20.63
CA GLY B 128 36.48 -37.72 20.90
C GLY B 128 36.17 -39.14 21.34
N ARG B 129 35.02 -39.34 21.97
CA ARG B 129 34.58 -40.70 22.25
C ARG B 129 34.07 -41.38 20.97
N LEU B 130 33.35 -40.62 20.14
CA LEU B 130 32.87 -41.15 18.87
C LEU B 130 34.02 -41.62 17.99
N THR B 131 35.12 -40.85 17.96
CA THR B 131 36.24 -41.22 17.12
C THR B 131 36.78 -42.58 17.52
N LEU B 132 37.05 -42.74 18.82
CA LEU B 132 37.54 -44.00 19.36
C LEU B 132 36.60 -45.16 19.04
N LEU B 133 35.29 -44.95 19.22
CA LEU B 133 34.33 -46.04 19.03
C LEU B 133 34.21 -46.45 17.56
N HIS B 134 34.12 -45.49 16.64
CA HIS B 134 34.18 -45.86 15.23
C HIS B 134 35.50 -46.53 14.87
N SER B 135 36.56 -46.23 15.62
CA SER B 135 37.88 -46.81 15.32
C SER B 135 37.96 -48.29 15.67
N LYS B 136 37.22 -48.73 16.69
CA LYS B 136 37.27 -50.13 17.10
C LYS B 136 36.57 -51.07 16.12
N CYS B 137 35.90 -50.56 15.08
CA CYS B 137 34.80 -51.30 14.45
C CYS B 137 34.98 -51.55 12.97
N ASN B 138 35.06 -50.51 12.14
CA ASN B 138 35.19 -50.59 10.68
C ASN B 138 33.96 -51.21 10.02
N ASN B 139 32.86 -51.36 10.75
CA ASN B 139 31.62 -51.76 10.13
C ASN B 139 31.05 -50.59 9.31
N LEU B 140 30.54 -50.92 8.13
CA LEU B 140 30.04 -49.90 7.18
C LEU B 140 28.96 -49.04 7.83
N ASP B 141 27.98 -49.67 8.44
CA ASP B 141 26.94 -48.89 9.09
C ASP B 141 27.49 -48.12 10.27
N SER B 142 28.65 -48.52 10.83
CA SER B 142 29.25 -47.73 11.92
C SER B 142 29.94 -46.48 11.40
N LEU B 143 30.54 -46.56 10.20
CA LEU B 143 30.80 -45.35 9.41
C LEU B 143 29.58 -44.45 9.37
N PHE B 144 28.44 -45.01 8.91
CA PHE B 144 27.21 -44.23 8.78
C PHE B 144 26.80 -43.58 10.10
N LEU B 145 26.92 -44.32 11.20
CA LEU B 145 26.56 -43.81 12.51
C LEU B 145 27.52 -42.70 12.97
N TYR B 146 28.82 -42.90 12.74
CA TYR B 146 29.82 -41.95 13.21
C TYR B 146 29.73 -40.65 12.43
N ASN B 147 29.79 -40.72 11.10
CA ASN B 147 29.78 -39.49 10.31
C ASN B 147 28.44 -38.78 10.41
N GLY B 148 27.34 -39.53 10.52
CA GLY B 148 26.07 -38.90 10.85
C GLY B 148 26.12 -38.16 12.16
N ALA B 149 26.71 -38.79 13.20
CA ALA B 149 26.80 -38.15 14.51
C ALA B 149 27.66 -36.89 14.46
N ARG B 150 28.73 -36.92 13.67
CA ARG B 150 29.51 -35.71 13.43
C ARG B 150 28.64 -34.65 12.79
N THR B 151 27.89 -35.01 11.75
CA THR B 151 26.96 -34.08 11.11
C THR B 151 26.06 -33.41 12.13
N LEU B 152 25.51 -34.18 13.07
CA LEU B 152 24.57 -33.62 14.04
C LEU B 152 25.27 -32.67 15.01
N LEU B 153 26.43 -33.08 15.52
CA LEU B 153 27.21 -32.22 16.39
C LEU B 153 27.57 -30.92 15.68
N SER B 154 28.02 -31.03 14.44
CA SER B 154 28.33 -29.86 13.63
C SER B 154 27.13 -28.93 13.53
N THR B 155 26.00 -29.46 13.07
CA THR B 155 24.78 -28.68 13.04
C THR B 155 24.58 -27.90 14.33
N LEU B 156 24.83 -28.55 15.47
CA LEU B 156 24.64 -27.89 16.75
C LEU B 156 25.64 -26.76 16.99
N VAL B 157 26.91 -26.96 16.61
CA VAL B 157 27.91 -25.89 16.78
C VAL B 157 27.61 -24.72 15.85
N LYS B 158 27.52 -24.99 14.54
CA LYS B 158 27.38 -23.93 13.55
C LYS B 158 26.12 -23.12 13.78
N TYR B 159 25.03 -23.78 14.14
CA TYR B 159 23.82 -23.03 14.45
C TYR B 159 23.98 -22.27 15.76
N HIS B 160 24.45 -22.96 16.81
CA HIS B 160 24.44 -22.46 18.19
C HIS B 160 25.63 -21.60 18.57
N ASP B 161 26.63 -21.47 17.69
CA ASP B 161 27.77 -20.58 17.89
C ASP B 161 28.56 -20.96 19.15
N LEU B 162 29.12 -22.17 19.12
CA LEU B 162 29.97 -22.64 20.21
C LEU B 162 31.46 -22.56 19.87
N GLU B 163 31.82 -22.56 18.58
CA GLU B 163 33.19 -22.66 18.13
C GLU B 163 33.92 -21.33 18.06
N GLU B 164 33.29 -20.25 18.57
CA GLU B 164 33.85 -18.90 18.64
C GLU B 164 34.73 -18.50 17.44
N GLY B 170 37.09 -26.36 15.24
CA GLY B 170 37.61 -27.72 15.23
C GLY B 170 37.38 -28.40 13.90
N PRO B 171 37.33 -29.77 13.90
CA PRO B 171 37.01 -30.54 12.68
C PRO B 171 35.51 -30.79 12.52
N TRP B 172 34.72 -29.73 12.62
CA TRP B 172 33.28 -29.81 12.51
C TRP B 172 32.89 -29.92 11.03
N ASN B 173 31.59 -29.76 10.74
CA ASN B 173 31.03 -29.97 9.41
C ASN B 173 30.10 -28.81 9.07
N GLU B 174 29.78 -28.67 7.77
CA GLU B 174 28.83 -27.65 7.36
C GLU B 174 27.44 -27.91 7.91
N GLY B 175 27.09 -29.19 8.11
CA GLY B 175 25.85 -29.54 8.78
C GLY B 175 24.69 -29.73 7.82
N LEU B 176 23.53 -29.99 8.41
CA LEU B 176 22.31 -30.14 7.64
C LEU B 176 21.93 -28.81 7.00
N SER B 177 21.98 -28.75 5.67
CA SER B 177 21.88 -27.49 4.92
C SER B 177 20.75 -26.60 5.41
N LEU B 178 19.55 -27.16 5.44
CA LEU B 178 18.39 -26.35 5.78
C LEU B 178 18.50 -25.77 7.17
N PHE B 179 19.41 -26.25 8.01
CA PHE B 179 19.60 -25.58 9.29
C PHE B 179 20.36 -24.27 9.10
N LYS B 180 21.38 -24.26 8.23
CA LYS B 180 21.98 -23.00 7.81
C LYS B 180 20.93 -22.02 7.29
N LEU B 181 20.05 -22.49 6.39
CA LEU B 181 18.99 -21.59 5.92
C LEU B 181 18.09 -21.15 7.08
N HIS B 182 17.79 -22.06 8.00
CA HIS B 182 16.96 -21.74 9.17
C HIS B 182 17.60 -20.64 10.00
N LYS B 183 18.94 -20.65 10.13
CA LYS B 183 19.64 -19.55 10.80
C LYS B 183 19.44 -18.24 10.05
N GLU B 184 19.82 -18.21 8.76
CA GLU B 184 19.75 -16.95 8.02
C GLU B 184 18.36 -16.34 8.04
N LEU B 185 17.31 -17.16 7.91
CA LEU B 185 15.99 -16.56 7.78
C LEU B 185 15.54 -15.85 9.04
N LYS B 186 16.19 -16.08 10.18
CA LYS B 186 15.75 -15.39 11.40
C LYS B 186 16.39 -14.01 11.57
N ARG B 187 17.56 -13.77 10.95
CA ARG B 187 18.15 -12.43 10.93
C ARG B 187 17.38 -11.47 10.02
N ALA B 188 16.60 -11.99 9.08
CA ALA B 188 15.93 -11.16 8.11
C ALA B 188 14.83 -10.31 8.75
N PRO B 189 14.61 -9.08 8.24
CA PRO B 189 13.45 -8.28 8.65
C PRO B 189 12.15 -9.07 8.78
N SER B 190 11.20 -8.60 9.60
CA SER B 190 10.07 -9.46 9.99
C SER B 190 9.19 -9.83 8.80
N GLU B 191 8.73 -8.84 8.03
CA GLU B 191 7.82 -9.14 6.92
C GLU B 191 8.45 -10.14 5.95
N ALA B 192 9.74 -9.98 5.68
CA ALA B 192 10.42 -10.94 4.81
C ALA B 192 10.58 -12.27 5.51
N ARG B 193 10.99 -12.27 6.78
CA ARG B 193 11.31 -13.50 7.49
C ARG B 193 10.12 -14.44 7.54
N ASP B 194 8.95 -13.92 7.92
CA ASP B 194 7.75 -14.74 7.95
C ASP B 194 7.46 -15.36 6.59
N LEU B 195 7.55 -14.56 5.53
CA LEU B 195 7.27 -15.08 4.20
C LEU B 195 8.25 -16.16 3.80
N MET B 196 9.54 -15.94 4.04
CA MET B 196 10.56 -16.89 3.60
C MET B 196 10.48 -18.20 4.38
N GLN B 197 10.23 -18.15 5.69
CA GLN B 197 10.03 -19.43 6.36
C GLN B 197 8.64 -20.02 6.05
N SER B 198 7.67 -19.22 5.58
CA SER B 198 6.43 -19.82 5.07
C SER B 198 6.66 -20.51 3.74
N LEU B 199 7.53 -19.96 2.89
CA LEU B 199 7.72 -20.52 1.56
C LEU B 199 8.66 -21.71 1.57
N PHE B 200 9.75 -21.67 2.37
CA PHE B 200 10.89 -22.57 2.23
C PHE B 200 11.07 -23.60 3.34
N LEU B 201 10.55 -23.38 4.54
CA LEU B 201 10.85 -24.28 5.64
C LEU B 201 9.60 -24.85 6.32
N THR B 202 8.43 -24.86 5.64
CA THR B 202 7.20 -25.33 6.29
C THR B 202 6.38 -26.14 5.30
N SER B 203 6.76 -27.38 5.04
CA SER B 203 5.87 -28.17 4.22
C SER B 203 4.68 -28.63 5.07
N GLY B 204 3.60 -28.99 4.38
CA GLY B 204 2.46 -29.62 5.01
C GLY B 204 2.44 -31.11 4.83
N LYS B 205 3.50 -31.66 4.22
CA LYS B 205 3.52 -33.05 3.77
C LYS B 205 3.52 -34.06 4.91
N MET B 206 3.81 -33.63 6.14
CA MET B 206 3.70 -34.51 7.29
C MET B 206 2.66 -33.97 8.26
N GLY B 207 1.96 -32.92 7.89
CA GLY B 207 0.78 -32.57 8.64
C GLY B 207 1.07 -31.65 9.78
N CYS B 208 0.23 -31.72 10.80
CA CYS B 208 0.24 -30.78 11.91
C CYS B 208 1.24 -31.17 12.99
N LEU B 209 1.45 -30.20 13.87
CA LEU B 209 2.13 -30.36 15.13
C LEU B 209 1.09 -30.56 16.22
N ALA B 210 1.52 -31.10 17.36
CA ALA B 210 0.69 -31.23 18.55
C ALA B 210 1.28 -30.35 19.64
N ARG B 211 0.42 -29.61 20.35
CA ARG B 211 0.89 -28.75 21.42
C ARG B 211 1.69 -29.53 22.45
N SER B 212 1.25 -30.74 22.77
CA SER B 212 1.86 -31.55 23.82
C SER B 212 2.08 -32.97 23.29
N PRO B 213 3.31 -33.33 22.88
CA PRO B 213 3.54 -34.70 22.39
C PRO B 213 3.28 -35.77 23.42
N LYS B 214 3.46 -35.43 24.70
CA LYS B 214 3.11 -36.35 25.79
C LYS B 214 1.61 -36.60 25.80
N ASP B 215 0.81 -35.53 25.87
CA ASP B 215 -0.63 -35.69 25.80
C ASP B 215 -1.03 -36.44 24.54
N TYR B 216 -0.32 -36.23 23.44
CA TYR B 216 -0.72 -36.84 22.18
C TYR B 216 -0.44 -38.34 22.18
N CYS B 217 0.75 -38.72 22.64
CA CYS B 217 1.07 -40.13 22.75
C CYS B 217 0.14 -40.84 23.73
N ALA B 218 -0.12 -40.24 24.89
CA ALA B 218 -1.05 -40.85 25.84
C ALA B 218 -2.42 -41.03 25.23
N ASP B 219 -2.90 -40.00 24.52
CA ASP B 219 -4.20 -40.11 23.84
C ASP B 219 -4.23 -41.25 22.84
N LEU B 220 -3.10 -41.56 22.19
CA LEU B 220 -3.12 -42.57 21.13
C LEU B 220 -3.46 -43.95 21.66
N ASN B 221 -2.80 -44.40 22.72
CA ASN B 221 -3.00 -45.77 23.19
C ASN B 221 -4.28 -45.82 23.99
N LYS B 222 -5.35 -46.29 23.35
CA LYS B 222 -6.65 -46.42 24.00
C LYS B 222 -6.67 -47.68 24.86
N GLU B 223 -7.84 -48.06 25.38
CA GLU B 223 -7.95 -49.27 26.19
C GLU B 223 -7.78 -50.52 25.34
N GLU B 224 -8.34 -50.50 24.12
CA GLU B 224 -8.29 -51.67 23.25
C GLU B 224 -6.85 -52.17 23.06
N ASP B 225 -5.94 -51.26 22.69
CA ASP B 225 -4.56 -51.64 22.43
C ASP B 225 -3.92 -52.28 23.64
N ALA B 226 -4.27 -51.80 24.84
CA ALA B 226 -3.68 -52.36 26.06
C ALA B 226 -4.24 -53.74 26.37
N ASN B 227 -5.50 -53.98 26.01
CA ASN B 227 -5.99 -55.36 26.08
C ASN B 227 -5.43 -56.23 24.97
N SER B 228 -4.78 -55.63 23.98
CA SER B 228 -4.02 -56.36 22.97
C SER B 228 -2.52 -56.39 23.25
N GLY B 229 -2.03 -55.59 24.20
CA GLY B 229 -0.64 -55.59 24.60
C GLY B 229 0.12 -54.31 24.30
N PHE B 230 -0.50 -53.32 23.69
CA PHE B 230 0.20 -52.14 23.20
C PHE B 230 -0.13 -50.94 24.07
N THR B 231 0.79 -50.54 24.93
CA THR B 231 0.75 -49.20 25.51
C THR B 231 2.11 -48.56 25.30
N PHE B 232 2.16 -47.42 24.60
CA PHE B 232 3.42 -46.80 24.22
C PHE B 232 3.58 -45.41 24.83
N ASN B 233 4.77 -45.14 25.38
CA ASN B 233 5.13 -43.87 25.98
C ASN B 233 6.50 -43.42 25.49
N LEU B 234 6.71 -42.09 25.45
CA LEU B 234 7.92 -41.49 24.93
C LEU B 234 8.49 -40.47 25.92
N PHE B 235 9.81 -40.27 25.87
CA PHE B 235 10.48 -39.28 26.70
C PHE B 235 11.64 -38.69 25.92
N TYR B 236 11.60 -37.39 25.68
CA TYR B 236 12.66 -36.72 24.95
C TYR B 236 12.80 -35.31 25.50
N GLN B 237 14.03 -34.81 25.48
CA GLN B 237 14.31 -33.42 25.82
C GLN B 237 14.10 -32.52 24.60
N ASP B 238 13.32 -31.45 24.76
CA ASP B 238 13.05 -30.58 23.61
C ASP B 238 14.32 -29.86 23.16
N SER B 239 14.56 -29.87 21.86
CA SER B 239 15.83 -29.38 21.35
C SER B 239 15.75 -29.18 19.86
N LEU B 240 16.71 -28.39 19.36
CA LEU B 240 16.77 -28.04 17.96
C LEU B 240 16.70 -29.28 17.08
N LEU B 241 17.27 -30.40 17.54
CA LEU B 241 17.23 -31.60 16.72
C LEU B 241 16.00 -32.47 16.99
N THR B 242 15.42 -32.37 18.17
CA THR B 242 14.19 -33.09 18.47
C THR B 242 12.98 -32.18 18.31
N LYS B 243 12.98 -31.37 17.25
CA LYS B 243 11.81 -30.56 16.94
C LYS B 243 10.74 -31.36 16.20
N HIS B 244 11.14 -32.40 15.50
CA HIS B 244 10.18 -33.19 14.77
C HIS B 244 9.31 -34.05 15.67
N PHE B 245 9.61 -34.11 16.96
CA PHE B 245 8.73 -34.93 17.77
C PHE B 245 7.38 -34.24 18.02
N GLN B 246 7.21 -33.00 17.58
CA GLN B 246 5.94 -32.32 17.73
C GLN B 246 4.97 -32.68 16.62
N CYS B 247 5.47 -33.10 15.46
CA CYS B 247 4.62 -33.47 14.33
C CYS B 247 3.82 -34.72 14.66
N GLN B 248 2.49 -34.57 14.71
CA GLN B 248 1.59 -35.65 15.10
C GLN B 248 1.81 -36.91 14.28
N THR B 249 2.05 -36.74 12.98
CA THR B 249 2.25 -37.91 12.13
C THR B 249 3.55 -38.61 12.46
N VAL B 250 4.57 -37.87 12.85
CA VAL B 250 5.80 -38.51 13.28
C VAL B 250 5.49 -39.41 14.47
N LEU B 251 4.78 -38.85 15.45
CA LEU B 251 4.42 -39.62 16.64
C LEU B 251 3.60 -40.86 16.30
N GLN B 252 2.68 -40.76 15.34
CA GLN B 252 1.97 -41.94 14.91
C GLN B 252 2.92 -43.00 14.38
N THR B 253 3.79 -42.61 13.45
CA THR B 253 4.74 -43.57 12.90
C THR B 253 5.63 -44.18 13.98
N LEU B 254 6.19 -43.34 14.86
CA LEU B 254 7.06 -43.84 15.93
C LEU B 254 6.34 -44.84 16.82
N ARG B 255 5.08 -44.54 17.17
CA ARG B 255 4.32 -45.50 17.97
C ARG B 255 4.19 -46.84 17.25
N ARG B 256 3.68 -46.84 16.02
CA ARG B 256 3.44 -48.14 15.39
C ARG B 256 4.74 -48.86 15.03
N LYS B 257 5.88 -48.16 15.00
CA LYS B 257 7.13 -48.87 14.77
C LYS B 257 7.67 -49.50 16.06
N CYS B 258 7.65 -48.75 17.16
CA CYS B 258 8.22 -49.31 18.38
C CYS B 258 7.35 -50.42 18.95
N LEU B 259 6.04 -50.39 18.67
CA LEU B 259 5.20 -51.50 19.14
C LEU B 259 5.29 -52.70 18.21
N GLY B 260 5.37 -52.46 16.91
CA GLY B 260 5.44 -53.53 15.95
C GLY B 260 6.78 -54.23 15.98
N SER B 261 6.87 -55.29 15.18
CA SER B 261 8.04 -56.15 15.12
C SER B 261 9.14 -55.53 14.26
N ASP B 262 9.51 -56.24 13.19
CA ASP B 262 10.43 -55.74 12.16
C ASP B 262 11.75 -55.27 12.76
N THR B 263 12.13 -55.77 13.93
CA THR B 263 13.43 -55.39 14.45
C THR B 263 14.53 -55.90 13.51
N VAL B 264 15.38 -54.99 13.05
CA VAL B 264 16.39 -55.30 12.05
C VAL B 264 17.77 -55.13 12.67
N SER B 265 18.71 -55.95 12.22
CA SER B 265 19.91 -56.30 12.99
C SER B 265 21.13 -55.44 12.64
N LYS B 266 21.33 -55.17 11.34
CA LYS B 266 22.30 -54.20 10.87
C LYS B 266 21.64 -53.27 9.86
N ILE B 267 21.95 -51.98 9.98
CA ILE B 267 21.34 -50.96 9.13
C ILE B 267 21.53 -51.30 7.66
N ILE B 268 22.77 -51.54 7.27
CA ILE B 268 23.09 -51.83 5.88
C ILE B 268 24.30 -52.76 5.84
N PRO B 269 24.11 -54.01 5.39
CA PRO B 269 25.15 -55.01 5.22
C PRO B 269 25.47 -55.27 3.74
N ARG C 14 34.72 9.92 -26.89
CA ARG C 14 34.64 11.31 -26.47
C ARG C 14 35.07 11.57 -25.02
N VAL C 15 35.81 12.66 -24.82
CA VAL C 15 36.29 13.11 -23.52
C VAL C 15 36.18 14.62 -23.49
N THR C 16 35.41 15.16 -22.57
CA THR C 16 35.17 16.59 -22.62
C THR C 16 35.91 17.29 -21.50
N PRO C 17 36.66 18.35 -21.81
CA PRO C 17 37.21 19.21 -20.77
C PRO C 17 36.10 19.86 -19.99
N ARG C 18 36.36 20.13 -18.71
CA ARG C 18 35.24 20.37 -17.82
C ARG C 18 35.75 21.05 -16.56
N LEU C 19 34.85 21.75 -15.87
CA LEU C 19 35.20 22.55 -14.69
C LEU C 19 36.38 23.49 -14.96
N VAL C 20 36.34 24.18 -16.09
CA VAL C 20 37.45 25.03 -16.51
C VAL C 20 37.43 26.33 -15.72
N LEU C 21 38.54 26.70 -15.11
CA LEU C 21 38.64 28.07 -14.63
C LEU C 21 40.10 28.41 -14.33
N GLU C 22 40.38 29.71 -14.24
CA GLU C 22 41.76 30.22 -14.24
C GLU C 22 42.22 30.51 -12.82
N VAL C 23 43.40 30.01 -12.48
CA VAL C 23 43.96 30.17 -11.15
C VAL C 23 45.13 31.14 -11.25
N ASN C 24 45.08 32.17 -10.39
CA ASN C 24 46.17 33.11 -10.18
C ASN C 24 46.74 32.84 -8.80
N ARG C 25 48.07 32.82 -8.70
CA ARG C 25 48.76 32.65 -7.42
C ARG C 25 49.68 33.84 -7.19
N HIS C 26 49.54 34.45 -6.02
CA HIS C 26 50.29 35.66 -5.66
C HIS C 26 50.74 35.50 -4.21
N ASN C 27 52.05 35.38 -4.02
CA ASN C 27 52.70 35.35 -2.71
C ASN C 27 51.92 34.51 -1.70
N ALA C 28 51.85 33.21 -2.01
CA ALA C 28 51.26 32.18 -1.15
C ALA C 28 49.77 32.36 -0.90
N ILE C 29 49.03 33.05 -1.78
CA ILE C 29 47.58 32.93 -1.82
C ILE C 29 47.15 32.66 -3.25
N CYS C 30 46.02 31.98 -3.39
CA CYS C 30 45.69 31.29 -4.62
C CYS C 30 44.21 31.47 -4.86
N VAL C 31 43.87 32.13 -5.96
CA VAL C 31 42.50 32.51 -6.25
C VAL C 31 42.11 31.85 -7.56
N ALA C 32 41.17 30.93 -7.48
CA ALA C 32 40.63 30.28 -8.66
C ALA C 32 39.34 31.02 -9.04
N THR C 33 39.29 31.53 -10.26
CA THR C 33 38.25 32.45 -10.68
C THR C 33 37.79 32.07 -12.08
N ASN C 34 36.51 32.32 -12.35
CA ASN C 34 36.00 32.12 -13.69
C ASN C 34 36.41 33.29 -14.58
N VAL C 35 36.05 33.22 -15.84
CA VAL C 35 36.34 34.29 -16.79
C VAL C 35 35.03 34.96 -17.18
N PRO C 36 34.94 36.30 -17.14
CA PRO C 36 33.64 36.95 -17.29
C PRO C 36 33.12 36.94 -18.73
N GLU C 37 31.87 37.39 -18.85
CA GLU C 37 31.05 37.31 -20.06
C GLU C 37 31.08 38.61 -20.87
N PHE C 38 30.56 39.68 -20.28
CA PHE C 38 30.42 41.01 -20.88
C PHE C 38 29.34 41.01 -21.97
N ARG C 42 20.00 42.64 -23.22
CA ARG C 42 20.46 41.70 -24.24
C ARG C 42 21.79 41.09 -23.82
N GLY C 43 22.05 39.87 -24.31
CA GLY C 43 23.31 39.22 -24.05
C GLY C 43 24.29 39.35 -25.20
N ASP C 44 25.28 40.22 -25.06
CA ASP C 44 26.27 40.47 -26.09
C ASP C 44 27.59 40.80 -25.41
N LEU C 45 28.70 40.31 -25.98
CA LEU C 45 30.02 40.61 -25.42
C LEU C 45 30.89 41.29 -26.45
N ASN C 46 32.11 41.62 -26.01
CA ASN C 46 33.11 42.33 -26.80
C ASN C 46 34.44 41.58 -26.81
N ILE C 47 34.56 40.62 -27.74
CA ILE C 47 35.76 39.83 -28.03
C ILE C 47 37.01 40.67 -27.85
N ARG C 48 36.99 41.83 -28.50
CA ARG C 48 38.00 42.85 -28.31
C ARG C 48 38.30 42.95 -26.83
N ASP C 49 37.34 43.41 -26.04
CA ASP C 49 37.62 43.68 -24.63
C ASP C 49 38.03 42.42 -23.86
N LEU C 50 37.74 41.23 -24.40
CA LEU C 50 38.01 39.97 -23.71
C LEU C 50 39.48 39.59 -23.80
N ARG C 51 40.05 39.66 -25.01
CA ARG C 51 41.44 39.22 -25.14
C ARG C 51 42.44 40.21 -24.55
N ALA C 52 42.03 41.44 -24.27
CA ALA C 52 42.85 42.32 -23.44
C ALA C 52 43.05 41.72 -22.06
N HIS C 53 41.99 41.15 -21.48
CA HIS C 53 42.10 40.49 -20.19
C HIS C 53 42.89 39.18 -20.31
N VAL C 54 42.66 38.41 -21.39
CA VAL C 54 43.42 37.18 -21.61
C VAL C 54 44.92 37.44 -21.63
N LYS C 55 45.36 38.36 -22.50
CA LYS C 55 46.79 38.68 -22.59
C LYS C 55 47.30 39.27 -21.27
N ALA C 56 46.51 40.16 -20.65
CA ALA C 56 46.92 40.80 -19.41
C ALA C 56 47.23 39.77 -18.33
N ARG C 57 46.45 38.69 -18.28
CA ARG C 57 46.84 37.57 -17.42
C ARG C 57 48.08 36.86 -17.97
N MET C 58 48.17 36.74 -19.30
CA MET C 58 49.16 35.87 -19.91
C MET C 58 50.59 36.28 -19.58
N ILE C 59 50.90 37.58 -19.61
CA ILE C 59 52.30 37.98 -19.34
C ILE C 59 52.55 38.40 -17.89
N SER C 60 51.50 38.61 -17.10
CA SER C 60 51.67 38.60 -15.65
C SER C 60 52.14 37.23 -15.17
N SER C 61 52.96 37.22 -14.12
CA SER C 61 53.37 35.97 -13.48
C SER C 61 52.37 35.52 -12.41
N GLN C 62 51.58 36.46 -11.86
CA GLN C 62 50.50 36.09 -10.95
C GLN C 62 49.59 35.03 -11.57
N PHE C 63 49.55 34.95 -12.89
CA PHE C 63 48.67 34.03 -13.58
C PHE C 63 49.29 32.64 -13.63
N CYS C 64 48.65 31.68 -12.95
CA CYS C 64 49.17 30.32 -12.93
C CYS C 64 48.68 29.50 -14.10
N GLY C 65 47.42 29.67 -14.51
CA GLY C 65 46.97 28.96 -15.71
C GLY C 65 45.50 28.60 -15.63
N TYR C 66 45.13 27.63 -16.47
CA TYR C 66 43.77 27.09 -16.54
C TYR C 66 43.73 25.75 -15.83
N VAL C 67 43.15 25.69 -14.66
CA VAL C 67 42.88 24.40 -14.06
C VAL C 67 41.63 23.82 -14.72
N LEU C 68 41.67 22.52 -15.03
CA LEU C 68 40.51 21.91 -15.66
C LEU C 68 40.54 20.39 -15.43
N VAL C 69 39.51 19.70 -15.86
CA VAL C 69 39.44 18.26 -15.59
C VAL C 69 38.61 17.56 -16.66
N SER C 70 39.17 16.50 -17.22
CA SER C 70 38.54 15.81 -18.33
C SER C 70 37.55 14.80 -17.78
N LEU C 71 36.30 14.89 -18.25
CA LEU C 71 35.29 13.94 -17.84
C LEU C 71 34.80 13.15 -19.04
N LEU C 72 34.32 11.95 -18.77
CA LEU C 72 33.63 11.14 -19.76
C LEU C 72 32.13 11.40 -19.64
N ASP C 73 31.40 11.06 -20.70
CA ASP C 73 29.98 11.36 -20.70
C ASP C 73 29.26 10.65 -19.57
N SER C 74 29.60 9.40 -19.29
CA SER C 74 28.93 8.70 -18.20
C SER C 74 29.43 9.12 -16.84
N GLU C 75 30.50 9.88 -16.75
CA GLU C 75 31.02 10.26 -15.44
C GLU C 75 30.25 11.44 -14.87
N ASP C 76 29.67 12.28 -15.72
CA ASP C 76 29.06 13.54 -15.31
C ASP C 76 27.53 13.39 -15.18
N GLN C 77 27.05 13.21 -13.94
CA GLN C 77 25.64 13.12 -13.64
C GLN C 77 25.01 14.45 -13.25
N VAL C 78 25.64 15.58 -13.63
CA VAL C 78 25.23 16.97 -13.39
C VAL C 78 25.54 17.43 -11.97
N ASP C 79 24.77 16.98 -10.97
CA ASP C 79 25.07 17.37 -9.59
C ASP C 79 26.14 16.51 -8.93
N HIS C 80 26.56 15.40 -9.57
CA HIS C 80 27.38 14.40 -8.92
C HIS C 80 28.32 13.76 -9.93
N LEU C 81 29.39 13.17 -9.42
CA LEU C 81 30.38 12.53 -10.28
C LEU C 81 30.33 11.02 -10.08
N ASN C 82 30.23 10.30 -11.19
CA ASN C 82 30.42 8.86 -11.19
C ASN C 82 31.83 8.56 -11.70
N ILE C 83 32.79 8.97 -10.89
CA ILE C 83 34.20 8.70 -11.14
C ILE C 83 34.84 8.50 -9.78
N PHE C 84 36.00 7.85 -9.74
CA PHE C 84 36.51 7.71 -8.38
C PHE C 84 37.51 8.82 -8.07
N PRO C 85 37.69 9.13 -6.78
CA PRO C 85 38.55 10.28 -6.41
C PRO C 85 39.97 10.32 -6.98
N HIS C 86 40.76 9.24 -6.80
CA HIS C 86 42.11 9.23 -7.36
C HIS C 86 42.06 9.52 -8.85
N VAL C 87 41.07 8.96 -9.55
CA VAL C 87 41.02 9.12 -11.00
C VAL C 87 40.57 10.53 -11.35
N PHE C 88 39.63 11.07 -10.57
CA PHE C 88 39.21 12.44 -10.78
C PHE C 88 40.40 13.39 -10.68
N SER C 89 41.32 13.15 -9.74
CA SER C 89 42.47 14.04 -9.63
C SER C 89 43.50 13.79 -10.72
N GLU C 90 43.60 12.55 -11.23
CA GLU C 90 44.49 12.35 -12.37
C GLU C 90 43.97 13.07 -13.61
N ARG C 91 42.66 13.24 -13.74
CA ARG C 91 42.10 13.91 -14.91
C ARG C 91 42.29 15.41 -14.86
N MET C 92 42.41 15.97 -13.66
CA MET C 92 42.49 17.41 -13.47
C MET C 92 43.94 17.86 -13.62
N ILE C 93 44.16 18.88 -14.47
CA ILE C 93 45.49 19.35 -14.82
C ILE C 93 45.53 20.86 -14.67
N LEU C 94 46.76 21.39 -14.76
CA LEU C 94 47.04 22.83 -14.77
C LEU C 94 47.66 23.20 -16.12
N TYR C 95 46.86 23.81 -16.99
CA TYR C 95 47.19 24.01 -18.40
C TYR C 95 47.67 25.44 -18.63
N LYS C 96 48.91 25.59 -19.09
CA LYS C 96 49.45 26.90 -19.49
C LYS C 96 50.39 26.72 -20.67
N PRO C 97 49.92 27.00 -21.89
CA PRO C 97 50.80 26.94 -23.06
C PRO C 97 51.15 28.32 -23.61
N ASN C 98 52.37 28.47 -24.15
CA ASN C 98 52.81 29.78 -24.64
C ASN C 98 52.01 30.26 -25.84
N ASN C 99 51.15 29.42 -26.40
CA ASN C 99 50.27 29.81 -27.50
C ASN C 99 49.07 30.59 -26.96
N VAL C 100 48.74 31.70 -27.64
CA VAL C 100 47.62 32.52 -27.19
C VAL C 100 46.29 31.97 -27.71
N ASN C 101 46.32 31.15 -28.76
CA ASN C 101 45.08 30.69 -29.35
C ASN C 101 44.45 29.56 -28.54
N LEU C 102 45.23 28.52 -28.26
CA LEU C 102 44.81 27.55 -27.27
C LEU C 102 44.33 28.24 -26.01
N MET C 103 44.94 29.38 -25.67
CA MET C 103 44.50 30.17 -24.53
C MET C 103 43.09 30.70 -24.77
N GLU C 104 42.80 31.12 -26.00
CA GLU C 104 41.44 31.56 -26.32
C GLU C 104 40.44 30.40 -26.15
N MET C 105 40.65 29.30 -26.88
CA MET C 105 39.78 28.13 -26.73
C MET C 105 39.49 27.81 -25.25
N CYS C 106 40.53 27.75 -24.42
CA CYS C 106 40.32 27.43 -23.00
C CYS C 106 39.46 28.47 -22.30
N ALA C 107 39.82 29.75 -22.45
CA ALA C 107 39.00 30.79 -21.84
C ALA C 107 37.54 30.69 -22.29
N LEU C 108 37.33 30.15 -23.50
CA LEU C 108 35.98 29.95 -24.00
C LEU C 108 35.28 28.80 -23.30
N LEU C 109 36.01 27.73 -22.96
CA LEU C 109 35.37 26.69 -22.15
C LEU C 109 34.94 27.24 -20.80
N SER C 110 35.83 27.97 -20.11
CA SER C 110 35.41 28.59 -18.85
C SER C 110 34.20 29.49 -19.07
N MET C 111 34.20 30.24 -20.17
CA MET C 111 33.14 31.18 -20.47
C MET C 111 31.81 30.47 -20.62
N ILE C 112 31.77 29.42 -21.46
CA ILE C 112 30.58 28.57 -21.57
C ILE C 112 30.12 28.17 -20.18
N GLU C 113 31.02 27.53 -19.41
CA GLU C 113 30.63 26.88 -18.15
C GLU C 113 29.98 27.84 -17.16
N ASN C 114 30.59 29.00 -16.92
CA ASN C 114 30.00 29.86 -15.90
C ASN C 114 28.89 30.77 -16.42
N ALA C 115 28.49 30.63 -17.69
CA ALA C 115 27.44 31.46 -18.25
C ALA C 115 26.11 31.27 -17.50
N LYS C 116 25.55 32.38 -17.01
CA LYS C 116 24.27 32.39 -16.30
C LYS C 116 23.08 32.02 -17.19
N SER C 117 22.66 32.92 -18.07
CA SER C 117 21.55 32.63 -18.98
C SER C 117 21.99 32.96 -20.39
N PRO C 118 22.17 31.97 -21.26
CA PRO C 118 22.83 32.21 -22.54
C PRO C 118 21.85 32.56 -23.66
N SER C 119 22.07 33.71 -24.30
CA SER C 119 21.19 34.19 -25.36
C SER C 119 21.43 33.43 -26.66
N ILE C 120 20.43 32.66 -27.10
CA ILE C 120 20.55 31.52 -28.02
C ILE C 120 21.64 31.69 -29.06
N GLY C 121 21.86 32.93 -29.52
CA GLY C 121 22.83 33.24 -30.56
C GLY C 121 24.27 33.30 -30.11
N LEU C 122 24.51 33.24 -28.79
CA LEU C 122 25.88 33.19 -28.28
C LEU C 122 26.50 31.83 -28.54
N CYS C 123 25.69 30.76 -28.46
CA CYS C 123 26.08 29.42 -28.91
C CYS C 123 26.64 29.45 -30.32
N ARG C 124 25.79 29.87 -31.27
CA ARG C 124 26.19 30.01 -32.66
C ARG C 124 27.41 30.92 -32.80
N GLU C 125 27.51 31.96 -31.97
CA GLU C 125 28.57 32.94 -32.13
C GLU C 125 29.92 32.38 -31.68
N VAL C 126 29.94 31.58 -30.62
CA VAL C 126 31.22 31.09 -30.13
C VAL C 126 31.64 29.79 -30.83
N LEU C 127 30.68 28.98 -31.30
CA LEU C 127 31.06 27.77 -32.02
C LEU C 127 31.85 28.09 -33.30
N GLY C 128 31.55 29.22 -33.93
CA GLY C 128 32.37 29.67 -35.06
C GLY C 128 33.78 30.06 -34.62
N ARG C 129 33.91 30.65 -33.42
CA ARG C 129 35.22 31.01 -32.91
C ARG C 129 36.09 29.79 -32.67
N LEU C 130 35.49 28.69 -32.19
CA LEU C 130 36.30 27.48 -32.04
C LEU C 130 36.61 26.84 -33.39
N THR C 131 35.69 26.93 -34.36
CA THR C 131 35.99 26.43 -35.70
C THR C 131 37.17 27.19 -36.32
N LEU C 132 37.20 28.52 -36.13
CA LEU C 132 38.26 29.35 -36.69
C LEU C 132 39.57 29.17 -35.93
N LEU C 133 39.50 29.07 -34.60
CA LEU C 133 40.70 28.97 -33.78
C LEU C 133 41.33 27.58 -33.89
N HIS C 134 40.48 26.54 -33.99
CA HIS C 134 40.98 25.20 -34.28
C HIS C 134 41.55 25.12 -35.69
N SER C 135 40.91 25.76 -36.67
CA SER C 135 41.54 25.88 -37.98
C SER C 135 42.93 26.50 -37.86
N LYS C 136 43.08 27.49 -36.97
CA LYS C 136 44.38 28.14 -36.82
C LYS C 136 45.41 27.21 -36.18
N CYS C 137 45.04 26.45 -35.15
CA CYS C 137 46.06 25.69 -34.42
C CYS C 137 46.37 24.35 -35.08
N ASN C 138 45.35 23.54 -35.35
CA ASN C 138 45.44 22.35 -36.20
C ASN C 138 46.30 21.23 -35.60
N ASN C 139 46.53 21.24 -34.28
CA ASN C 139 47.14 20.10 -33.60
C ASN C 139 46.18 19.53 -32.55
N LEU C 140 46.58 18.40 -31.96
CA LEU C 140 45.70 17.60 -31.13
C LEU C 140 45.05 18.41 -30.01
N ASP C 141 45.72 19.44 -29.51
CA ASP C 141 45.16 20.28 -28.46
C ASP C 141 43.94 21.04 -28.94
N SER C 142 44.05 21.72 -30.08
CA SER C 142 42.92 22.47 -30.62
C SER C 142 41.74 21.55 -30.90
N LEU C 143 42.00 20.39 -31.52
CA LEU C 143 40.96 19.40 -31.75
C LEU C 143 40.27 19.03 -30.43
N PHE C 144 41.06 18.78 -29.38
CA PHE C 144 40.48 18.44 -28.08
C PHE C 144 39.53 19.54 -27.62
N LEU C 145 40.04 20.75 -27.45
CA LEU C 145 39.18 21.83 -27.01
C LEU C 145 37.96 21.97 -27.89
N TYR C 146 38.07 21.58 -29.17
CA TYR C 146 36.97 21.78 -30.10
C TYR C 146 35.87 20.76 -29.88
N ASN C 147 36.18 19.48 -30.09
CA ASN C 147 35.29 18.36 -29.83
C ASN C 147 34.87 18.28 -28.35
N GLY C 148 35.37 19.20 -27.53
CA GLY C 148 34.84 19.39 -26.19
C GLY C 148 33.92 20.57 -26.10
N ALA C 149 34.20 21.66 -26.82
CA ALA C 149 33.31 22.78 -26.70
C ALA C 149 32.02 22.56 -27.48
N ARG C 150 32.07 21.88 -28.64
CA ARG C 150 30.82 21.53 -29.30
C ARG C 150 30.00 20.60 -28.43
N THR C 151 30.66 19.82 -27.58
CA THR C 151 29.94 18.97 -26.64
C THR C 151 29.30 19.80 -25.53
N LEU C 152 30.08 20.66 -24.89
CA LEU C 152 29.58 21.49 -23.81
C LEU C 152 28.47 22.43 -24.28
N LEU C 153 28.50 22.84 -25.56
CA LEU C 153 27.43 23.67 -26.12
C LEU C 153 26.19 22.85 -26.42
N SER C 154 26.36 21.76 -27.20
CA SER C 154 25.25 20.87 -27.56
C SER C 154 24.59 20.22 -26.35
N THR C 155 25.26 20.20 -25.19
CA THR C 155 24.63 19.90 -23.91
C THR C 155 23.90 21.11 -23.35
N LEU C 156 24.50 22.30 -23.41
CA LEU C 156 23.73 23.44 -22.96
C LEU C 156 22.65 23.82 -23.98
N VAL C 157 22.75 23.34 -25.21
CA VAL C 157 21.71 23.63 -26.21
C VAL C 157 20.42 22.87 -25.91
N LYS C 158 20.53 21.57 -25.63
CA LYS C 158 19.35 20.75 -25.43
C LYS C 158 18.66 21.07 -24.12
N TYR C 159 19.37 20.90 -23.01
CA TYR C 159 18.75 20.99 -21.69
C TYR C 159 18.00 22.31 -21.55
N HIS C 160 18.70 23.42 -21.48
CA HIS C 160 18.01 24.69 -21.48
C HIS C 160 17.29 24.90 -22.81
N ASP C 161 16.16 25.60 -22.74
CA ASP C 161 15.35 25.85 -23.91
C ASP C 161 16.11 26.78 -24.87
N LEU C 162 16.58 26.22 -25.98
CA LEU C 162 17.32 26.99 -26.97
C LEU C 162 16.72 26.88 -28.36
N GLU C 163 16.53 25.66 -28.87
CA GLU C 163 16.04 25.39 -30.22
C GLU C 163 17.06 25.86 -31.24
N GLY C 170 20.95 21.08 -37.69
CA GLY C 170 21.78 21.88 -36.81
C GLY C 170 23.23 21.45 -36.83
N PRO C 171 24.10 22.26 -36.20
CA PRO C 171 25.53 21.88 -36.11
C PRO C 171 25.89 21.12 -34.85
N TRP C 172 24.97 21.04 -33.89
CA TRP C 172 25.24 20.45 -32.59
C TRP C 172 25.33 18.93 -32.69
N ASN C 173 25.63 18.30 -31.56
CA ASN C 173 25.53 16.85 -31.41
C ASN C 173 24.62 16.54 -30.24
N GLU C 174 24.63 15.28 -29.80
CA GLU C 174 23.75 14.86 -28.71
C GLU C 174 24.07 15.62 -27.43
N GLY C 175 25.35 15.84 -27.15
CA GLY C 175 25.77 16.45 -25.91
C GLY C 175 25.98 15.43 -24.81
N LEU C 176 26.51 15.92 -23.68
CA LEU C 176 26.74 15.09 -22.50
C LEU C 176 25.44 14.40 -22.10
N SER C 177 25.35 13.10 -22.38
CA SER C 177 24.06 12.42 -22.39
C SER C 177 23.32 12.55 -21.07
N LEU C 178 24.06 12.45 -19.96
CA LEU C 178 23.41 12.38 -18.67
C LEU C 178 22.68 13.66 -18.33
N PHE C 179 22.97 14.76 -19.04
CA PHE C 179 22.19 15.98 -18.83
C PHE C 179 20.79 15.84 -19.39
N LYS C 180 20.67 15.24 -20.59
CA LYS C 180 19.38 14.80 -21.07
C LYS C 180 18.67 13.94 -20.03
N LEU C 181 19.32 12.87 -19.55
CA LEU C 181 18.62 12.05 -18.56
C LEU C 181 18.24 12.86 -17.32
N HIS C 182 19.03 13.87 -16.98
CA HIS C 182 18.70 14.75 -15.86
C HIS C 182 17.37 15.47 -16.11
N LYS C 183 17.27 16.21 -17.22
CA LYS C 183 16.05 16.94 -17.51
C LYS C 183 14.87 16.00 -17.59
N GLU C 184 15.05 14.87 -18.26
CA GLU C 184 13.98 13.88 -18.39
C GLU C 184 13.41 13.47 -17.04
N LEU C 185 14.28 13.01 -16.14
CA LEU C 185 13.77 12.62 -14.84
C LEU C 185 13.19 13.81 -14.07
N LYS C 186 13.54 15.05 -14.44
CA LYS C 186 12.97 16.19 -13.72
C LYS C 186 11.44 16.22 -13.84
N ARG C 187 10.91 15.85 -15.02
CA ARG C 187 9.49 15.93 -15.29
C ARG C 187 8.77 14.60 -15.08
N ALA C 188 9.39 13.67 -14.38
CA ALA C 188 8.67 12.46 -14.04
C ALA C 188 7.84 12.71 -12.80
N PRO C 189 6.73 11.96 -12.65
CA PRO C 189 5.84 12.18 -11.50
C PRO C 189 6.61 12.16 -10.18
N SER C 190 6.04 12.85 -9.19
CA SER C 190 6.68 12.98 -7.89
C SER C 190 7.08 11.62 -7.32
N GLU C 191 6.17 10.65 -7.39
CA GLU C 191 6.45 9.29 -6.88
C GLU C 191 7.73 8.74 -7.49
N ALA C 192 7.73 8.51 -8.79
CA ALA C 192 8.82 7.83 -9.47
C ALA C 192 9.89 8.76 -9.99
N ARG C 193 10.14 9.88 -9.31
CA ARG C 193 11.20 10.80 -9.73
C ARG C 193 12.44 10.64 -8.86
N ASP C 194 12.31 10.87 -7.55
CA ASP C 194 13.46 10.77 -6.66
C ASP C 194 14.11 9.39 -6.73
N LEU C 195 13.30 8.35 -6.96
CA LEU C 195 13.83 7.02 -7.12
C LEU C 195 14.85 6.99 -8.25
N MET C 196 14.40 7.26 -9.47
CA MET C 196 15.31 7.20 -10.62
C MET C 196 16.45 8.20 -10.48
N GLN C 197 16.22 9.33 -9.84
CA GLN C 197 17.32 10.28 -9.68
C GLN C 197 18.39 9.71 -8.77
N SER C 198 17.99 8.97 -7.74
CA SER C 198 18.98 8.38 -6.84
C SER C 198 19.65 7.17 -7.47
N LEU C 199 18.89 6.34 -8.18
CA LEU C 199 19.50 5.21 -8.87
C LEU C 199 20.46 5.66 -9.97
N PHE C 200 20.17 6.76 -10.65
CA PHE C 200 20.83 7.02 -11.92
C PHE C 200 21.72 8.25 -11.94
N LEU C 201 21.39 9.31 -11.20
CA LEU C 201 22.16 10.56 -11.24
C LEU C 201 22.67 10.99 -9.88
N THR C 202 22.80 10.07 -8.94
CA THR C 202 23.33 10.40 -7.61
C THR C 202 24.35 9.33 -7.25
N SER C 203 25.60 9.57 -7.60
CA SER C 203 26.65 8.65 -7.21
C SER C 203 27.27 9.18 -5.94
N GLY C 204 27.62 8.28 -5.05
CA GLY C 204 28.33 8.65 -3.85
C GLY C 204 29.82 8.47 -3.93
N LYS C 205 30.36 7.99 -5.06
CA LYS C 205 31.76 7.62 -5.14
C LYS C 205 32.67 8.75 -4.72
N MET C 206 32.22 9.99 -4.84
CA MET C 206 32.99 11.18 -4.52
C MET C 206 32.37 11.99 -3.39
N GLY C 207 31.42 11.41 -2.68
CA GLY C 207 31.06 11.90 -1.38
C GLY C 207 30.10 13.07 -1.36
N CYS C 208 30.12 13.75 -0.21
CA CYS C 208 29.16 14.79 0.13
C CYS C 208 29.39 16.07 -0.65
N LEU C 209 28.38 16.94 -0.58
CA LEU C 209 28.39 18.30 -1.06
C LEU C 209 28.46 19.25 0.13
N ALA C 210 28.79 20.49 -0.16
CA ALA C 210 28.85 21.57 0.81
C ALA C 210 27.67 22.50 0.61
N ARG C 211 27.21 23.08 1.71
CA ARG C 211 26.14 24.06 1.57
C ARG C 211 26.63 25.30 0.84
N SER C 212 27.92 25.60 0.98
CA SER C 212 28.59 26.73 0.37
C SER C 212 30.06 26.38 0.24
N PRO C 213 30.65 26.51 -0.96
CA PRO C 213 32.07 26.17 -1.11
C PRO C 213 33.03 27.14 -0.43
N LYS C 214 32.62 28.39 -0.21
CA LYS C 214 33.49 29.38 0.42
C LYS C 214 33.85 28.98 1.84
N ASP C 215 32.84 28.52 2.59
CA ASP C 215 33.08 28.05 3.95
C ASP C 215 33.98 26.82 3.94
N TYR C 216 33.70 25.87 3.05
CA TYR C 216 34.48 24.63 3.03
C TYR C 216 35.93 24.90 2.64
N CYS C 217 36.17 25.93 1.85
CA CYS C 217 37.55 26.31 1.57
C CYS C 217 38.18 27.05 2.73
N ALA C 218 37.41 27.84 3.49
CA ALA C 218 37.94 28.43 4.71
C ALA C 218 38.42 27.35 5.67
N ASP C 219 37.52 26.42 5.98
CA ASP C 219 37.85 25.26 6.81
C ASP C 219 39.04 24.51 6.25
N LEU C 220 39.13 24.40 4.91
CA LEU C 220 40.28 23.73 4.32
C LEU C 220 41.56 24.54 4.46
N ASN C 221 41.45 25.86 4.64
CA ASN C 221 42.63 26.69 4.82
C ASN C 221 43.21 26.55 6.21
N LYS C 222 42.33 26.41 7.23
CA LYS C 222 42.86 26.37 8.59
C LYS C 222 43.75 25.14 8.80
N GLU C 223 43.22 23.95 8.58
CA GLU C 223 44.05 22.75 8.64
C GLU C 223 44.98 22.66 7.43
N SER C 228 53.60 25.00 4.33
CA SER C 228 53.27 25.66 5.58
C SER C 228 51.85 26.21 5.55
N GLY C 229 51.74 27.54 5.55
CA GLY C 229 50.45 28.19 5.49
C GLY C 229 50.20 28.85 4.15
N PHE C 230 49.45 28.19 3.28
CA PHE C 230 48.97 28.74 2.01
C PHE C 230 47.47 28.99 2.15
N THR C 231 46.94 29.91 1.34
CA THR C 231 45.52 30.25 1.38
C THR C 231 44.88 30.12 0.01
N PHE C 232 43.78 29.36 -0.07
CA PHE C 232 43.08 29.13 -1.32
C PHE C 232 41.71 29.79 -1.27
N ASN C 233 41.14 30.07 -2.45
CA ASN C 233 39.86 30.76 -2.52
C ASN C 233 39.21 30.53 -3.88
N LEU C 234 37.90 30.29 -3.87
CA LEU C 234 37.17 30.00 -5.09
C LEU C 234 36.19 31.13 -5.39
N PHE C 235 35.94 31.35 -6.68
CA PHE C 235 34.99 32.38 -7.13
C PHE C 235 34.39 31.90 -8.45
N TYR C 236 33.21 31.30 -8.38
CA TYR C 236 32.49 30.87 -9.57
C TYR C 236 31.06 31.37 -9.51
N GLN C 237 30.42 31.46 -10.68
CA GLN C 237 28.99 31.75 -10.78
C GLN C 237 28.22 30.45 -10.91
N ASP C 238 27.37 30.19 -9.92
CA ASP C 238 26.53 28.99 -9.92
C ASP C 238 25.85 28.80 -11.27
N SER C 239 25.72 27.54 -11.68
CA SER C 239 25.21 27.25 -13.02
C SER C 239 24.93 25.77 -13.20
N LEU C 240 24.26 25.46 -14.31
CA LEU C 240 24.01 24.07 -14.69
C LEU C 240 25.30 23.31 -14.95
N LEU C 241 26.33 24.01 -15.40
CA LEU C 241 27.61 23.38 -15.67
C LEU C 241 28.60 23.53 -14.52
N THR C 242 28.24 24.23 -13.44
CA THR C 242 29.15 24.36 -12.30
C THR C 242 28.55 23.78 -11.02
N LYS C 243 27.72 22.75 -11.17
CA LYS C 243 27.14 22.12 -10.00
C LYS C 243 28.20 21.38 -9.20
N HIS C 244 29.26 20.93 -9.87
CA HIS C 244 30.26 20.09 -9.22
C HIS C 244 31.16 20.85 -8.28
N PHE C 245 31.19 22.17 -8.35
CA PHE C 245 32.02 22.88 -7.39
C PHE C 245 31.51 22.75 -5.96
N GLN C 246 30.29 22.23 -5.79
CA GLN C 246 29.75 22.00 -4.45
C GLN C 246 30.35 20.78 -3.78
N CYS C 247 30.94 19.85 -4.53
CA CYS C 247 31.38 18.58 -3.96
C CYS C 247 32.65 18.78 -3.15
N GLN C 248 32.58 18.46 -1.85
CA GLN C 248 33.71 18.65 -0.94
C GLN C 248 35.02 18.12 -1.53
N THR C 249 34.99 16.92 -2.11
CA THR C 249 36.20 16.36 -2.67
C THR C 249 36.65 17.14 -3.90
N VAL C 250 35.72 17.59 -4.73
CA VAL C 250 36.15 18.42 -5.85
C VAL C 250 36.92 19.62 -5.33
N LEU C 251 36.40 20.26 -4.30
CA LEU C 251 37.11 21.38 -3.71
C LEU C 251 38.47 20.97 -3.17
N GLN C 252 38.57 19.79 -2.56
CA GLN C 252 39.87 19.36 -2.06
C GLN C 252 40.86 19.13 -3.19
N THR C 253 40.45 18.36 -4.20
CA THR C 253 41.34 18.07 -5.34
C THR C 253 41.76 19.37 -6.01
N LEU C 254 40.77 20.21 -6.31
CA LEU C 254 41.03 21.53 -6.90
C LEU C 254 42.04 22.30 -6.08
N ARG C 255 41.84 22.37 -4.77
CA ARG C 255 42.76 23.12 -3.93
C ARG C 255 44.17 22.55 -4.03
N ARG C 256 44.29 21.22 -3.91
CA ARG C 256 45.61 20.59 -3.98
C ARG C 256 46.29 20.89 -5.31
N LYS C 257 45.53 20.71 -6.39
CA LYS C 257 46.04 20.89 -7.75
C LYS C 257 46.44 22.33 -8.04
N CYS C 258 45.66 23.32 -7.57
CA CYS C 258 46.00 24.71 -7.85
C CYS C 258 47.17 25.20 -6.99
N LEU C 259 47.24 24.73 -5.74
CA LEU C 259 48.35 25.14 -4.90
C LEU C 259 49.66 24.49 -5.29
N GLY C 260 49.64 23.29 -5.88
CA GLY C 260 50.91 22.62 -6.09
C GLY C 260 51.13 21.73 -7.30
N SER C 261 50.21 21.75 -8.27
CA SER C 261 50.39 20.97 -9.49
C SER C 261 51.42 21.64 -10.38
N ASP C 262 51.93 20.88 -11.33
CA ASP C 262 52.81 21.47 -12.32
C ASP C 262 52.03 21.71 -13.60
N THR C 263 52.44 22.75 -14.33
CA THR C 263 51.74 23.10 -15.54
C THR C 263 51.95 22.03 -16.61
N VAL C 264 51.11 22.05 -17.63
CA VAL C 264 51.29 21.18 -18.78
C VAL C 264 51.39 22.05 -20.02
N SER C 265 52.20 21.61 -20.98
CA SER C 265 52.36 22.32 -22.24
C SER C 265 51.21 22.00 -23.20
N LYS C 266 51.02 20.73 -23.50
CA LYS C 266 49.96 20.29 -24.39
C LYS C 266 49.12 19.22 -23.70
N ILE C 267 47.86 19.14 -24.11
CA ILE C 267 46.96 18.19 -23.48
C ILE C 267 47.24 16.76 -23.96
N ILE C 268 47.65 16.57 -25.21
CA ILE C 268 47.98 15.22 -25.67
C ILE C 268 49.47 15.09 -25.95
N SER D 12 -37.22 12.46 7.66
CA SER D 12 -38.46 13.25 7.63
C SER D 12 -39.67 12.35 7.91
N LEU D 13 -40.86 12.93 7.80
CA LEU D 13 -42.12 12.19 7.88
C LEU D 13 -42.82 12.12 6.51
N ARG D 14 -42.03 11.95 5.44
CA ARG D 14 -42.53 11.72 4.09
C ARG D 14 -42.62 10.22 3.79
N VAL D 15 -43.76 9.77 3.29
CA VAL D 15 -43.95 8.38 2.91
C VAL D 15 -44.44 8.35 1.47
N THR D 16 -43.71 7.65 0.60
CA THR D 16 -44.11 7.71 -0.81
C THR D 16 -44.44 6.33 -1.38
N PRO D 17 -45.49 6.25 -2.20
CA PRO D 17 -45.80 4.97 -2.85
C PRO D 17 -44.78 4.63 -3.92
N ARG D 18 -44.53 3.33 -4.07
CA ARG D 18 -43.47 2.86 -4.95
C ARG D 18 -43.91 1.53 -5.56
N LEU D 19 -43.19 1.13 -6.61
CA LEU D 19 -43.45 -0.13 -7.30
C LEU D 19 -44.93 -0.27 -7.65
N VAL D 20 -45.51 0.81 -8.18
CA VAL D 20 -46.92 0.84 -8.54
C VAL D 20 -47.15 0.08 -9.84
N LEU D 21 -48.01 -0.92 -9.80
CA LEU D 21 -48.38 -1.74 -10.96
C LEU D 21 -49.86 -2.08 -10.85
N GLU D 22 -50.48 -2.42 -11.97
CA GLU D 22 -51.85 -2.94 -11.95
C GLU D 22 -51.84 -4.45 -12.11
N VAL D 23 -52.80 -5.09 -11.43
CA VAL D 23 -52.87 -6.53 -11.31
C VAL D 23 -54.20 -7.01 -11.88
N ASN D 24 -54.12 -7.79 -12.96
CA ASN D 24 -55.25 -8.53 -13.53
C ASN D 24 -54.98 -10.02 -13.37
N ARG D 25 -55.98 -10.76 -12.90
CA ARG D 25 -55.88 -12.20 -12.82
C ARG D 25 -57.20 -12.80 -13.27
N HIS D 26 -57.16 -13.66 -14.28
CA HIS D 26 -58.33 -14.40 -14.69
C HIS D 26 -57.99 -15.89 -14.73
N ASN D 27 -58.99 -16.70 -14.45
CA ASN D 27 -58.82 -18.16 -14.40
C ASN D 27 -57.80 -18.43 -13.29
N ALA D 28 -56.84 -19.33 -13.49
CA ALA D 28 -55.74 -19.52 -12.56
C ALA D 28 -54.46 -18.83 -13.04
N ILE D 29 -54.61 -17.77 -13.82
CA ILE D 29 -53.48 -17.02 -14.36
C ILE D 29 -53.52 -15.63 -13.76
N CYS D 30 -52.42 -15.20 -13.18
CA CYS D 30 -52.30 -13.85 -12.67
C CYS D 30 -51.16 -13.13 -13.37
N VAL D 31 -51.32 -11.82 -13.54
CA VAL D 31 -50.40 -10.99 -14.31
C VAL D 31 -50.32 -9.60 -13.70
N ALA D 32 -49.11 -9.18 -13.39
CA ALA D 32 -48.80 -7.82 -12.94
C ALA D 32 -48.16 -7.05 -14.08
N THR D 33 -48.66 -5.84 -14.32
CA THR D 33 -48.31 -5.07 -15.52
C THR D 33 -48.30 -3.59 -15.17
N ASN D 34 -47.43 -2.83 -15.83
CA ASN D 34 -47.44 -1.38 -15.67
C ASN D 34 -48.51 -0.75 -16.58
N VAL D 35 -49.06 0.37 -16.13
CA VAL D 35 -49.88 1.18 -17.04
C VAL D 35 -48.97 1.75 -18.12
N PRO D 36 -49.36 1.75 -19.39
CA PRO D 36 -48.41 2.02 -20.47
C PRO D 36 -48.19 3.52 -20.64
N GLU D 37 -47.34 3.86 -21.62
CA GLU D 37 -47.08 5.26 -21.94
C GLU D 37 -48.26 5.87 -22.67
N PHE D 38 -48.70 7.05 -22.22
CA PHE D 38 -49.86 7.72 -22.77
C PHE D 38 -49.52 9.17 -23.09
N TYR D 39 -48.55 9.35 -23.98
CA TYR D 39 -48.16 10.69 -24.40
C TYR D 39 -47.63 10.61 -25.83
N ASN D 40 -47.13 11.73 -26.31
CA ASN D 40 -46.34 11.74 -27.54
C ASN D 40 -44.87 11.91 -27.18
N ALA D 41 -44.01 11.61 -28.16
CA ALA D 41 -42.56 11.68 -27.95
C ALA D 41 -42.15 13.02 -27.36
N ARG D 42 -42.79 14.11 -27.80
CA ARG D 42 -42.55 15.42 -27.20
C ARG D 42 -42.82 15.38 -25.69
N GLY D 43 -44.01 14.88 -25.31
CA GLY D 43 -44.38 14.68 -23.91
C GLY D 43 -45.76 15.20 -23.51
N ASP D 44 -46.76 15.10 -24.38
CA ASP D 44 -48.11 15.58 -24.11
C ASP D 44 -48.95 14.39 -23.69
N LEU D 45 -49.25 14.30 -22.40
CA LEU D 45 -50.00 13.16 -21.91
C LEU D 45 -51.36 13.08 -22.61
N ASN D 46 -51.62 11.93 -23.22
CA ASN D 46 -52.93 11.64 -23.78
C ASN D 46 -53.90 11.40 -22.64
N ILE D 47 -54.57 12.46 -22.20
CA ILE D 47 -55.55 12.37 -21.12
C ILE D 47 -56.75 11.54 -21.54
N ARG D 48 -57.16 11.62 -22.81
CA ARG D 48 -58.31 10.85 -23.27
C ARG D 48 -58.05 9.35 -23.20
N ASP D 49 -56.93 8.90 -23.76
CA ASP D 49 -56.61 7.48 -23.70
C ASP D 49 -56.44 7.00 -22.27
N LEU D 50 -55.80 7.81 -21.42
CA LEU D 50 -55.56 7.40 -20.03
C LEU D 50 -56.87 7.25 -19.28
N ARG D 51 -57.65 8.33 -19.21
CA ARG D 51 -58.97 8.29 -18.60
C ARG D 51 -59.80 7.14 -19.15
N ALA D 52 -59.70 6.91 -20.47
CA ALA D 52 -60.40 5.79 -21.11
C ALA D 52 -59.93 4.46 -20.55
N HIS D 53 -58.61 4.34 -20.36
CA HIS D 53 -57.99 3.11 -19.88
C HIS D 53 -58.37 2.80 -18.45
N VAL D 54 -58.45 3.83 -17.59
CA VAL D 54 -58.77 3.55 -16.19
C VAL D 54 -60.26 3.31 -16.03
N LYS D 55 -61.09 4.05 -16.77
CA LYS D 55 -62.53 3.79 -16.69
C LYS D 55 -62.83 2.39 -17.20
N ALA D 56 -62.12 1.97 -18.26
CA ALA D 56 -62.27 0.61 -18.76
C ALA D 56 -61.75 -0.40 -17.76
N ARG D 57 -60.69 -0.05 -17.03
CA ARG D 57 -60.09 -0.98 -16.09
C ARG D 57 -60.96 -1.18 -14.85
N MET D 58 -61.75 -0.17 -14.47
CA MET D 58 -62.65 -0.35 -13.36
C MET D 58 -63.66 -1.46 -13.62
N ILE D 59 -64.17 -1.54 -14.85
CA ILE D 59 -65.24 -2.47 -15.20
C ILE D 59 -64.72 -3.89 -15.38
N SER D 60 -63.39 -4.06 -15.52
CA SER D 60 -62.81 -5.37 -15.77
C SER D 60 -63.20 -6.37 -14.70
N SER D 61 -63.78 -7.49 -15.13
CA SER D 61 -64.11 -8.57 -14.22
C SER D 61 -62.89 -9.03 -13.44
N GLN D 62 -61.70 -8.98 -14.06
CA GLN D 62 -60.49 -9.54 -13.50
C GLN D 62 -59.44 -8.49 -13.13
N PHE D 63 -59.77 -7.21 -13.23
CA PHE D 63 -58.82 -6.19 -12.77
C PHE D 63 -58.84 -6.18 -11.25
N CYS D 64 -57.84 -6.81 -10.64
CA CYS D 64 -57.81 -6.92 -9.19
C CYS D 64 -57.43 -5.61 -8.53
N GLY D 65 -56.51 -4.85 -9.12
CA GLY D 65 -56.31 -3.53 -8.52
C GLY D 65 -54.92 -3.01 -8.79
N TYR D 66 -54.43 -2.19 -7.86
CA TYR D 66 -53.11 -1.57 -8.00
C TYR D 66 -52.22 -2.05 -6.85
N VAL D 67 -51.20 -2.84 -7.17
CA VAL D 67 -50.13 -3.11 -6.22
C VAL D 67 -49.30 -1.84 -5.99
N LEU D 68 -48.96 -1.57 -4.73
CA LEU D 68 -47.97 -0.55 -4.40
C LEU D 68 -47.39 -0.79 -3.00
N VAL D 69 -46.28 -0.11 -2.72
CA VAL D 69 -45.51 -0.29 -1.48
C VAL D 69 -45.17 1.09 -0.92
N SER D 70 -45.63 1.39 0.28
CA SER D 70 -45.22 2.64 0.94
C SER D 70 -43.79 2.52 1.41
N LEU D 71 -42.90 3.36 0.88
CA LEU D 71 -41.50 3.35 1.31
C LEU D 71 -41.12 4.69 1.93
N LEU D 72 -40.16 4.63 2.84
CA LEU D 72 -39.58 5.79 3.49
C LEU D 72 -38.25 6.12 2.83
N ASP D 73 -37.87 7.39 2.86
CA ASP D 73 -36.71 7.83 2.09
C ASP D 73 -35.50 6.94 2.33
N SER D 74 -35.12 6.76 3.60
CA SER D 74 -33.92 5.99 3.91
C SER D 74 -34.02 4.53 3.50
N GLU D 75 -35.23 4.02 3.25
CA GLU D 75 -35.32 2.63 2.86
C GLU D 75 -35.03 2.42 1.39
N ASP D 76 -35.18 3.46 0.58
CA ASP D 76 -35.12 3.37 -0.89
C ASP D 76 -33.73 3.80 -1.37
N GLN D 77 -32.80 2.82 -1.44
CA GLN D 77 -31.45 3.04 -1.93
C GLN D 77 -31.32 2.77 -3.42
N VAL D 78 -32.36 3.04 -4.22
CA VAL D 78 -32.33 2.87 -5.67
C VAL D 78 -32.23 1.40 -6.06
N ASP D 79 -31.04 0.82 -5.93
CA ASP D 79 -30.83 -0.55 -6.38
C ASP D 79 -31.18 -1.60 -5.34
N HIS D 80 -31.24 -1.22 -4.06
CA HIS D 80 -31.51 -2.15 -2.98
C HIS D 80 -32.38 -1.46 -1.93
N LEU D 81 -33.15 -2.28 -1.21
CA LEU D 81 -34.01 -1.75 -0.17
C LEU D 81 -33.33 -1.90 1.20
N ASN D 82 -33.51 -0.89 2.04
CA ASN D 82 -33.02 -0.96 3.39
C ASN D 82 -34.20 -1.15 4.33
N ILE D 83 -34.87 -2.30 4.22
CA ILE D 83 -36.08 -2.59 4.97
C ILE D 83 -36.07 -4.07 5.33
N PHE D 84 -36.79 -4.42 6.49
CA PHE D 84 -36.72 -5.88 6.59
C PHE D 84 -37.89 -6.52 5.88
N PRO D 85 -37.67 -7.69 5.28
CA PRO D 85 -38.72 -8.34 4.49
C PRO D 85 -40.07 -8.43 5.17
N HIS D 86 -40.11 -8.72 6.48
CA HIS D 86 -41.40 -8.75 7.13
C HIS D 86 -42.08 -7.37 7.04
N VAL D 87 -41.29 -6.31 7.15
CA VAL D 87 -41.89 -4.99 7.06
C VAL D 87 -42.19 -4.60 5.61
N PHE D 88 -41.38 -5.03 4.66
CA PHE D 88 -41.68 -4.71 3.26
C PHE D 88 -43.00 -5.33 2.86
N SER D 89 -43.15 -6.64 3.09
CA SER D 89 -44.44 -7.29 2.87
C SER D 89 -45.54 -6.57 3.62
N GLU D 90 -45.25 -6.16 4.85
CA GLU D 90 -46.26 -5.42 5.61
C GLU D 90 -46.67 -4.13 4.91
N ARG D 91 -45.74 -3.49 4.20
CA ARG D 91 -46.00 -2.18 3.61
C ARG D 91 -46.79 -2.26 2.33
N MET D 92 -46.65 -3.36 1.60
CA MET D 92 -47.18 -3.48 0.24
C MET D 92 -48.65 -3.89 0.26
N ILE D 93 -49.47 -3.17 -0.51
CA ILE D 93 -50.91 -3.38 -0.50
C ILE D 93 -51.42 -3.43 -1.94
N LEU D 94 -52.67 -3.87 -2.04
CA LEU D 94 -53.39 -3.99 -3.29
C LEU D 94 -54.63 -3.12 -3.17
N TYR D 95 -54.73 -2.11 -4.02
CA TYR D 95 -55.58 -0.95 -3.80
C TYR D 95 -56.51 -0.81 -4.98
N LYS D 96 -57.83 -0.87 -4.72
CA LYS D 96 -58.85 -0.69 -5.75
C LYS D 96 -59.87 0.31 -5.21
N PRO D 97 -59.72 1.59 -5.51
CA PRO D 97 -60.69 2.58 -5.04
C PRO D 97 -61.96 2.54 -5.87
N ASN D 98 -63.04 3.03 -5.27
CA ASN D 98 -64.34 2.93 -5.92
C ASN D 98 -64.57 4.02 -6.96
N ASN D 99 -63.64 4.95 -7.16
CA ASN D 99 -63.81 6.05 -8.10
C ASN D 99 -62.61 6.14 -9.04
N VAL D 100 -62.84 6.76 -10.21
CA VAL D 100 -61.86 6.78 -11.28
C VAL D 100 -60.72 7.76 -11.02
N ASN D 101 -60.93 8.77 -10.17
CA ASN D 101 -59.90 9.79 -10.00
C ASN D 101 -58.71 9.25 -9.24
N LEU D 102 -58.96 8.57 -8.12
CA LEU D 102 -57.89 7.86 -7.43
C LEU D 102 -57.25 6.84 -8.36
N MET D 103 -58.05 6.11 -9.12
CA MET D 103 -57.51 5.12 -10.04
C MET D 103 -56.52 5.76 -11.01
N GLU D 104 -56.86 6.93 -11.56
CA GLU D 104 -55.99 7.61 -12.52
C GLU D 104 -54.72 8.13 -11.85
N MET D 105 -54.82 8.58 -10.59
CA MET D 105 -53.59 8.94 -9.88
C MET D 105 -52.65 7.73 -9.75
N CYS D 106 -53.20 6.56 -9.39
CA CYS D 106 -52.34 5.36 -9.30
C CYS D 106 -51.75 5.01 -10.66
N ALA D 107 -52.55 5.15 -11.72
CA ALA D 107 -52.03 4.97 -13.06
C ALA D 107 -50.83 5.89 -13.30
N LEU D 108 -51.02 7.18 -13.07
CA LEU D 108 -49.94 8.14 -13.36
C LEU D 108 -48.68 7.80 -12.56
N LEU D 109 -48.82 7.40 -11.30
CA LEU D 109 -47.67 6.89 -10.54
C LEU D 109 -46.94 5.79 -11.31
N SER D 110 -47.67 4.71 -11.69
CA SER D 110 -47.03 3.59 -12.39
C SER D 110 -46.37 4.03 -13.71
N MET D 111 -46.95 5.02 -14.38
CA MET D 111 -46.30 5.56 -15.57
C MET D 111 -44.95 6.14 -15.22
N ILE D 112 -44.95 7.08 -14.26
CA ILE D 112 -43.70 7.75 -13.87
C ILE D 112 -42.62 6.73 -13.52
N GLU D 113 -43.00 5.66 -12.81
CA GLU D 113 -42.02 4.65 -12.46
C GLU D 113 -41.50 3.94 -13.70
N ASN D 114 -42.38 3.65 -14.67
CA ASN D 114 -41.98 2.84 -15.81
C ASN D 114 -41.64 3.66 -17.06
N ALA D 115 -41.63 4.99 -16.95
CA ALA D 115 -41.23 5.83 -18.07
C ALA D 115 -39.75 5.65 -18.37
N LYS D 116 -39.44 5.18 -19.59
CA LYS D 116 -38.04 5.03 -20.00
C LYS D 116 -37.30 6.36 -19.94
N SER D 117 -37.71 7.34 -20.74
CA SER D 117 -36.94 8.58 -20.90
C SER D 117 -37.83 9.80 -20.81
N PRO D 118 -38.14 10.25 -19.59
CA PRO D 118 -39.09 11.36 -19.43
C PRO D 118 -38.42 12.70 -19.64
N SER D 119 -39.22 13.66 -20.14
CA SER D 119 -38.80 15.03 -20.42
C SER D 119 -39.37 15.98 -19.37
N ILE D 120 -38.80 17.18 -19.30
CA ILE D 120 -39.30 18.20 -18.35
C ILE D 120 -40.75 18.58 -18.65
N GLY D 121 -41.09 18.71 -19.94
CA GLY D 121 -42.46 19.04 -20.28
C GLY D 121 -43.44 17.96 -19.82
N LEU D 122 -43.06 16.69 -19.99
CA LEU D 122 -43.93 15.60 -19.56
C LEU D 122 -44.14 15.63 -18.06
N CYS D 123 -43.08 15.92 -17.30
CA CYS D 123 -43.22 16.04 -15.87
C CYS D 123 -44.22 17.14 -15.51
N ARG D 124 -44.11 18.31 -16.14
CA ARG D 124 -45.06 19.36 -15.80
C ARG D 124 -46.49 18.96 -16.18
N GLU D 125 -46.64 18.19 -17.29
CA GLU D 125 -47.95 17.65 -17.70
C GLU D 125 -48.56 16.77 -16.62
N VAL D 126 -47.77 15.81 -16.10
CA VAL D 126 -48.25 14.89 -15.09
C VAL D 126 -48.47 15.59 -13.76
N LEU D 127 -47.61 16.54 -13.39
CA LEU D 127 -47.84 17.26 -12.13
C LEU D 127 -49.13 18.05 -12.19
N GLY D 128 -49.40 18.70 -13.32
CA GLY D 128 -50.66 19.41 -13.47
C GLY D 128 -51.87 18.50 -13.45
N ARG D 129 -51.78 17.37 -14.15
CA ARG D 129 -52.89 16.44 -14.14
C ARG D 129 -53.16 15.95 -12.72
N LEU D 130 -52.09 15.54 -12.02
CA LEU D 130 -52.20 15.02 -10.67
C LEU D 130 -52.81 16.06 -9.74
N THR D 131 -52.33 17.32 -9.82
CA THR D 131 -52.95 18.33 -8.97
C THR D 131 -54.42 18.59 -9.34
N LEU D 132 -54.82 18.32 -10.59
CA LEU D 132 -56.26 18.31 -10.89
C LEU D 132 -56.96 17.23 -10.09
N LEU D 133 -56.48 15.99 -10.21
CA LEU D 133 -57.13 14.89 -9.53
C LEU D 133 -57.22 15.15 -8.04
N HIS D 134 -56.15 15.69 -7.45
CA HIS D 134 -56.17 15.97 -6.02
C HIS D 134 -57.04 17.19 -5.70
N SER D 135 -57.35 18.02 -6.70
CA SER D 135 -58.30 19.09 -6.44
C SER D 135 -59.72 18.58 -6.39
N LYS D 136 -60.07 17.65 -7.30
CA LYS D 136 -61.41 17.08 -7.27
C LYS D 136 -61.61 16.16 -6.06
N CYS D 137 -60.61 15.34 -5.72
CA CYS D 137 -60.79 14.32 -4.69
C CYS D 137 -60.80 14.92 -3.29
N ASN D 138 -59.71 15.61 -2.91
CA ASN D 138 -59.68 16.43 -1.70
C ASN D 138 -59.64 15.57 -0.42
N ASN D 139 -59.01 14.40 -0.50
CA ASN D 139 -59.02 13.48 0.62
C ASN D 139 -57.62 12.93 0.88
N LEU D 140 -57.46 12.25 2.03
CA LEU D 140 -56.15 11.77 2.46
C LEU D 140 -55.50 10.86 1.43
N ASP D 141 -56.29 10.08 0.70
CA ASP D 141 -55.73 9.20 -0.31
C ASP D 141 -55.16 9.99 -1.47
N SER D 142 -55.90 11.01 -1.92
CA SER D 142 -55.37 11.85 -3.00
C SER D 142 -54.14 12.63 -2.53
N LEU D 143 -54.14 13.13 -1.29
CA LEU D 143 -53.01 13.89 -0.81
C LEU D 143 -51.76 13.03 -0.70
N PHE D 144 -51.93 11.77 -0.27
CA PHE D 144 -50.81 10.83 -0.23
C PHE D 144 -50.29 10.48 -1.62
N LEU D 145 -51.18 10.12 -2.54
CA LEU D 145 -50.75 9.74 -3.89
C LEU D 145 -50.14 10.92 -4.66
N TYR D 146 -50.74 12.11 -4.55
CA TYR D 146 -50.20 13.33 -5.16
C TYR D 146 -48.81 13.65 -4.61
N ASN D 147 -48.71 13.88 -3.29
CA ASN D 147 -47.42 14.11 -2.63
C ASN D 147 -46.33 13.13 -3.10
N GLY D 148 -46.65 11.82 -3.07
CA GLY D 148 -45.67 10.85 -3.53
C GLY D 148 -45.33 11.00 -5.01
N ALA D 149 -46.34 11.27 -5.84
CA ALA D 149 -46.08 11.37 -7.26
C ALA D 149 -45.16 12.54 -7.56
N ARG D 150 -45.45 13.70 -6.94
CA ARG D 150 -44.52 14.82 -6.97
C ARG D 150 -43.12 14.44 -6.52
N THR D 151 -43.02 13.57 -5.52
CA THR D 151 -41.70 13.11 -5.09
C THR D 151 -41.01 12.31 -6.18
N LEU D 152 -41.74 11.44 -6.86
CA LEU D 152 -41.13 10.66 -7.95
C LEU D 152 -40.64 11.57 -9.06
N LEU D 153 -41.55 12.39 -9.60
CA LEU D 153 -41.19 13.37 -10.63
C LEU D 153 -39.96 14.15 -10.20
N SER D 154 -39.95 14.62 -8.96
CA SER D 154 -38.83 15.42 -8.48
C SER D 154 -37.53 14.63 -8.43
N THR D 155 -37.59 13.32 -8.15
CA THR D 155 -36.32 12.58 -8.17
C THR D 155 -35.82 12.41 -9.60
N LEU D 156 -36.73 12.40 -10.57
CA LEU D 156 -36.29 12.20 -11.94
C LEU D 156 -35.77 13.48 -12.57
N VAL D 157 -36.35 14.62 -12.19
CA VAL D 157 -35.90 15.88 -12.78
C VAL D 157 -34.74 16.43 -12.01
N LYS D 158 -34.62 16.06 -10.73
CA LYS D 158 -33.38 16.31 -10.01
C LYS D 158 -32.28 15.40 -10.53
N TYR D 159 -32.57 14.10 -10.63
CA TYR D 159 -31.56 13.10 -10.93
C TYR D 159 -30.97 13.27 -12.32
N HIS D 160 -31.82 13.39 -13.33
CA HIS D 160 -31.43 13.53 -14.73
C HIS D 160 -31.19 14.99 -15.14
N ASP D 161 -31.28 15.94 -14.22
CA ASP D 161 -31.03 17.35 -14.52
C ASP D 161 -31.97 17.84 -15.63
N LEU D 162 -33.25 17.58 -15.49
CA LEU D 162 -34.17 17.95 -16.55
C LEU D 162 -34.47 19.44 -16.56
N GLU D 163 -34.26 20.14 -15.46
CA GLU D 163 -34.43 21.59 -15.50
C GLU D 163 -33.28 22.30 -16.20
N GLU D 164 -32.17 21.60 -16.44
CA GLU D 164 -30.95 22.13 -17.06
C GLU D 164 -30.34 23.29 -16.26
N GLY D 165 -30.44 23.22 -14.94
CA GLY D 165 -29.80 24.20 -14.08
C GLY D 165 -30.42 25.58 -14.13
N ALA D 166 -31.70 25.69 -14.46
CA ALA D 166 -32.38 26.97 -14.40
C ALA D 166 -32.69 27.32 -12.95
N ALA D 167 -32.22 28.47 -12.49
CA ALA D 167 -32.55 28.97 -11.16
C ALA D 167 -33.88 29.68 -11.12
N THR D 168 -34.75 29.37 -12.05
CA THR D 168 -36.09 29.90 -12.04
C THR D 168 -36.96 29.06 -11.11
N PRO D 169 -37.90 29.68 -10.39
CA PRO D 169 -38.70 28.92 -9.42
C PRO D 169 -39.39 27.75 -10.09
N GLY D 170 -39.39 26.63 -9.40
CA GLY D 170 -40.00 25.43 -9.91
C GLY D 170 -40.96 24.85 -8.90
N PRO D 171 -41.93 24.08 -9.38
CA PRO D 171 -42.83 23.38 -8.48
C PRO D 171 -42.18 22.19 -7.76
N TRP D 172 -41.03 21.72 -8.22
CA TRP D 172 -40.48 20.50 -7.68
C TRP D 172 -40.00 20.67 -6.25
N ASN D 173 -39.69 19.53 -5.62
CA ASN D 173 -38.96 19.45 -4.36
C ASN D 173 -37.82 18.47 -4.53
N GLU D 174 -37.18 18.05 -3.45
CA GLU D 174 -35.86 17.43 -3.60
C GLU D 174 -35.90 15.97 -4.05
N GLY D 175 -37.06 15.32 -3.99
CA GLY D 175 -37.13 13.93 -4.38
C GLY D 175 -36.71 12.98 -3.27
N LEU D 176 -36.76 11.69 -3.60
CA LEU D 176 -36.31 10.65 -2.69
C LEU D 176 -34.84 10.86 -2.34
N SER D 177 -34.59 11.08 -1.05
CA SER D 177 -33.30 11.60 -0.60
C SER D 177 -32.16 10.76 -1.09
N LEU D 178 -32.23 9.44 -0.92
CA LEU D 178 -31.04 8.68 -1.22
C LEU D 178 -30.65 8.71 -2.70
N PHE D 179 -31.52 9.19 -3.59
CA PHE D 179 -31.18 9.27 -5.00
C PHE D 179 -30.16 10.37 -5.29
N LYS D 180 -30.14 11.43 -4.47
CA LYS D 180 -29.08 12.41 -4.58
C LYS D 180 -27.71 11.80 -4.21
N LEU D 181 -27.68 10.96 -3.18
CA LEU D 181 -26.42 10.30 -2.87
C LEU D 181 -26.08 9.31 -3.95
N HIS D 182 -27.06 8.57 -4.47
CA HIS D 182 -26.81 7.67 -5.58
C HIS D 182 -26.14 8.41 -6.73
N LYS D 183 -26.73 9.55 -7.13
CA LYS D 183 -26.14 10.34 -8.20
C LYS D 183 -24.72 10.76 -7.84
N GLU D 184 -24.55 11.39 -6.68
CA GLU D 184 -23.31 12.05 -6.35
C GLU D 184 -22.15 11.06 -6.31
N LEU D 185 -22.30 9.93 -5.62
CA LEU D 185 -21.15 9.04 -5.57
C LEU D 185 -21.13 8.07 -6.73
N LYS D 186 -22.06 8.18 -7.68
CA LYS D 186 -21.86 7.49 -8.94
C LYS D 186 -20.67 8.04 -9.71
N ARG D 187 -20.36 9.33 -9.52
CA ARG D 187 -19.27 10.00 -10.24
C ARG D 187 -18.05 10.27 -9.36
N ALA D 188 -17.99 9.66 -8.18
CA ALA D 188 -16.77 9.66 -7.43
C ALA D 188 -15.74 8.79 -8.15
N PRO D 189 -14.45 9.01 -7.90
CA PRO D 189 -13.43 8.23 -8.59
C PRO D 189 -13.59 6.76 -8.27
N SER D 190 -12.96 5.94 -9.10
CA SER D 190 -13.24 4.50 -9.08
C SER D 190 -12.94 3.87 -7.72
N GLU D 191 -11.85 4.28 -7.07
CA GLU D 191 -11.54 3.71 -5.77
C GLU D 191 -12.66 3.98 -4.76
N ALA D 192 -12.98 5.26 -4.53
CA ALA D 192 -13.93 5.63 -3.48
C ALA D 192 -15.35 5.21 -3.79
N ARG D 193 -15.69 5.10 -5.08
CA ARG D 193 -17.06 4.82 -5.53
C ARG D 193 -17.56 3.47 -5.03
N ASP D 194 -16.79 2.41 -5.25
CA ASP D 194 -17.21 1.07 -4.90
C ASP D 194 -17.44 0.95 -3.39
N LEU D 195 -16.44 1.34 -2.60
CA LEU D 195 -16.57 1.28 -1.14
C LEU D 195 -17.77 2.08 -0.64
N MET D 196 -17.87 3.35 -1.08
CA MET D 196 -18.99 4.19 -0.65
C MET D 196 -20.34 3.57 -1.00
N GLN D 197 -20.50 3.11 -2.26
CA GLN D 197 -21.73 2.46 -2.69
C GLN D 197 -22.03 1.21 -1.88
N SER D 198 -20.98 0.48 -1.45
CA SER D 198 -21.19 -0.70 -0.62
C SER D 198 -21.63 -0.31 0.78
N LEU D 199 -21.02 0.75 1.32
CA LEU D 199 -21.29 1.12 2.69
C LEU D 199 -22.71 1.67 2.84
N PHE D 200 -23.10 2.54 1.90
CA PHE D 200 -24.32 3.33 2.03
C PHE D 200 -25.47 2.90 1.12
N LEU D 201 -25.23 2.19 0.02
CA LEU D 201 -26.26 1.96 -0.98
C LEU D 201 -26.45 0.49 -1.33
N THR D 202 -25.97 -0.42 -0.49
CA THR D 202 -26.20 -1.85 -0.70
C THR D 202 -26.61 -2.47 0.63
N SER D 203 -27.80 -2.11 1.11
CA SER D 203 -28.36 -2.86 2.21
C SER D 203 -28.49 -4.31 1.80
N GLY D 204 -28.62 -5.19 2.78
CA GLY D 204 -28.66 -6.60 2.47
C GLY D 204 -29.90 -7.27 3.00
N LYS D 205 -30.69 -6.54 3.79
CA LYS D 205 -31.74 -7.16 4.57
C LYS D 205 -32.78 -7.82 3.68
N MET D 206 -33.07 -7.20 2.54
CA MET D 206 -33.98 -7.74 1.55
C MET D 206 -33.36 -8.81 0.67
N GLY D 207 -32.06 -9.02 0.78
CA GLY D 207 -31.43 -10.18 0.16
C GLY D 207 -30.95 -9.99 -1.27
N CYS D 208 -30.78 -11.12 -1.94
CA CYS D 208 -30.17 -11.13 -3.26
C CYS D 208 -31.13 -10.69 -4.35
N LEU D 209 -30.54 -10.34 -5.49
CA LEU D 209 -31.20 -9.96 -6.73
C LEU D 209 -31.07 -11.09 -7.75
N ALA D 210 -31.75 -10.92 -8.87
CA ALA D 210 -31.79 -11.94 -9.91
C ALA D 210 -31.33 -11.34 -11.24
N ARG D 211 -30.64 -12.15 -12.05
CA ARG D 211 -30.25 -11.66 -13.37
C ARG D 211 -31.48 -11.31 -14.21
N SER D 212 -32.57 -12.07 -14.05
CA SER D 212 -33.78 -11.84 -14.84
C SER D 212 -35.04 -12.11 -14.03
N PRO D 213 -35.82 -11.08 -13.69
CA PRO D 213 -37.08 -11.31 -12.96
C PRO D 213 -38.01 -12.34 -13.57
N LYS D 214 -38.06 -12.45 -14.91
CA LYS D 214 -39.02 -13.37 -15.51
C LYS D 214 -38.58 -14.81 -15.34
N ASP D 215 -37.28 -15.09 -15.51
CA ASP D 215 -36.77 -16.41 -15.15
C ASP D 215 -37.15 -16.76 -13.72
N TYR D 216 -36.96 -15.81 -12.80
CA TYR D 216 -37.22 -16.08 -11.40
C TYR D 216 -38.71 -16.34 -11.18
N CYS D 217 -39.56 -15.61 -11.89
CA CYS D 217 -41.00 -15.84 -11.74
C CYS D 217 -41.40 -17.18 -12.34
N ALA D 218 -40.70 -17.64 -13.37
CA ALA D 218 -40.87 -19.01 -13.82
C ALA D 218 -40.37 -20.02 -12.79
N ASP D 219 -39.47 -19.62 -11.89
CA ASP D 219 -39.09 -20.49 -10.78
C ASP D 219 -40.16 -20.53 -9.69
N LEU D 220 -40.77 -19.37 -9.40
CA LEU D 220 -41.80 -19.31 -8.38
C LEU D 220 -43.13 -19.86 -8.84
N ASN D 221 -43.31 -20.03 -10.16
CA ASN D 221 -44.50 -20.66 -10.69
C ASN D 221 -44.43 -22.18 -10.60
N LYS D 222 -43.22 -22.75 -10.68
CA LYS D 222 -43.03 -24.19 -10.65
C LYS D 222 -43.06 -24.78 -9.24
N GLU D 223 -43.14 -23.93 -8.22
CA GLU D 223 -43.14 -24.32 -6.81
C GLU D 223 -41.79 -24.92 -6.45
N SER D 228 -49.57 -27.17 -5.40
CA SER D 228 -50.02 -26.67 -6.70
C SER D 228 -50.72 -25.31 -6.53
N GLY D 229 -50.85 -24.57 -7.64
CA GLY D 229 -51.49 -23.26 -7.61
C GLY D 229 -51.61 -22.57 -8.95
N PHE D 230 -51.31 -21.28 -8.99
CA PHE D 230 -51.53 -20.47 -10.18
C PHE D 230 -50.18 -20.03 -10.75
N THR D 231 -50.24 -19.37 -11.90
CA THR D 231 -49.06 -18.83 -12.58
C THR D 231 -49.13 -17.31 -12.58
N PHE D 232 -48.30 -16.68 -11.75
CA PHE D 232 -48.20 -15.24 -11.66
C PHE D 232 -47.03 -14.79 -12.52
N ASN D 233 -47.30 -13.92 -13.49
CA ASN D 233 -46.30 -13.40 -14.41
C ASN D 233 -46.17 -11.89 -14.24
N LEU D 234 -44.94 -11.38 -14.39
CA LEU D 234 -44.62 -9.96 -14.22
C LEU D 234 -44.19 -9.36 -15.55
N PHE D 235 -44.56 -8.09 -15.78
CA PHE D 235 -44.08 -7.29 -16.91
C PHE D 235 -43.92 -5.84 -16.48
N TYR D 236 -42.78 -5.23 -16.80
CA TYR D 236 -42.55 -3.80 -16.55
C TYR D 236 -41.48 -3.33 -17.53
N GLN D 237 -41.15 -2.05 -17.45
CA GLN D 237 -40.09 -1.47 -18.28
C GLN D 237 -38.93 -0.98 -17.39
N ASP D 238 -37.76 -1.55 -17.61
CA ASP D 238 -36.64 -1.31 -16.71
C ASP D 238 -36.25 0.17 -16.68
N SER D 239 -36.29 0.77 -15.49
CA SER D 239 -36.15 2.20 -15.37
C SER D 239 -35.36 2.51 -14.12
N LEU D 240 -35.20 3.81 -13.85
CA LEU D 240 -34.53 4.22 -12.61
C LEU D 240 -35.33 3.81 -11.39
N LEU D 241 -36.65 3.93 -11.44
CA LEU D 241 -37.49 3.76 -10.28
C LEU D 241 -38.03 2.35 -10.17
N THR D 242 -37.91 1.54 -11.21
CA THR D 242 -38.34 0.14 -11.19
C THR D 242 -37.17 -0.82 -10.96
N LYS D 243 -36.09 -0.35 -10.35
CA LYS D 243 -34.94 -1.22 -10.16
C LYS D 243 -35.23 -2.29 -9.10
N HIS D 244 -36.04 -1.97 -8.10
CA HIS D 244 -36.31 -2.92 -7.03
C HIS D 244 -36.96 -4.20 -7.54
N PHE D 245 -37.49 -4.20 -8.76
CA PHE D 245 -38.08 -5.42 -9.28
C PHE D 245 -37.05 -6.50 -9.54
N GLN D 246 -35.75 -6.21 -9.36
CA GLN D 246 -34.74 -7.25 -9.50
C GLN D 246 -34.61 -8.11 -8.25
N CYS D 247 -35.06 -7.60 -7.10
CA CYS D 247 -34.92 -8.33 -5.85
C CYS D 247 -35.81 -9.56 -5.84
N GLN D 248 -35.22 -10.69 -5.47
CA GLN D 248 -35.96 -11.93 -5.35
C GLN D 248 -36.97 -11.88 -4.21
N THR D 249 -36.59 -11.30 -3.07
CA THR D 249 -37.56 -11.18 -1.99
C THR D 249 -38.70 -10.24 -2.38
N VAL D 250 -38.41 -9.20 -3.17
CA VAL D 250 -39.50 -8.39 -3.69
C VAL D 250 -40.42 -9.25 -4.54
N LEU D 251 -39.85 -10.04 -5.46
CA LEU D 251 -40.70 -10.86 -6.31
C LEU D 251 -41.54 -11.84 -5.52
N GLN D 252 -40.98 -12.44 -4.47
CA GLN D 252 -41.79 -13.35 -3.68
C GLN D 252 -42.96 -12.63 -3.02
N THR D 253 -42.72 -11.43 -2.48
CA THR D 253 -43.82 -10.68 -1.85
C THR D 253 -44.82 -10.16 -2.89
N LEU D 254 -44.35 -9.70 -4.05
CA LEU D 254 -45.24 -9.38 -5.16
C LEU D 254 -46.12 -10.57 -5.52
N ARG D 255 -45.51 -11.75 -5.70
CA ARG D 255 -46.31 -12.92 -6.03
C ARG D 255 -47.34 -13.19 -4.95
N ARG D 256 -46.87 -13.47 -3.72
CA ARG D 256 -47.77 -13.84 -2.64
C ARG D 256 -48.91 -12.85 -2.48
N LYS D 257 -48.61 -11.55 -2.60
CA LYS D 257 -49.61 -10.51 -2.40
C LYS D 257 -50.57 -10.36 -3.58
N CYS D 258 -50.11 -10.65 -4.79
CA CYS D 258 -50.98 -10.51 -5.96
C CYS D 258 -51.93 -11.69 -6.10
N LEU D 259 -51.45 -12.89 -5.79
CA LEU D 259 -52.37 -14.02 -5.80
C LEU D 259 -53.31 -13.96 -4.61
N GLY D 260 -52.76 -13.84 -3.40
CA GLY D 260 -53.55 -13.75 -2.18
C GLY D 260 -54.50 -12.58 -2.15
N SER D 261 -55.80 -12.86 -2.10
CA SER D 261 -56.84 -11.84 -2.25
C SER D 261 -57.01 -11.08 -0.93
N ASP D 262 -56.53 -9.84 -0.91
CA ASP D 262 -56.72 -8.96 0.24
C ASP D 262 -56.69 -7.53 -0.32
N THR D 263 -57.85 -7.05 -0.77
CA THR D 263 -57.97 -5.79 -1.50
C THR D 263 -58.55 -4.71 -0.61
N VAL D 264 -57.86 -3.57 -0.54
CA VAL D 264 -58.27 -2.43 0.29
C VAL D 264 -58.83 -1.34 -0.61
N SER D 265 -59.89 -0.69 -0.14
CA SER D 265 -60.50 0.43 -0.84
C SER D 265 -60.00 1.77 -0.32
N LYS D 266 -59.02 1.75 0.58
CA LYS D 266 -58.48 2.94 1.22
C LYS D 266 -57.03 2.70 1.54
N ILE D 267 -56.25 3.78 1.59
CA ILE D 267 -54.86 3.65 2.02
C ILE D 267 -54.74 4.26 3.40
N ILE D 268 -54.86 5.59 3.46
CA ILE D 268 -54.86 6.31 4.74
C ILE D 268 -56.31 6.34 5.22
N PRO D 269 -56.65 5.62 6.29
CA PRO D 269 -58.02 5.56 6.80
C PRO D 269 -58.31 6.63 7.85
N SER E 12 -9.17 -5.87 38.66
CA SER E 12 -9.55 -5.42 40.00
C SER E 12 -8.36 -4.76 40.70
N LEU E 13 -8.36 -4.77 42.05
CA LEU E 13 -7.23 -4.31 42.84
C LEU E 13 -6.68 -5.42 43.72
N ARG E 14 -6.23 -6.51 43.10
CA ARG E 14 -5.74 -7.68 43.80
C ARG E 14 -4.29 -7.96 43.43
N VAL E 15 -3.65 -8.76 44.28
CA VAL E 15 -2.21 -8.98 44.25
C VAL E 15 -1.97 -10.47 44.37
N THR E 16 -1.28 -11.06 43.38
CA THR E 16 -1.18 -12.51 43.53
C THR E 16 0.27 -12.98 43.56
N PRO E 17 0.55 -14.06 44.28
CA PRO E 17 1.92 -14.61 44.32
C PRO E 17 2.30 -15.31 43.03
N ARG E 18 3.54 -15.08 42.59
CA ARG E 18 4.02 -15.51 41.29
C ARG E 18 5.47 -15.96 41.37
N LEU E 19 5.86 -16.78 40.38
CA LEU E 19 7.22 -17.31 40.25
C LEU E 19 7.66 -18.09 41.48
N VAL E 20 6.76 -18.89 42.04
CA VAL E 20 7.02 -19.51 43.34
C VAL E 20 7.94 -20.70 43.17
N LEU E 21 9.04 -20.71 43.92
CA LEU E 21 9.98 -21.83 43.88
C LEU E 21 10.64 -21.98 45.24
N GLU E 22 11.03 -23.20 45.59
CA GLU E 22 11.69 -23.41 46.87
C GLU E 22 13.21 -23.32 46.75
N VAL E 23 13.84 -22.68 47.71
CA VAL E 23 15.28 -22.47 47.69
C VAL E 23 15.93 -23.32 48.76
N ASN E 24 17.07 -23.92 48.42
CA ASN E 24 17.85 -24.67 49.39
C ASN E 24 19.32 -24.30 49.20
N ARG E 25 20.01 -24.14 50.32
CA ARG E 25 21.44 -23.80 50.34
C ARG E 25 22.23 -24.97 50.90
N HIS E 26 23.24 -25.41 50.15
CA HIS E 26 24.11 -26.51 50.53
C HIS E 26 25.55 -26.01 50.44
N ASN E 27 26.11 -25.61 51.58
CA ASN E 27 27.41 -24.96 51.70
C ASN E 27 27.71 -23.99 50.55
N ALA E 28 28.47 -24.40 49.54
CA ALA E 28 28.88 -23.49 48.48
C ALA E 28 27.77 -23.26 47.45
N ILE E 29 26.92 -24.28 47.22
CA ILE E 29 25.90 -24.33 46.17
C ILE E 29 24.56 -23.87 46.71
N CYS E 30 23.72 -23.33 45.83
CA CYS E 30 22.38 -22.86 46.14
C CYS E 30 21.48 -23.08 44.94
N VAL E 31 20.28 -23.60 45.21
CA VAL E 31 19.42 -24.09 44.14
C VAL E 31 18.01 -23.62 44.40
N ALA E 32 17.39 -23.03 43.37
CA ALA E 32 15.96 -22.73 43.40
C ALA E 32 15.29 -23.76 42.52
N THR E 33 14.52 -24.64 43.14
CA THR E 33 13.89 -25.76 42.46
C THR E 33 12.39 -25.59 42.54
N ASN E 34 11.71 -26.05 41.51
CA ASN E 34 10.26 -26.06 41.53
C ASN E 34 9.77 -27.27 42.28
N VAL E 35 8.65 -27.11 42.98
CA VAL E 35 8.05 -28.25 43.69
C VAL E 35 7.81 -29.38 42.70
N PRO E 36 8.01 -30.64 43.06
CA PRO E 36 7.76 -31.75 42.13
C PRO E 36 6.29 -32.15 42.13
N GLU E 37 5.93 -32.95 41.13
CA GLU E 37 4.53 -33.23 40.85
C GLU E 37 4.02 -34.37 41.75
N PHE E 38 2.88 -34.15 42.39
CA PHE E 38 2.27 -35.14 43.28
C PHE E 38 0.93 -35.58 42.67
N TYR E 39 1.02 -36.41 41.64
CA TYR E 39 -0.15 -36.76 40.85
C TYR E 39 -0.60 -38.21 40.99
N ALA E 41 -0.94 -40.20 36.19
CA ALA E 41 -1.79 -39.46 35.27
C ALA E 41 -2.69 -38.51 36.04
N ARG E 42 -3.99 -38.52 35.72
CA ARG E 42 -4.96 -37.74 36.49
C ARG E 42 -4.74 -37.97 37.98
N GLY E 43 -4.75 -39.24 38.40
CA GLY E 43 -4.51 -39.60 39.77
C GLY E 43 -5.54 -38.93 40.66
N ASP E 44 -5.06 -38.07 41.55
CA ASP E 44 -5.91 -37.21 42.36
C ASP E 44 -5.01 -36.28 43.18
N LEU E 45 -5.49 -35.86 44.35
CA LEU E 45 -4.80 -34.95 45.23
C LEU E 45 -3.35 -35.39 45.42
N ASN E 46 -3.17 -36.50 46.16
CA ASN E 46 -1.87 -37.09 46.54
C ASN E 46 -1.21 -36.28 47.66
N ILE E 47 -2.00 -35.92 48.67
CA ILE E 47 -1.53 -34.98 49.68
C ILE E 47 -0.42 -35.60 50.51
N ARG E 48 -0.38 -36.93 50.62
CA ARG E 48 0.54 -37.57 51.55
C ARG E 48 1.98 -37.18 51.24
N ASP E 49 2.37 -37.22 49.96
CA ASP E 49 3.73 -36.91 49.58
C ASP E 49 3.98 -35.40 49.52
N LEU E 50 2.92 -34.59 49.50
CA LEU E 50 3.07 -33.14 49.65
C LEU E 50 3.35 -32.77 51.09
N ARG E 51 2.60 -33.37 52.03
CA ARG E 51 2.83 -33.14 53.46
C ARG E 51 4.15 -33.76 53.89
N ALA E 52 4.56 -34.85 53.25
CA ALA E 52 5.84 -35.47 53.55
C ALA E 52 6.99 -34.65 52.99
N HIS E 53 6.83 -34.15 51.76
CA HIS E 53 7.85 -33.29 51.16
C HIS E 53 8.01 -32.01 51.96
N VAL E 54 6.91 -31.32 52.23
CA VAL E 54 6.96 -30.06 52.98
C VAL E 54 7.39 -30.30 54.43
N LYS E 55 7.14 -31.48 54.99
CA LYS E 55 7.67 -31.79 56.32
C LYS E 55 9.19 -31.92 56.27
N ALA E 56 9.69 -32.66 55.28
CA ALA E 56 11.12 -32.78 55.06
C ALA E 56 11.78 -31.41 54.93
N ARG E 57 11.26 -30.58 54.03
CA ARG E 57 11.77 -29.21 53.94
C ARG E 57 11.55 -28.45 55.24
N MET E 58 10.48 -28.78 55.96
CA MET E 58 10.08 -28.03 57.14
C MET E 58 11.09 -28.19 58.26
N ILE E 59 11.78 -29.31 58.31
CA ILE E 59 12.80 -29.52 59.34
C ILE E 59 14.22 -29.46 58.79
N SER E 60 14.42 -29.54 57.48
CA SER E 60 15.77 -29.58 56.92
C SER E 60 16.54 -28.32 57.26
N SER E 61 17.83 -28.49 57.57
CA SER E 61 18.68 -27.33 57.80
C SER E 61 18.93 -26.54 56.53
N GLN E 62 18.92 -27.21 55.38
CA GLN E 62 19.28 -26.59 54.10
C GLN E 62 18.16 -25.73 53.53
N PHE E 63 16.92 -26.10 53.77
CA PHE E 63 15.78 -25.44 53.14
C PHE E 63 15.62 -24.02 53.68
N CYS E 64 15.65 -23.04 52.78
CA CYS E 64 15.62 -21.63 53.13
C CYS E 64 14.23 -21.01 53.10
N GLY E 65 13.32 -21.56 52.30
CA GLY E 65 11.97 -21.01 52.17
C GLY E 65 11.54 -21.02 50.73
N TYR E 66 10.49 -20.26 50.45
CA TYR E 66 9.91 -20.16 49.12
C TYR E 66 10.13 -18.76 48.58
N VAL E 67 10.74 -18.64 47.42
CA VAL E 67 10.88 -17.36 46.75
C VAL E 67 9.60 -17.04 45.98
N LEU E 68 9.20 -15.77 46.07
CA LEU E 68 7.95 -15.22 45.57
C LEU E 68 8.16 -13.82 44.99
N VAL E 69 7.31 -13.43 44.03
CA VAL E 69 7.09 -12.00 43.73
C VAL E 69 5.59 -11.74 43.73
N SER E 70 5.18 -10.60 44.25
CA SER E 70 3.77 -10.19 44.22
C SER E 70 3.52 -9.42 42.94
N LEU E 71 2.55 -9.87 42.15
CA LEU E 71 2.29 -9.21 40.89
C LEU E 71 0.85 -8.74 40.77
N LEU E 72 0.71 -7.55 40.17
CA LEU E 72 -0.54 -6.94 39.78
C LEU E 72 -0.91 -7.35 38.36
N ASP E 73 -2.21 -7.32 38.04
CA ASP E 73 -2.66 -7.88 36.76
C ASP E 73 -1.97 -7.19 35.60
N SER E 74 -1.86 -5.87 35.66
CA SER E 74 -1.32 -5.12 34.54
C SER E 74 0.18 -5.29 34.36
N GLU E 75 0.87 -5.86 35.35
CA GLU E 75 2.33 -6.02 35.28
C GLU E 75 2.70 -7.32 34.57
N ASP E 76 1.96 -8.40 34.84
CA ASP E 76 2.21 -9.69 34.19
C ASP E 76 1.56 -9.70 32.82
N GLN E 77 2.38 -9.72 31.77
CA GLN E 77 1.93 -9.85 30.38
C GLN E 77 2.25 -11.25 29.83
N VAL E 78 2.06 -12.29 30.65
CA VAL E 78 2.36 -13.69 30.36
C VAL E 78 3.85 -13.94 30.15
N ASP E 79 4.38 -13.58 29.00
CA ASP E 79 5.78 -13.83 28.72
C ASP E 79 6.68 -12.60 28.84
N HIS E 80 6.13 -11.44 29.26
CA HIS E 80 6.93 -10.26 29.54
C HIS E 80 6.33 -9.52 30.72
N LEU E 81 7.12 -8.64 31.33
CA LEU E 81 6.73 -7.98 32.56
C LEU E 81 6.63 -6.48 32.35
N ASN E 82 5.57 -5.89 32.92
CA ASN E 82 5.33 -4.45 32.82
C ASN E 82 5.60 -3.80 34.16
N ILE E 83 6.78 -4.07 34.70
CA ILE E 83 7.16 -3.62 36.03
C ILE E 83 8.50 -2.89 35.91
N PHE E 84 8.90 -2.14 37.02
CA PHE E 84 10.26 -1.64 36.88
C PHE E 84 11.20 -2.50 37.72
N PRO E 85 12.41 -2.75 37.20
CA PRO E 85 13.35 -3.63 37.92
C PRO E 85 13.56 -3.31 39.39
N HIS E 86 13.71 -2.02 39.71
CA HIS E 86 13.85 -1.63 41.09
C HIS E 86 12.58 -1.95 41.89
N VAL E 87 11.42 -1.83 41.25
CA VAL E 87 10.17 -2.21 41.92
C VAL E 87 10.10 -3.72 42.08
N PHE E 88 10.31 -4.45 40.99
CA PHE E 88 10.27 -5.90 41.00
C PHE E 88 11.10 -6.46 42.13
N SER E 89 12.28 -5.88 42.38
CA SER E 89 13.10 -6.37 43.51
C SER E 89 12.34 -6.25 44.81
N GLU E 90 11.88 -5.06 45.16
CA GLU E 90 11.18 -4.86 46.42
C GLU E 90 9.93 -5.74 46.53
N ARG E 91 9.40 -6.25 45.42
CA ARG E 91 8.28 -7.15 45.56
C ARG E 91 8.65 -8.62 45.70
N MET E 92 9.93 -8.98 45.52
CA MET E 92 10.35 -10.38 45.68
C MET E 92 10.80 -10.65 47.11
N ILE E 93 10.27 -11.72 47.71
CA ILE E 93 10.60 -12.06 49.07
C ILE E 93 10.98 -13.53 49.14
N LEU E 94 11.78 -13.86 50.13
CA LEU E 94 11.98 -15.23 50.57
C LEU E 94 11.12 -15.44 51.80
N TYR E 95 10.23 -16.42 51.72
CA TYR E 95 9.19 -16.66 52.73
C TYR E 95 9.51 -17.94 53.47
N LYS E 96 9.80 -17.82 54.77
CA LYS E 96 9.83 -18.99 55.65
C LYS E 96 8.83 -18.79 56.77
N PRO E 97 7.77 -19.56 56.81
CA PRO E 97 6.86 -19.49 57.95
C PRO E 97 6.94 -20.73 58.83
N ASN E 98 6.59 -20.59 60.11
CA ASN E 98 6.64 -21.75 61.00
C ASN E 98 5.45 -22.67 60.84
N ASN E 99 4.40 -22.20 60.16
CA ASN E 99 3.19 -23.00 59.98
C ASN E 99 3.37 -23.98 58.83
N VAL E 100 3.09 -25.26 59.09
CA VAL E 100 3.17 -26.25 58.03
C VAL E 100 2.11 -25.99 56.98
N ASN E 101 0.97 -25.44 57.39
CA ASN E 101 -0.11 -25.22 56.43
C ASN E 101 0.21 -24.04 55.52
N LEU E 102 0.65 -22.94 56.13
CA LEU E 102 1.15 -21.79 55.39
C LEU E 102 2.18 -22.20 54.34
N MET E 103 2.93 -23.28 54.60
CA MET E 103 3.91 -23.79 53.63
C MET E 103 3.30 -24.75 52.62
N GLU E 104 2.26 -25.49 53.03
CA GLU E 104 1.50 -26.31 52.08
C GLU E 104 1.02 -25.44 50.93
N MET E 105 0.48 -24.25 51.24
CA MET E 105 0.06 -23.33 50.18
C MET E 105 1.20 -23.06 49.20
N CYS E 106 2.42 -22.85 49.71
CA CYS E 106 3.49 -22.41 48.83
C CYS E 106 3.96 -23.53 47.92
N ALA E 107 4.11 -24.74 48.46
CA ALA E 107 4.38 -25.86 47.56
C ALA E 107 3.26 -26.01 46.54
N LEU E 108 2.02 -25.73 46.94
CA LEU E 108 0.91 -25.75 45.98
C LEU E 108 1.13 -24.79 44.83
N LEU E 109 1.35 -23.49 45.12
CA LEU E 109 1.71 -22.52 44.08
C LEU E 109 2.81 -23.06 43.15
N SER E 110 3.98 -23.40 43.71
CA SER E 110 5.08 -23.89 42.88
C SER E 110 4.61 -25.00 41.93
N MET E 111 3.82 -25.93 42.47
CA MET E 111 3.39 -27.11 41.71
C MET E 111 2.42 -26.74 40.59
N ILE E 112 1.43 -25.90 40.89
CA ILE E 112 0.52 -25.38 39.86
C ILE E 112 1.33 -24.78 38.72
N GLU E 113 2.09 -23.71 39.03
CA GLU E 113 2.85 -23.00 38.00
C GLU E 113 3.72 -23.92 37.17
N ASN E 114 4.38 -24.91 37.80
CA ASN E 114 5.30 -25.76 37.06
C ASN E 114 4.65 -27.03 36.50
N ALA E 115 3.33 -27.17 36.59
CA ALA E 115 2.63 -28.32 36.00
C ALA E 115 2.66 -28.25 34.46
N LYS E 116 3.22 -29.29 33.83
CA LYS E 116 3.35 -29.30 32.38
C LYS E 116 1.99 -29.12 31.72
N SER E 117 1.07 -30.05 31.97
CA SER E 117 -0.25 -30.02 31.37
C SER E 117 -1.29 -30.45 32.41
N PRO E 118 -1.97 -29.50 33.03
CA PRO E 118 -2.87 -29.82 34.14
C PRO E 118 -4.18 -30.43 33.65
N SER E 119 -5.03 -30.74 34.62
CA SER E 119 -6.32 -31.38 34.44
C SER E 119 -7.30 -30.70 35.38
N ILE E 120 -8.55 -30.56 34.92
CA ILE E 120 -9.49 -29.68 35.60
C ILE E 120 -9.83 -30.19 37.00
N GLY E 121 -10.21 -31.47 37.11
CA GLY E 121 -10.53 -32.00 38.42
C GLY E 121 -9.41 -31.78 39.41
N LEU E 122 -8.18 -32.11 38.99
CA LEU E 122 -6.97 -31.78 39.74
C LEU E 122 -7.05 -30.38 40.32
N CYS E 123 -7.25 -29.40 39.45
CA CYS E 123 -7.34 -28.01 39.87
C CYS E 123 -8.40 -27.82 40.95
N ARG E 124 -9.62 -28.32 40.71
CA ARG E 124 -10.72 -28.05 41.65
C ARG E 124 -10.40 -28.56 43.05
N GLU E 125 -9.98 -29.82 43.17
CA GLU E 125 -9.74 -30.28 44.53
C GLU E 125 -8.53 -29.56 45.17
N VAL E 126 -7.57 -29.10 44.35
CA VAL E 126 -6.49 -28.26 44.90
C VAL E 126 -7.07 -26.97 45.50
N LEU E 127 -8.06 -26.37 44.82
CA LEU E 127 -8.77 -25.23 45.41
C LEU E 127 -9.37 -25.60 46.78
N GLY E 128 -9.98 -26.80 46.88
CA GLY E 128 -10.47 -27.24 48.18
C GLY E 128 -9.38 -27.32 49.23
N ARG E 129 -8.16 -27.64 48.80
CA ARG E 129 -7.01 -27.58 49.69
C ARG E 129 -6.85 -26.20 50.29
N LEU E 130 -6.71 -25.22 49.41
CA LEU E 130 -6.58 -23.83 49.86
C LEU E 130 -7.64 -23.48 50.91
N THR E 131 -8.93 -23.71 50.61
CA THR E 131 -9.98 -23.37 51.57
C THR E 131 -9.77 -24.09 52.90
N LEU E 132 -9.52 -25.40 52.84
CA LEU E 132 -9.17 -26.26 53.96
C LEU E 132 -8.16 -25.56 54.86
N LEU E 133 -7.17 -24.90 54.25
CA LEU E 133 -6.06 -24.37 55.01
C LEU E 133 -6.23 -22.90 55.40
N HIS E 134 -6.96 -22.11 54.61
CA HIS E 134 -7.19 -20.71 55.00
C HIS E 134 -8.15 -20.63 56.19
N SER E 135 -9.14 -21.53 56.27
CA SER E 135 -9.92 -21.53 57.50
C SER E 135 -9.11 -22.05 58.68
N LYS E 136 -8.01 -22.76 58.42
CA LYS E 136 -7.07 -23.19 59.47
C LYS E 136 -6.23 -22.02 59.96
N CYS E 137 -5.51 -21.37 59.07
CA CYS E 137 -4.65 -20.26 59.48
C CYS E 137 -5.50 -19.06 59.93
N ASN E 138 -6.47 -18.66 59.10
CA ASN E 138 -7.43 -17.59 59.43
C ASN E 138 -6.72 -16.24 59.56
N ASN E 139 -5.61 -16.08 58.86
CA ASN E 139 -4.76 -14.91 58.91
C ASN E 139 -4.66 -14.24 57.54
N LEU E 140 -4.63 -12.90 57.56
CA LEU E 140 -4.35 -12.03 56.44
C LEU E 140 -3.48 -12.69 55.37
N ASP E 141 -2.42 -13.36 55.80
CA ASP E 141 -1.43 -13.88 54.86
C ASP E 141 -1.95 -15.11 54.11
N SER E 142 -2.64 -16.02 54.78
CA SER E 142 -3.12 -17.17 54.02
C SER E 142 -4.32 -16.83 53.16
N LEU E 143 -5.09 -15.82 53.55
CA LEU E 143 -6.08 -15.23 52.65
C LEU E 143 -5.42 -14.73 51.38
N PHE E 144 -4.26 -14.08 51.52
CA PHE E 144 -3.44 -13.75 50.36
C PHE E 144 -3.11 -15.01 49.53
N LEU E 145 -2.48 -16.01 50.15
CA LEU E 145 -2.03 -17.17 49.38
C LEU E 145 -3.19 -17.91 48.72
N TYR E 146 -4.36 -17.88 49.35
CA TYR E 146 -5.55 -18.55 48.84
C TYR E 146 -6.10 -17.81 47.62
N ASN E 147 -6.39 -16.52 47.78
CA ASN E 147 -6.83 -15.73 46.64
C ASN E 147 -5.85 -15.87 45.48
N GLY E 148 -4.55 -15.82 45.76
CA GLY E 148 -3.58 -15.94 44.70
C GLY E 148 -3.61 -17.28 43.99
N ALA E 149 -3.59 -18.37 44.77
CA ALA E 149 -3.55 -19.67 44.12
C ALA E 149 -4.82 -19.93 43.33
N ARG E 150 -5.97 -19.44 43.82
CA ARG E 150 -7.20 -19.51 43.04
C ARG E 150 -7.04 -18.77 41.73
N THR E 151 -6.60 -17.51 41.81
CA THR E 151 -6.36 -16.70 40.62
C THR E 151 -5.55 -17.46 39.57
N LEU E 152 -4.47 -18.12 39.99
CA LEU E 152 -3.66 -18.91 39.06
C LEU E 152 -4.44 -20.12 38.50
N LEU E 153 -5.24 -20.78 39.34
CA LEU E 153 -6.03 -21.92 38.84
C LEU E 153 -7.03 -21.47 37.79
N SER E 154 -7.78 -20.40 38.10
CA SER E 154 -8.65 -19.72 37.14
C SER E 154 -7.91 -19.38 35.86
N THR E 155 -6.64 -19.00 35.97
CA THR E 155 -5.89 -18.59 34.79
C THR E 155 -5.58 -19.81 33.91
N LEU E 156 -5.24 -20.94 34.52
CA LEU E 156 -5.11 -22.18 33.74
C LEU E 156 -6.44 -22.59 33.12
N VAL E 157 -7.55 -22.40 33.86
CA VAL E 157 -8.86 -22.84 33.39
C VAL E 157 -9.32 -21.98 32.22
N LYS E 158 -9.49 -20.68 32.45
CA LYS E 158 -9.89 -19.77 31.37
C LYS E 158 -8.98 -19.92 30.16
N TYR E 159 -7.67 -20.10 30.36
CA TYR E 159 -6.76 -20.05 29.21
C TYR E 159 -6.73 -21.36 28.42
N HIS E 160 -6.80 -22.51 29.08
CA HIS E 160 -6.64 -23.79 28.38
C HIS E 160 -7.96 -24.48 28.04
N ASP E 161 -9.10 -23.84 28.30
CA ASP E 161 -10.44 -24.42 28.08
C ASP E 161 -10.56 -25.81 28.72
N LEU E 162 -10.48 -25.82 30.05
CA LEU E 162 -10.62 -27.04 30.84
C LEU E 162 -11.97 -27.16 31.50
N GLU E 163 -12.65 -26.04 31.76
CA GLU E 163 -14.00 -25.95 32.27
C GLU E 163 -15.07 -26.33 31.23
N GLU E 164 -14.73 -27.11 30.20
CA GLU E 164 -15.59 -27.24 29.02
C GLU E 164 -16.84 -28.08 29.27
N GLY E 165 -16.79 -29.04 30.19
CA GLY E 165 -17.93 -29.91 30.39
C GLY E 165 -19.13 -29.25 31.04
N ALA E 166 -18.90 -28.22 31.87
CA ALA E 166 -19.96 -27.47 32.55
C ALA E 166 -19.71 -25.97 32.35
N ALA E 167 -19.86 -25.52 31.08
CA ALA E 167 -19.43 -24.19 30.63
C ALA E 167 -20.39 -23.12 31.15
N THR E 168 -20.20 -22.76 32.41
CA THR E 168 -21.16 -22.00 33.18
C THR E 168 -20.53 -21.73 34.57
N PRO E 169 -21.03 -20.74 35.31
CA PRO E 169 -20.31 -20.26 36.50
C PRO E 169 -19.87 -21.36 37.47
N GLY E 170 -18.70 -21.14 38.04
CA GLY E 170 -18.21 -21.91 39.16
C GLY E 170 -17.39 -20.99 40.04
N PRO E 171 -16.67 -21.54 41.01
CA PRO E 171 -15.83 -20.70 41.87
C PRO E 171 -14.70 -20.03 41.12
N TRP E 172 -14.33 -20.56 39.96
CA TRP E 172 -13.22 -20.04 39.18
C TRP E 172 -13.34 -18.55 38.95
N ASN E 173 -12.28 -17.84 39.32
CA ASN E 173 -12.14 -16.42 39.07
C ASN E 173 -11.89 -16.18 37.58
N GLU E 174 -11.87 -14.90 37.18
CA GLU E 174 -11.56 -14.64 35.78
C GLU E 174 -10.08 -14.84 35.47
N GLY E 175 -9.23 -14.99 36.49
CA GLY E 175 -7.81 -15.20 36.29
C GLY E 175 -7.07 -13.90 36.03
N LEU E 176 -5.75 -14.03 35.97
CA LEU E 176 -4.88 -12.91 35.62
C LEU E 176 -5.34 -12.29 34.31
N SER E 177 -5.87 -11.05 34.37
CA SER E 177 -6.61 -10.47 33.24
C SER E 177 -5.85 -10.66 31.94
N LEU E 178 -4.61 -10.17 31.91
CA LEU E 178 -3.81 -10.14 30.70
C LEU E 178 -3.62 -11.50 30.05
N PHE E 179 -3.90 -12.61 30.73
CA PHE E 179 -3.84 -13.84 29.97
C PHE E 179 -5.01 -13.91 29.01
N LYS E 180 -6.19 -13.47 29.44
CA LYS E 180 -7.30 -13.34 28.50
C LYS E 180 -6.88 -12.56 27.25
N LEU E 181 -6.19 -11.43 27.44
CA LEU E 181 -5.73 -10.64 26.29
C LEU E 181 -4.71 -11.41 25.46
N HIS E 182 -3.72 -12.01 26.11
CA HIS E 182 -2.76 -12.86 25.42
C HIS E 182 -3.46 -13.83 24.47
N LYS E 183 -4.43 -14.56 25.02
CA LYS E 183 -5.15 -15.62 24.31
C LYS E 183 -5.92 -15.06 23.13
N GLU E 184 -6.74 -14.02 23.35
CA GLU E 184 -7.53 -13.46 22.25
C GLU E 184 -6.62 -12.92 21.15
N LEU E 185 -5.55 -12.21 21.53
CA LEU E 185 -4.67 -11.65 20.51
C LEU E 185 -4.08 -12.75 19.64
N LYS E 186 -3.80 -13.92 20.20
CA LYS E 186 -3.32 -14.98 19.34
C LYS E 186 -4.34 -15.44 18.29
N ARG E 187 -5.63 -15.21 18.51
CA ARG E 187 -6.65 -15.58 17.53
C ARG E 187 -6.79 -14.59 16.39
N ALA E 188 -6.05 -13.48 16.42
CA ALA E 188 -6.18 -12.45 15.42
C ALA E 188 -5.39 -12.85 14.18
N PRO E 189 -5.65 -12.20 13.04
CA PRO E 189 -4.86 -12.44 11.84
C PRO E 189 -3.48 -11.81 11.93
N SER E 190 -2.50 -12.45 11.28
CA SER E 190 -1.08 -12.21 11.51
C SER E 190 -0.70 -10.74 11.68
N GLU E 191 -0.97 -9.92 10.67
CA GLU E 191 -0.54 -8.52 10.72
C GLU E 191 -1.11 -7.79 11.93
N ALA E 192 -2.32 -8.16 12.37
CA ALA E 192 -2.86 -7.62 13.61
C ALA E 192 -2.19 -8.27 14.80
N ARG E 193 -2.05 -9.60 14.77
CA ARG E 193 -1.45 -10.37 15.84
C ARG E 193 -0.13 -9.75 16.31
N ASP E 194 0.87 -9.72 15.43
CA ASP E 194 2.19 -9.27 15.85
C ASP E 194 2.16 -7.82 16.35
N LEU E 195 1.44 -6.93 15.65
CA LEU E 195 1.42 -5.52 16.06
C LEU E 195 0.82 -5.36 17.45
N MET E 196 -0.42 -5.82 17.62
CA MET E 196 -1.10 -5.73 18.91
C MET E 196 -0.26 -6.34 20.03
N GLN E 197 0.44 -7.45 19.75
CA GLN E 197 1.31 -8.01 20.79
C GLN E 197 2.48 -7.08 21.11
N SER E 198 3.10 -6.46 20.10
CA SER E 198 4.17 -5.51 20.41
C SER E 198 3.66 -4.32 21.20
N LEU E 199 2.38 -3.96 21.04
CA LEU E 199 1.92 -2.76 21.72
C LEU E 199 1.48 -3.07 23.15
N PHE E 200 0.91 -4.25 23.39
CA PHE E 200 0.18 -4.52 24.62
C PHE E 200 0.83 -5.55 25.53
N LEU E 201 1.46 -6.59 25.00
CA LEU E 201 2.02 -7.64 25.84
C LEU E 201 3.52 -7.85 25.55
N THR E 202 4.29 -6.76 25.36
CA THR E 202 5.75 -6.91 25.18
C THR E 202 6.43 -5.71 25.83
N SER E 203 6.51 -5.72 27.14
CA SER E 203 7.03 -4.56 27.84
C SER E 203 8.54 -4.64 27.91
N GLY E 204 9.21 -3.64 27.38
CA GLY E 204 10.65 -3.67 27.52
C GLY E 204 11.17 -3.27 28.88
N LYS E 205 10.27 -2.94 29.82
CA LYS E 205 10.69 -2.35 31.09
C LYS E 205 11.66 -3.24 31.86
N MET E 206 11.47 -4.55 31.79
CA MET E 206 12.30 -5.50 32.51
C MET E 206 13.44 -6.05 31.66
N GLY E 207 13.50 -5.69 30.39
CA GLY E 207 14.67 -5.99 29.61
C GLY E 207 14.57 -7.25 28.79
N CYS E 208 15.75 -7.74 28.41
CA CYS E 208 15.94 -8.81 27.45
C CYS E 208 15.54 -10.18 28.01
N LEU E 209 15.32 -11.11 27.09
CA LEU E 209 15.19 -12.52 27.38
C LEU E 209 16.50 -13.24 27.02
N ALA E 210 16.59 -14.49 27.47
CA ALA E 210 17.79 -15.31 27.36
C ALA E 210 17.41 -16.69 26.84
N ARG E 211 18.07 -17.14 25.77
CA ARG E 211 17.72 -18.40 25.14
C ARG E 211 17.62 -19.53 26.17
N SER E 212 18.71 -19.77 26.89
CA SER E 212 18.80 -20.79 27.94
C SER E 212 18.97 -20.13 29.31
N PRO E 213 17.91 -20.04 30.12
CA PRO E 213 18.09 -19.52 31.48
C PRO E 213 19.23 -20.18 32.24
N LYS E 214 19.48 -21.46 31.99
CA LYS E 214 20.55 -22.17 32.69
C LYS E 214 21.93 -21.65 32.26
N ASP E 215 22.14 -21.49 30.96
CA ASP E 215 23.40 -20.92 30.50
C ASP E 215 23.59 -19.51 31.05
N TYR E 216 22.50 -18.79 31.31
CA TYR E 216 22.60 -17.44 31.85
C TYR E 216 22.94 -17.45 33.34
N CYS E 217 22.36 -18.37 34.11
CA CYS E 217 22.81 -18.49 35.48
C CYS E 217 24.25 -18.98 35.54
N ALA E 218 24.67 -19.75 34.54
CA ALA E 218 26.06 -20.15 34.42
C ALA E 218 26.95 -18.92 34.30
N ASP E 219 26.77 -18.12 33.24
CA ASP E 219 27.70 -17.00 33.14
C ASP E 219 27.37 -15.86 34.11
N LEU E 220 26.27 -15.97 34.85
CA LEU E 220 25.99 -15.07 35.95
C LEU E 220 26.76 -15.49 37.19
N ASN E 221 27.06 -16.78 37.31
CA ASN E 221 27.97 -17.28 38.33
C ASN E 221 29.39 -16.79 38.10
N LYS E 222 29.91 -16.92 36.89
CA LYS E 222 31.30 -16.59 36.61
C LYS E 222 31.48 -15.13 36.19
N GLU E 223 30.54 -14.25 36.56
CA GLU E 223 30.48 -12.93 35.96
C GLU E 223 31.74 -12.12 36.21
N GLU E 224 32.19 -12.03 37.46
CA GLU E 224 33.28 -11.13 37.79
C GLU E 224 34.12 -11.79 38.88
N ASP E 225 35.23 -12.41 38.47
CA ASP E 225 36.03 -13.25 39.36
C ASP E 225 35.12 -14.24 40.09
N ALA E 226 34.65 -13.86 41.28
CA ALA E 226 33.51 -14.50 41.93
C ALA E 226 32.92 -13.58 42.98
N ASN E 227 33.78 -13.07 43.88
CA ASN E 227 33.47 -12.12 44.95
C ASN E 227 32.43 -12.66 45.94
N SER E 228 32.02 -13.92 45.78
CA SER E 228 31.23 -14.68 46.74
C SER E 228 31.38 -16.13 46.32
N GLY E 229 31.65 -16.99 47.29
CA GLY E 229 31.87 -18.38 46.93
C GLY E 229 30.65 -19.11 46.44
N PHE E 230 29.52 -18.42 46.31
CA PHE E 230 28.24 -19.07 46.13
C PHE E 230 27.86 -19.18 44.66
N THR E 231 27.28 -20.32 44.31
CA THR E 231 26.78 -20.61 42.97
C THR E 231 25.29 -20.89 43.04
N PHE E 232 24.52 -20.13 42.29
CA PHE E 232 23.09 -20.28 42.17
C PHE E 232 22.77 -21.02 40.89
N ASN E 233 21.84 -21.97 40.95
CA ASN E 233 21.29 -22.56 39.75
C ASN E 233 19.78 -22.71 39.91
N LEU E 234 19.09 -22.68 38.77
CA LEU E 234 17.64 -22.66 38.72
C LEU E 234 17.10 -23.93 38.07
N PHE E 235 15.96 -24.40 38.58
CA PHE E 235 15.27 -25.55 38.01
C PHE E 235 13.77 -25.27 38.00
N TYR E 236 13.21 -25.03 36.83
CA TYR E 236 11.77 -24.82 36.70
C TYR E 236 11.28 -25.66 35.55
N GLN E 237 9.98 -25.92 35.55
CA GLN E 237 9.36 -26.60 34.43
C GLN E 237 8.81 -25.54 33.47
N ASP E 238 9.31 -25.58 32.23
CA ASP E 238 8.81 -24.72 31.16
C ASP E 238 7.31 -24.87 31.00
N SER E 239 6.58 -23.78 31.21
CA SER E 239 5.13 -23.90 31.18
C SER E 239 4.53 -22.52 30.96
N LEU E 240 3.22 -22.43 31.16
CA LEU E 240 2.46 -21.21 30.88
C LEU E 240 2.76 -20.13 31.90
N LEU E 241 2.99 -20.54 33.16
CA LEU E 241 3.17 -19.59 34.26
C LEU E 241 4.63 -19.39 34.68
N THR E 242 5.61 -19.84 33.86
CA THR E 242 7.02 -19.57 34.18
C THR E 242 7.80 -19.00 33.00
N LYS E 243 7.13 -18.40 32.02
CA LYS E 243 7.85 -17.73 30.95
C LYS E 243 8.77 -16.65 31.49
N HIS E 244 8.39 -16.03 32.60
CA HIS E 244 9.23 -14.97 33.13
C HIS E 244 10.57 -15.46 33.65
N PHE E 245 10.80 -16.75 33.73
CA PHE E 245 12.17 -17.05 34.13
C PHE E 245 13.13 -16.83 33.00
N GLN E 246 12.63 -16.54 31.80
CA GLN E 246 13.51 -16.23 30.69
C GLN E 246 14.04 -14.81 30.73
N CYS E 247 13.41 -13.93 31.50
CA CYS E 247 13.84 -12.54 31.57
C CYS E 247 15.12 -12.46 32.39
N GLN E 248 16.19 -11.93 31.77
CA GLN E 248 17.50 -11.88 32.41
C GLN E 248 17.47 -11.10 33.71
N THR E 249 16.76 -9.97 33.74
CA THR E 249 16.64 -9.22 34.98
C THR E 249 15.89 -10.01 36.03
N VAL E 250 14.96 -10.86 35.61
CA VAL E 250 14.27 -11.70 36.59
C VAL E 250 15.22 -12.71 37.17
N LEU E 251 16.09 -13.29 36.34
CA LEU E 251 17.10 -14.19 36.85
C LEU E 251 18.05 -13.48 37.80
N GLN E 252 18.56 -12.32 37.40
CA GLN E 252 19.45 -11.54 38.26
C GLN E 252 18.82 -11.33 39.64
N THR E 253 17.60 -10.79 39.65
CA THR E 253 16.94 -10.53 40.92
C THR E 253 16.74 -11.81 41.72
N LEU E 254 16.41 -12.89 41.04
CA LEU E 254 16.15 -14.13 41.76
C LEU E 254 17.43 -14.65 42.40
N ARG E 255 18.56 -14.49 41.70
CA ARG E 255 19.86 -14.91 42.23
C ARG E 255 20.24 -14.10 43.46
N ARG E 256 20.18 -12.76 43.37
CA ARG E 256 20.40 -11.96 44.58
C ARG E 256 19.49 -12.38 45.71
N LYS E 257 18.21 -12.61 45.42
CA LYS E 257 17.29 -12.91 46.50
C LYS E 257 17.57 -14.26 47.15
N CYS E 258 18.06 -15.24 46.40
CA CYS E 258 18.27 -16.55 46.97
C CYS E 258 19.58 -16.63 47.76
N LEU E 259 20.54 -15.76 47.47
CA LEU E 259 21.75 -15.65 48.29
C LEU E 259 21.64 -14.41 49.18
N GLY E 260 20.58 -14.37 49.98
CA GLY E 260 20.28 -13.21 50.79
C GLY E 260 19.84 -13.62 52.19
N SER E 261 19.74 -12.62 53.05
CA SER E 261 19.32 -12.86 54.43
C SER E 261 17.87 -12.47 54.70
N ASP E 262 17.28 -11.65 53.84
CA ASP E 262 15.98 -11.05 54.13
C ASP E 262 14.85 -12.06 54.02
N THR E 263 14.95 -13.10 54.86
CA THR E 263 13.92 -14.13 55.00
C THR E 263 12.81 -13.58 55.87
N VAL E 264 11.78 -13.01 55.23
CA VAL E 264 10.66 -12.44 55.98
C VAL E 264 9.94 -13.57 56.70
N SER E 265 9.52 -13.27 57.94
CA SER E 265 8.85 -14.27 58.75
C SER E 265 7.42 -14.48 58.29
N LYS E 266 6.76 -13.41 57.84
CA LYS E 266 5.47 -13.49 57.17
C LYS E 266 5.38 -12.36 56.15
N ILE E 267 4.29 -12.32 55.39
CA ILE E 267 4.16 -11.36 54.31
C ILE E 267 3.69 -10.03 54.87
N ILE E 268 4.65 -9.27 55.44
CA ILE E 268 4.47 -7.98 56.12
C ILE E 268 3.08 -7.88 56.75
N PRO E 269 2.81 -8.62 57.84
CA PRO E 269 1.49 -8.53 58.48
C PRO E 269 1.27 -7.20 59.17
N VAL F 11 0.47 35.60 20.93
CA VAL F 11 1.49 36.06 21.86
C VAL F 11 2.53 36.93 21.14
N SER F 12 2.73 36.68 19.84
CA SER F 12 3.67 37.45 19.02
C SER F 12 3.09 38.82 18.68
N LEU F 13 2.16 38.88 17.73
CA LEU F 13 1.45 40.10 17.32
C LEU F 13 2.43 41.21 16.93
N ARG F 14 3.27 40.92 15.95
CA ARG F 14 4.34 41.82 15.56
C ARG F 14 4.52 41.81 14.05
N VAL F 15 5.09 42.89 13.54
CA VAL F 15 5.28 43.08 12.11
C VAL F 15 6.76 43.27 11.85
N THR F 16 7.25 42.68 10.76
CA THR F 16 8.68 42.72 10.48
C THR F 16 8.94 43.14 9.04
N PRO F 17 9.85 44.09 8.81
CA PRO F 17 10.13 44.53 7.43
C PRO F 17 10.99 43.50 6.72
N ARG F 18 10.69 43.30 5.45
CA ARG F 18 11.40 42.31 4.67
C ARG F 18 11.62 42.83 3.26
N LEU F 19 12.59 42.21 2.57
CA LEU F 19 12.83 42.43 1.14
C LEU F 19 13.41 43.81 0.86
N VAL F 20 14.27 44.31 1.74
CA VAL F 20 14.75 45.70 1.64
C VAL F 20 15.80 45.82 0.54
N LEU F 21 15.67 46.86 -0.28
CA LEU F 21 16.56 47.15 -1.39
C LEU F 21 16.77 48.65 -1.50
N GLU F 22 17.82 49.06 -2.20
CA GLU F 22 18.05 50.47 -2.45
C GLU F 22 17.70 50.77 -3.91
N VAL F 23 16.75 51.67 -4.10
CA VAL F 23 16.27 52.07 -5.41
C VAL F 23 17.10 53.25 -5.90
N ASN F 24 17.69 53.12 -7.09
CA ASN F 24 18.34 54.24 -7.76
C ASN F 24 17.69 54.44 -9.13
N ARG F 25 17.49 55.71 -9.49
CA ARG F 25 16.78 56.11 -10.70
C ARG F 25 17.61 57.14 -11.45
N HIS F 26 18.10 56.77 -12.63
CA HIS F 26 18.73 57.78 -13.48
C HIS F 26 18.08 57.71 -14.85
N ASN F 27 17.78 58.89 -15.40
CA ASN F 27 17.00 59.03 -16.61
C ASN F 27 15.72 58.20 -16.49
N ALA F 28 15.54 57.24 -17.40
CA ALA F 28 14.37 56.37 -17.42
C ALA F 28 14.72 54.95 -17.02
N ILE F 29 15.90 54.74 -16.44
CA ILE F 29 16.36 53.43 -16.02
C ILE F 29 16.43 53.41 -14.49
N CYS F 30 15.83 52.38 -13.91
CA CYS F 30 15.70 52.24 -12.46
C CYS F 30 16.19 50.86 -12.07
N VAL F 31 17.07 50.80 -11.06
CA VAL F 31 17.55 49.52 -10.57
C VAL F 31 17.37 49.45 -9.06
N ALA F 32 17.03 48.27 -8.59
CA ALA F 32 16.92 47.95 -7.17
C ALA F 32 18.08 47.05 -6.84
N THR F 33 18.97 47.52 -5.98
CA THR F 33 20.21 46.82 -5.67
C THR F 33 20.39 46.68 -4.16
N ASN F 34 20.88 45.51 -3.75
CA ASN F 34 21.25 45.28 -2.37
C ASN F 34 22.50 46.07 -2.01
N VAL F 35 22.55 46.55 -0.77
CA VAL F 35 23.72 47.27 -0.28
C VAL F 35 24.96 46.40 -0.44
N PRO F 36 26.06 46.91 -0.99
CA PRO F 36 27.23 46.06 -1.24
C PRO F 36 27.84 45.54 0.05
N GLU F 37 28.39 44.32 -0.03
CA GLU F 37 29.09 43.69 1.09
C GLU F 37 30.20 44.62 1.58
N PHE F 38 30.20 44.89 2.89
CA PHE F 38 31.12 45.86 3.49
C PHE F 38 31.81 45.28 4.70
N TYR F 39 32.19 44.01 4.62
CA TYR F 39 32.92 43.32 5.68
C TYR F 39 34.15 42.65 5.09
N ASN F 40 35.12 42.37 5.94
CA ASN F 40 36.29 41.60 5.54
C ASN F 40 36.01 40.11 5.70
N ALA F 41 36.85 39.29 5.07
CA ALA F 41 36.66 37.84 5.13
C ALA F 41 36.62 37.34 6.57
N ARG F 42 37.27 38.04 7.49
CA ARG F 42 37.34 37.58 8.87
C ARG F 42 35.98 37.67 9.57
N GLY F 43 35.16 38.65 9.23
CA GLY F 43 33.97 38.96 9.99
C GLY F 43 33.98 40.34 10.61
N ASP F 44 35.13 41.01 10.63
CA ASP F 44 35.14 42.44 10.91
C ASP F 44 34.46 43.20 9.78
N LEU F 45 33.74 44.26 10.16
CA LEU F 45 33.04 45.15 9.22
C LEU F 45 33.70 46.52 9.26
N ASN F 46 34.33 46.92 8.16
CA ASN F 46 34.89 48.27 8.10
C ASN F 46 33.76 49.24 7.79
N ILE F 47 33.39 50.03 8.80
CA ILE F 47 32.20 50.85 8.74
C ILE F 47 32.43 52.15 7.97
N ARG F 48 33.64 52.71 7.98
CA ARG F 48 33.77 54.04 7.34
C ARG F 48 33.38 53.99 5.86
N ASP F 49 33.60 52.86 5.19
CA ASP F 49 33.18 52.73 3.79
C ASP F 49 31.66 52.73 3.68
N LEU F 50 30.98 51.89 4.47
CA LEU F 50 29.52 51.85 4.51
C LEU F 50 28.94 53.22 4.85
N ARG F 51 29.50 53.85 5.87
CA ARG F 51 29.17 55.21 6.27
C ARG F 51 29.20 56.15 5.06
N ALA F 52 30.31 56.12 4.32
CA ALA F 52 30.44 56.98 3.13
C ALA F 52 29.36 56.69 2.10
N HIS F 53 29.08 55.41 1.83
CA HIS F 53 28.05 55.07 0.85
C HIS F 53 26.66 55.53 1.30
N VAL F 54 26.39 55.47 2.60
CA VAL F 54 25.10 55.94 3.12
C VAL F 54 24.98 57.45 2.94
N LYS F 55 25.98 58.21 3.37
CA LYS F 55 26.00 59.66 3.15
C LYS F 55 25.79 60.01 1.68
N ALA F 56 26.61 59.42 0.80
CA ALA F 56 26.48 59.63 -0.64
C ALA F 56 25.06 59.38 -1.10
N ARG F 57 24.46 58.25 -0.68
CA ARG F 57 23.09 57.92 -1.05
C ARG F 57 22.12 58.97 -0.54
N MET F 58 22.40 59.55 0.62
CA MET F 58 21.54 60.63 1.12
C MET F 58 21.55 61.83 0.18
N ILE F 59 22.73 62.25 -0.28
CA ILE F 59 22.81 63.47 -1.10
C ILE F 59 22.82 63.17 -2.61
N SER F 60 22.61 61.92 -3.01
CA SER F 60 22.54 61.61 -4.44
C SER F 60 21.14 61.88 -4.98
N SER F 61 21.09 62.61 -6.09
CA SER F 61 19.79 62.96 -6.66
C SER F 61 19.03 61.72 -7.11
N GLN F 62 19.73 60.77 -7.72
CA GLN F 62 19.07 59.60 -8.29
C GLN F 62 18.42 58.73 -7.22
N PHE F 63 18.90 58.83 -5.98
CA PHE F 63 18.47 57.93 -4.92
C PHE F 63 17.02 58.20 -4.52
N CYS F 64 16.21 57.13 -4.50
CA CYS F 64 14.77 57.20 -4.26
C CYS F 64 14.34 56.66 -2.90
N GLY F 65 15.26 56.12 -2.11
CA GLY F 65 14.90 55.48 -0.87
C GLY F 65 15.03 53.98 -0.97
N TYR F 66 14.54 53.30 0.06
CA TYR F 66 14.57 51.85 0.14
C TYR F 66 13.17 51.28 -0.09
N VAL F 67 13.08 50.23 -0.87
CA VAL F 67 11.82 49.52 -1.06
C VAL F 67 11.74 48.41 -0.02
N LEU F 68 10.63 48.35 0.71
CA LEU F 68 10.48 47.30 1.70
C LEU F 68 9.02 46.94 1.86
N VAL F 69 8.77 45.71 2.32
CA VAL F 69 7.43 45.25 2.63
C VAL F 69 7.35 44.98 4.12
N SER F 70 6.14 44.82 4.61
CA SER F 70 5.91 44.43 6.01
C SER F 70 5.22 43.08 6.02
N LEU F 71 5.81 42.11 6.68
CA LEU F 71 5.20 40.80 6.78
C LEU F 71 4.84 40.47 8.22
N LEU F 72 3.85 39.61 8.36
CA LEU F 72 3.47 39.01 9.63
C LEU F 72 4.11 37.62 9.71
N ASP F 73 4.22 37.11 10.93
CA ASP F 73 4.92 35.84 11.13
C ASP F 73 4.35 34.73 10.24
N SER F 74 3.03 34.57 10.23
CA SER F 74 2.44 33.46 9.50
C SER F 74 2.56 33.60 8.01
N GLU F 75 2.76 34.81 7.50
CA GLU F 75 2.76 35.04 6.05
C GLU F 75 4.04 34.54 5.38
N ASP F 76 5.17 34.53 6.11
CA ASP F 76 6.51 34.28 5.53
C ASP F 76 6.86 32.82 5.74
N GLN F 77 6.75 32.03 4.67
CA GLN F 77 7.12 30.62 4.68
C GLN F 77 8.48 30.38 4.03
N VAL F 78 9.44 31.30 4.25
CA VAL F 78 10.82 31.14 3.79
C VAL F 78 10.92 31.17 2.27
N ASP F 79 10.24 30.21 1.62
CA ASP F 79 10.24 30.08 0.17
C ASP F 79 8.97 30.58 -0.48
N HIS F 80 7.96 30.89 0.33
CA HIS F 80 6.69 31.22 -0.25
C HIS F 80 5.98 32.22 0.65
N LEU F 81 5.16 33.06 0.05
CA LEU F 81 4.40 34.04 0.80
C LEU F 81 2.97 33.55 0.90
N ASN F 82 2.49 33.42 2.13
CA ASN F 82 1.11 33.10 2.44
C ASN F 82 0.37 34.40 2.71
N ILE F 83 0.20 35.16 1.64
CA ILE F 83 -0.45 36.45 1.70
C ILE F 83 -1.07 36.66 0.32
N PHE F 84 -2.16 37.41 0.25
CA PHE F 84 -2.74 37.56 -1.06
C PHE F 84 -2.04 38.69 -1.81
N PRO F 85 -2.01 38.61 -3.14
CA PRO F 85 -1.26 39.62 -3.92
C PRO F 85 -1.63 41.07 -3.65
N HIS F 86 -2.93 41.40 -3.60
CA HIS F 86 -3.29 42.79 -3.39
C HIS F 86 -2.85 43.27 -2.02
N VAL F 87 -2.80 42.36 -1.04
CA VAL F 87 -2.29 42.74 0.28
C VAL F 87 -0.79 42.97 0.20
N PHE F 88 -0.07 42.12 -0.50
CA PHE F 88 1.37 42.30 -0.63
C PHE F 88 1.68 43.66 -1.23
N SER F 89 0.98 44.04 -2.29
CA SER F 89 1.12 45.40 -2.79
C SER F 89 0.88 46.42 -1.69
N GLU F 90 -0.22 46.27 -0.94
CA GLU F 90 -0.45 47.27 0.11
C GLU F 90 0.71 47.32 1.11
N ARG F 91 1.38 46.20 1.36
CA ARG F 91 2.47 46.17 2.33
C ARG F 91 3.70 46.92 1.87
N MET F 92 3.85 47.16 0.57
CA MET F 92 5.14 47.57 0.02
C MET F 92 5.24 49.09 -0.12
N ILE F 93 6.39 49.64 0.26
CA ILE F 93 6.58 51.07 0.31
C ILE F 93 7.97 51.42 -0.19
N LEU F 94 8.05 52.63 -0.72
CA LEU F 94 9.29 53.30 -1.06
C LEU F 94 9.55 54.31 0.06
N TYR F 95 10.61 54.09 0.82
CA TYR F 95 10.86 54.78 2.08
C TYR F 95 12.14 55.60 1.98
N LYS F 96 12.01 56.92 2.04
CA LYS F 96 13.16 57.82 2.12
C LYS F 96 13.08 58.63 3.41
N PRO F 97 13.83 58.26 4.46
CA PRO F 97 13.80 59.03 5.71
C PRO F 97 14.79 60.19 5.67
N ASN F 98 14.35 61.37 6.14
CA ASN F 98 15.26 62.51 6.20
C ASN F 98 16.36 62.30 7.22
N ASN F 99 16.08 61.51 8.26
CA ASN F 99 17.05 61.18 9.29
C ASN F 99 18.29 60.51 8.68
N VAL F 100 19.43 60.78 9.30
CA VAL F 100 20.72 60.36 8.74
C VAL F 100 21.12 58.96 9.19
N ASN F 101 20.58 58.48 10.32
CA ASN F 101 20.95 57.19 10.87
C ASN F 101 20.03 56.07 10.39
N LEU F 102 18.83 56.42 9.92
CA LEU F 102 17.90 55.43 9.42
C LEU F 102 18.42 54.80 8.13
N MET F 103 19.09 55.60 7.31
CA MET F 103 19.67 55.09 6.07
C MET F 103 20.64 53.95 6.34
N GLU F 104 21.38 54.04 7.46
CA GLU F 104 22.35 53.00 7.77
C GLU F 104 21.67 51.75 8.31
N MET F 105 20.62 51.90 9.12
CA MET F 105 19.85 50.74 9.56
C MET F 105 19.28 50.00 8.36
N CYS F 106 18.62 50.74 7.45
CA CYS F 106 18.07 50.11 6.25
C CYS F 106 19.16 49.43 5.44
N ALA F 107 20.26 50.13 5.16
CA ALA F 107 21.34 49.53 4.38
C ALA F 107 21.79 48.22 5.01
N LEU F 108 22.07 48.25 6.32
CA LEU F 108 22.42 47.05 7.09
C LEU F 108 21.40 45.94 6.88
N LEU F 109 20.10 46.26 6.92
CA LEU F 109 19.11 45.23 6.62
C LEU F 109 19.37 44.64 5.23
N SER F 110 19.69 45.49 4.25
CA SER F 110 19.89 44.98 2.89
C SER F 110 21.06 44.00 2.85
N MET F 111 22.15 44.28 3.58
CA MET F 111 23.23 43.30 3.68
C MET F 111 22.77 42.05 4.44
N ILE F 112 22.19 42.24 5.62
CA ILE F 112 21.72 41.17 6.50
C ILE F 112 21.01 40.11 5.68
N GLU F 113 19.99 40.54 4.95
CA GLU F 113 19.28 39.61 4.08
C GLU F 113 20.21 39.01 3.02
N ASN F 114 21.06 39.83 2.42
CA ASN F 114 21.86 39.43 1.27
C ASN F 114 23.25 38.91 1.66
N ALA F 115 23.42 38.42 2.89
CA ALA F 115 24.73 37.95 3.35
C ALA F 115 25.02 36.57 2.80
N LYS F 116 26.09 36.45 2.00
CA LYS F 116 26.39 35.18 1.34
C LYS F 116 26.57 34.06 2.36
N SER F 117 27.35 34.30 3.40
CA SER F 117 27.38 33.39 4.54
C SER F 117 27.88 34.16 5.75
N PRO F 118 27.00 34.51 6.68
CA PRO F 118 27.43 35.34 7.81
C PRO F 118 27.96 34.51 8.96
N SER F 119 29.12 34.91 9.49
CA SER F 119 29.65 34.32 10.71
C SER F 119 29.05 35.01 11.92
N ILE F 120 29.01 34.29 13.04
CA ILE F 120 28.42 34.90 14.24
C ILE F 120 29.23 36.12 14.66
N GLY F 121 30.54 36.12 14.41
CA GLY F 121 31.32 37.31 14.70
C GLY F 121 30.91 38.50 13.86
N LEU F 122 30.63 38.24 12.57
CA LEU F 122 30.05 39.27 11.72
C LEU F 122 28.68 39.71 12.23
N CYS F 123 27.91 38.80 12.84
CA CYS F 123 26.59 39.15 13.36
C CYS F 123 26.70 39.97 14.63
N ARG F 124 27.63 39.60 15.53
CA ARG F 124 27.91 40.37 16.72
C ARG F 124 28.28 41.80 16.36
N GLU F 125 29.14 41.97 15.35
CA GLU F 125 29.55 43.31 14.99
C GLU F 125 28.44 44.07 14.27
N VAL F 126 27.60 43.37 13.49
CA VAL F 126 26.54 44.04 12.75
C VAL F 126 25.46 44.54 13.70
N LEU F 127 25.02 43.69 14.63
CA LEU F 127 24.11 44.19 15.66
C LEU F 127 24.81 45.20 16.57
N GLY F 128 26.14 45.13 16.68
CA GLY F 128 26.85 46.18 17.38
C GLY F 128 26.61 47.55 16.75
N ARG F 129 26.86 47.65 15.44
CA ARG F 129 26.54 48.88 14.72
C ARG F 129 25.07 49.26 14.84
N LEU F 130 24.17 48.26 14.78
CA LEU F 130 22.74 48.53 14.88
C LEU F 130 22.37 49.11 16.24
N THR F 131 23.03 48.66 17.30
CA THR F 131 22.68 49.17 18.62
C THR F 131 23.19 50.59 18.78
N LEU F 132 24.43 50.84 18.33
CA LEU F 132 24.95 52.20 18.36
C LEU F 132 24.08 53.15 17.55
N LEU F 133 23.54 52.67 16.41
CA LEU F 133 22.72 53.49 15.50
C LEU F 133 21.28 53.67 15.98
N HIS F 134 20.71 52.67 16.66
CA HIS F 134 19.38 52.82 17.25
C HIS F 134 19.39 53.78 18.42
N SER F 135 20.51 53.83 19.17
CA SER F 135 20.56 54.73 20.31
C SER F 135 20.41 56.20 19.88
N LYS F 136 21.10 56.59 18.78
CA LYS F 136 21.22 58.00 18.40
C LYS F 136 19.90 58.60 17.92
N CYS F 137 18.97 57.76 17.45
CA CYS F 137 17.69 58.22 16.93
C CYS F 137 16.59 57.39 17.57
N ASN F 138 15.71 58.05 18.33
CA ASN F 138 14.68 57.37 19.10
C ASN F 138 13.32 57.87 18.65
N ASN F 139 12.67 57.05 17.83
CA ASN F 139 11.32 57.26 17.31
C ASN F 139 10.82 55.91 16.79
N LEU F 140 9.56 55.88 16.34
CA LEU F 140 8.93 54.62 15.99
C LEU F 140 9.51 54.00 14.73
N ASP F 141 10.01 54.81 13.80
CA ASP F 141 10.57 54.21 12.59
C ASP F 141 11.87 53.47 12.91
N SER F 142 12.79 54.12 13.63
CA SER F 142 14.01 53.43 14.08
C SER F 142 13.69 52.29 15.04
N LEU F 143 12.64 52.44 15.84
CA LEU F 143 12.19 51.37 16.71
C LEU F 143 11.81 50.15 15.88
N PHE F 144 10.83 50.32 15.00
CA PHE F 144 10.43 49.31 14.02
C PHE F 144 11.62 48.64 13.36
N LEU F 145 12.61 49.43 12.92
CA LEU F 145 13.78 48.86 12.27
C LEU F 145 14.69 48.11 13.25
N TYR F 146 14.63 48.45 14.55
CA TYR F 146 15.41 47.69 15.52
C TYR F 146 14.76 46.34 15.78
N ASN F 147 13.46 46.33 16.10
CA ASN F 147 12.77 45.05 16.30
C ASN F 147 12.88 44.16 15.08
N GLY F 148 12.76 44.75 13.89
CA GLY F 148 12.87 43.96 12.69
C GLY F 148 14.27 43.42 12.49
N ALA F 149 15.27 44.30 12.58
CA ALA F 149 16.65 43.87 12.36
C ALA F 149 17.04 42.79 13.35
N ARG F 150 16.69 43.00 14.61
CA ARG F 150 16.93 42.02 15.67
C ARG F 150 16.28 40.70 15.32
N THR F 151 14.98 40.74 14.99
CA THR F 151 14.21 39.56 14.62
C THR F 151 14.88 38.78 13.50
N LEU F 152 15.01 39.39 12.34
CA LEU F 152 15.69 38.79 11.20
C LEU F 152 17.04 38.22 11.61
N LEU F 153 17.86 39.04 12.28
CA LEU F 153 19.21 38.64 12.67
C LEU F 153 19.19 37.37 13.50
N SER F 154 18.40 37.37 14.57
CA SER F 154 18.26 36.17 15.39
C SER F 154 17.75 34.98 14.59
N THR F 155 16.91 35.19 13.55
CA THR F 155 16.51 34.04 12.73
C THR F 155 17.71 33.51 11.94
N LEU F 156 18.50 34.41 11.34
CA LEU F 156 19.66 33.97 10.58
C LEU F 156 20.68 33.28 11.49
N VAL F 157 20.75 33.72 12.75
CA VAL F 157 21.69 33.14 13.69
C VAL F 157 21.18 31.78 14.16
N LYS F 158 19.88 31.68 14.44
CA LYS F 158 19.28 30.48 15.01
C LYS F 158 19.12 29.36 13.99
N TYR F 159 18.87 29.69 12.72
CA TYR F 159 18.67 28.65 11.73
C TYR F 159 19.99 27.96 11.37
N HIS F 160 21.11 28.68 11.52
CA HIS F 160 22.43 28.12 11.34
C HIS F 160 23.10 27.79 12.67
N ASP F 161 22.31 27.78 13.76
CA ASP F 161 22.76 27.48 15.13
C ASP F 161 24.07 28.21 15.44
N LEU F 162 24.07 29.52 15.20
CA LEU F 162 25.34 30.24 15.21
C LEU F 162 25.80 30.59 16.63
N GLU F 163 24.92 30.56 17.61
CA GLU F 163 25.31 30.76 19.01
C GLU F 163 25.00 29.49 19.80
N GLU F 164 25.68 29.36 20.94
CA GLU F 164 25.43 28.29 21.91
C GLU F 164 25.61 28.82 23.32
N PRO F 169 21.84 34.07 27.55
CA PRO F 169 20.42 34.38 27.63
C PRO F 169 20.14 35.87 27.41
N GLY F 170 19.78 36.23 26.16
CA GLY F 170 19.56 37.60 25.82
C GLY F 170 20.32 38.21 24.64
N PRO F 171 21.27 37.51 24.00
CA PRO F 171 21.93 38.14 22.84
C PRO F 171 21.01 38.23 21.64
N TRP F 172 20.16 37.22 21.44
CA TRP F 172 19.21 37.21 20.35
C TRP F 172 17.82 36.90 20.93
N ASN F 173 16.83 36.83 20.05
CA ASN F 173 15.47 36.52 20.46
C ASN F 173 14.95 35.36 19.62
N GLU F 174 13.79 34.84 20.01
CA GLU F 174 13.09 33.87 19.17
C GLU F 174 12.73 34.52 17.85
N GLY F 175 13.04 33.85 16.76
CA GLY F 175 12.96 34.46 15.44
C GLY F 175 11.59 34.37 14.81
N LEU F 176 11.54 34.75 13.53
CA LEU F 176 10.41 34.48 12.66
C LEU F 176 10.01 33.02 12.77
N SER F 177 8.87 32.79 13.42
CA SER F 177 8.46 31.46 13.81
C SER F 177 8.55 30.44 12.68
N LEU F 178 8.03 30.77 11.49
CA LEU F 178 7.97 29.77 10.43
C LEU F 178 9.34 29.25 9.98
N PHE F 179 10.42 29.93 10.31
CA PHE F 179 11.70 29.43 9.86
C PHE F 179 12.07 28.15 10.60
N LYS F 180 11.83 28.13 11.91
CA LYS F 180 12.03 26.91 12.69
C LYS F 180 11.28 25.73 12.07
N LEU F 181 10.00 25.93 11.75
CA LEU F 181 9.26 24.87 11.09
C LEU F 181 9.98 24.43 9.80
N HIS F 182 10.47 25.41 9.01
CA HIS F 182 11.20 25.09 7.79
C HIS F 182 12.34 24.12 8.09
N LYS F 183 13.09 24.40 9.16
CA LYS F 183 14.26 23.58 9.50
C LYS F 183 13.84 22.19 9.98
N GLU F 184 12.96 22.13 10.98
CA GLU F 184 12.53 20.84 11.49
C GLU F 184 12.02 19.97 10.35
N LEU F 185 11.09 20.48 9.55
CA LEU F 185 10.63 19.69 8.41
C LEU F 185 11.76 19.28 7.50
N LYS F 186 12.88 20.01 7.49
CA LYS F 186 13.99 19.45 6.74
C LYS F 186 14.58 18.23 7.46
N ARG F 187 14.52 18.18 8.79
CA ARG F 187 15.05 17.00 9.46
C ARG F 187 14.23 15.73 9.21
N ALA F 188 12.97 15.86 8.83
CA ALA F 188 12.06 14.73 8.88
C ALA F 188 12.40 13.70 7.81
N PRO F 189 11.96 12.45 7.98
CA PRO F 189 12.13 11.44 6.92
C PRO F 189 11.63 11.95 5.60
N SER F 190 12.22 11.45 4.50
CA SER F 190 11.94 11.99 3.18
C SER F 190 10.44 12.03 2.88
N GLU F 191 9.82 10.85 2.85
CA GLU F 191 8.44 10.73 2.37
C GLU F 191 7.49 11.63 3.16
N ALA F 192 7.59 11.63 4.49
CA ALA F 192 6.80 12.56 5.29
C ALA F 192 7.22 14.00 5.04
N ARG F 193 8.51 14.23 4.76
CA ARG F 193 9.04 15.59 4.60
C ARG F 193 8.36 16.33 3.45
N ASP F 194 8.39 15.75 2.24
CA ASP F 194 7.80 16.45 1.10
C ASP F 194 6.35 16.82 1.36
N LEU F 195 5.57 15.89 1.90
CA LEU F 195 4.18 16.17 2.24
C LEU F 195 4.07 17.35 3.20
N MET F 196 4.67 17.26 4.38
CA MET F 196 4.47 18.32 5.36
C MET F 196 4.90 19.67 4.80
N GLN F 197 6.00 19.72 4.04
CA GLN F 197 6.39 20.97 3.41
C GLN F 197 5.32 21.46 2.45
N SER F 198 4.68 20.54 1.69
CA SER F 198 3.63 20.96 0.75
C SER F 198 2.34 21.38 1.45
N LEU F 199 2.10 20.92 2.67
CA LEU F 199 0.90 21.33 3.39
C LEU F 199 1.10 22.67 4.12
N PHE F 200 2.31 22.92 4.65
CA PHE F 200 2.49 24.00 5.60
C PHE F 200 3.40 25.15 5.13
N LEU F 201 4.25 24.92 4.14
CA LEU F 201 5.23 25.93 3.78
C LEU F 201 5.28 26.17 2.27
N THR F 202 4.17 25.93 1.56
CA THR F 202 4.12 26.21 0.16
C THR F 202 2.74 26.77 -0.13
N SER F 203 2.51 28.01 0.31
CA SER F 203 1.31 28.74 -0.09
C SER F 203 1.38 29.08 -1.57
N GLY F 204 0.39 28.64 -2.33
CA GLY F 204 0.34 29.16 -3.69
C GLY F 204 -0.25 30.54 -3.85
N LYS F 205 -0.45 31.31 -2.78
CA LYS F 205 -1.26 32.51 -2.92
C LYS F 205 -0.57 33.59 -3.71
N MET F 206 0.76 33.68 -3.63
CA MET F 206 1.48 34.71 -4.38
C MET F 206 1.87 34.22 -5.76
N GLY F 207 1.45 33.01 -6.12
CA GLY F 207 1.61 32.54 -7.48
C GLY F 207 2.81 31.65 -7.69
N CYS F 208 3.35 31.66 -8.89
CA CYS F 208 4.46 30.78 -9.21
C CYS F 208 5.80 31.43 -8.88
N LEU F 209 6.86 30.64 -9.07
CA LEU F 209 8.24 31.08 -8.96
C LEU F 209 8.89 31.03 -10.33
N ALA F 210 9.90 31.88 -10.53
CA ALA F 210 10.63 31.96 -11.78
C ALA F 210 11.99 31.29 -11.63
N ARG F 211 12.50 30.68 -12.73
CA ARG F 211 13.82 30.08 -12.67
C ARG F 211 14.89 31.14 -12.38
N SER F 212 14.88 32.22 -13.16
CA SER F 212 15.80 33.34 -12.96
C SER F 212 15.01 34.63 -12.75
N PRO F 213 15.18 35.33 -11.62
CA PRO F 213 14.46 36.60 -11.46
C PRO F 213 14.97 37.69 -12.39
N LYS F 214 16.26 37.64 -12.73
CA LYS F 214 16.82 38.60 -13.67
C LYS F 214 16.26 38.36 -15.07
N ASP F 215 16.17 37.10 -15.48
CA ASP F 215 15.58 36.77 -16.76
C ASP F 215 14.10 37.19 -16.81
N TYR F 216 13.40 37.02 -15.69
CA TYR F 216 11.98 37.37 -15.62
C TYR F 216 11.79 38.88 -15.70
N CYS F 217 12.61 39.64 -14.98
CA CYS F 217 12.55 41.10 -15.08
C CYS F 217 12.97 41.58 -16.47
N ALA F 218 13.79 40.78 -17.17
CA ALA F 218 14.11 41.07 -18.55
C ALA F 218 12.90 40.89 -19.45
N ASP F 219 12.08 39.88 -19.17
CA ASP F 219 10.80 39.75 -19.86
C ASP F 219 9.92 40.97 -19.60
N LEU F 220 9.75 41.33 -18.33
CA LEU F 220 8.96 42.50 -17.97
C LEU F 220 9.42 43.74 -18.72
N ASN F 221 10.74 43.97 -18.79
CA ASN F 221 11.27 45.09 -19.56
C ASN F 221 11.01 44.94 -21.04
N LYS F 222 10.98 43.70 -21.55
CA LYS F 222 10.68 43.48 -22.96
C LYS F 222 9.31 44.01 -23.32
N GLU F 223 8.29 43.72 -22.49
CA GLU F 223 6.92 44.13 -22.83
C GLU F 223 6.84 45.60 -23.22
N GLU F 224 7.48 46.48 -22.48
CA GLU F 224 7.46 47.91 -22.77
C GLU F 224 8.70 48.23 -23.60
N ASP F 225 8.49 48.56 -24.87
CA ASP F 225 9.62 48.97 -25.72
C ASP F 225 9.50 50.42 -26.13
N ALA F 226 8.75 50.68 -27.21
CA ALA F 226 8.49 52.06 -27.58
C ALA F 226 7.70 52.79 -26.51
N ASN F 227 6.68 52.13 -25.96
CA ASN F 227 5.85 52.73 -24.92
C ASN F 227 6.64 52.89 -23.63
N SER F 228 6.77 54.15 -23.18
CA SER F 228 7.48 54.54 -21.96
C SER F 228 8.99 54.43 -22.15
N GLY F 229 9.52 53.20 -22.16
CA GLY F 229 10.95 53.02 -22.17
C GLY F 229 11.57 52.88 -20.80
N PHE F 230 10.76 52.85 -19.74
CA PHE F 230 11.27 52.57 -18.41
C PHE F 230 11.83 51.16 -18.35
N THR F 231 13.03 51.03 -17.79
CA THR F 231 13.74 49.75 -17.68
C THR F 231 13.99 49.45 -16.21
N PHE F 232 13.55 48.28 -15.75
CA PHE F 232 13.73 47.85 -14.37
C PHE F 232 14.62 46.62 -14.28
N ASN F 233 15.68 46.70 -13.48
CA ASN F 233 16.61 45.60 -13.31
C ASN F 233 16.90 45.39 -11.84
N LEU F 234 16.86 44.13 -11.41
CA LEU F 234 17.02 43.74 -10.02
C LEU F 234 18.38 43.10 -9.82
N PHE F 235 19.04 43.41 -8.70
CA PHE F 235 20.29 42.77 -8.29
C PHE F 235 20.26 42.53 -6.78
N TYR F 236 20.19 41.26 -6.37
CA TYR F 236 20.23 40.89 -4.96
C TYR F 236 21.18 39.71 -4.79
N GLN F 237 21.63 39.52 -3.56
CA GLN F 237 22.50 38.38 -3.26
C GLN F 237 21.65 37.21 -2.81
N ASP F 238 21.96 36.02 -3.34
CA ASP F 238 21.23 34.81 -2.98
C ASP F 238 21.49 34.46 -1.52
N SER F 239 20.44 34.05 -0.82
CA SER F 239 20.53 33.90 0.63
C SER F 239 19.28 33.21 1.15
N LEU F 240 19.24 33.06 2.47
CA LEU F 240 18.10 32.45 3.14
C LEU F 240 16.90 33.39 3.13
N LEU F 241 17.15 34.67 3.37
CA LEU F 241 16.12 35.68 3.54
C LEU F 241 15.85 36.46 2.26
N THR F 242 16.43 36.07 1.14
CA THR F 242 16.03 36.61 -0.15
C THR F 242 15.60 35.50 -1.11
N LYS F 243 14.89 34.50 -0.60
CA LYS F 243 14.31 33.51 -1.48
C LYS F 243 13.01 34.00 -2.09
N HIS F 244 12.47 35.08 -1.54
CA HIS F 244 11.20 35.61 -1.97
C HIS F 244 11.30 36.35 -3.28
N PHE F 245 12.51 36.69 -3.71
CA PHE F 245 12.65 37.37 -4.98
C PHE F 245 12.42 36.45 -6.16
N GLN F 246 12.18 35.15 -5.92
CA GLN F 246 11.85 34.27 -7.03
C GLN F 246 10.37 34.29 -7.34
N CYS F 247 9.57 34.92 -6.50
CA CYS F 247 8.14 34.98 -6.74
C CYS F 247 7.86 35.96 -7.86
N GLN F 248 7.35 35.45 -8.98
CA GLN F 248 6.99 36.31 -10.10
C GLN F 248 6.09 37.47 -9.67
N THR F 249 5.08 37.21 -8.84
CA THR F 249 4.23 38.30 -8.37
C THR F 249 5.01 39.28 -7.50
N VAL F 250 5.96 38.79 -6.71
CA VAL F 250 6.80 39.72 -5.97
C VAL F 250 7.58 40.60 -6.92
N LEU F 251 8.23 40.01 -7.92
CA LEU F 251 8.98 40.83 -8.87
C LEU F 251 8.07 41.83 -9.58
N GLN F 252 6.82 41.44 -9.85
CA GLN F 252 5.89 42.38 -10.45
C GLN F 252 5.61 43.53 -9.48
N THR F 253 5.38 43.23 -8.21
CA THR F 253 5.05 44.27 -7.25
C THR F 253 6.24 45.16 -6.95
N LEU F 254 7.44 44.57 -6.92
CA LEU F 254 8.67 45.32 -6.63
C LEU F 254 9.04 46.21 -7.80
N ARG F 255 8.79 45.76 -9.03
CA ARG F 255 8.95 46.62 -10.19
C ARG F 255 7.93 47.75 -10.16
N ARG F 256 6.65 47.42 -9.96
CA ARG F 256 5.61 48.43 -9.95
C ARG F 256 5.89 49.50 -8.88
N LYS F 257 6.30 49.08 -7.69
CA LYS F 257 6.54 50.06 -6.62
C LYS F 257 7.83 50.85 -6.84
N CYS F 258 8.92 50.17 -7.24
CA CYS F 258 10.18 50.87 -7.44
C CYS F 258 10.09 51.90 -8.56
N LEU F 259 9.25 51.64 -9.57
CA LEU F 259 8.97 52.62 -10.60
C LEU F 259 7.85 53.58 -10.22
N GLY F 260 6.98 53.18 -9.28
CA GLY F 260 5.95 54.03 -8.69
C GLY F 260 6.35 55.45 -8.34
N SER F 261 5.34 56.30 -8.12
CA SER F 261 5.51 57.75 -8.09
C SER F 261 5.22 58.34 -6.72
N ASP F 262 5.32 57.57 -5.65
CA ASP F 262 5.11 58.07 -4.31
C ASP F 262 6.14 57.46 -3.37
N THR F 263 6.64 58.28 -2.46
CA THR F 263 7.66 57.93 -1.49
C THR F 263 7.17 58.44 -0.14
N VAL F 264 7.35 57.65 0.90
CA VAL F 264 7.04 58.14 2.24
C VAL F 264 8.35 58.43 2.95
N SER F 265 8.29 59.34 3.92
CA SER F 265 9.42 59.60 4.79
C SER F 265 9.22 59.07 6.19
N LYS F 266 8.02 58.59 6.53
CA LYS F 266 7.74 58.06 7.85
C LYS F 266 6.94 56.76 7.72
N ILE F 267 7.59 55.64 8.08
CA ILE F 267 6.96 54.33 7.96
C ILE F 267 5.65 54.30 8.73
N ILE F 268 5.69 54.86 9.93
CA ILE F 268 4.56 54.80 10.85
C ILE F 268 4.60 56.09 11.64
N PRO F 269 4.13 57.21 11.07
CA PRO F 269 4.10 58.50 11.78
C PRO F 269 2.85 58.68 12.63
N ALA G 13 -5.90 -14.01 -52.85
CA ALA G 13 -4.77 -14.60 -52.13
C ALA G 13 -4.21 -15.80 -52.86
N GLU G 14 -3.48 -16.65 -52.14
CA GLU G 14 -2.97 -17.88 -52.73
C GLU G 14 -3.95 -19.05 -52.63
N ILE G 15 -4.88 -19.02 -51.67
CA ILE G 15 -5.96 -19.99 -51.56
C ILE G 15 -7.26 -19.24 -51.28
N ASP G 16 -8.29 -19.55 -52.07
CA ASP G 16 -9.57 -18.90 -51.92
C ASP G 16 -10.32 -19.53 -50.75
N LEU G 17 -10.69 -18.71 -49.80
CA LEU G 17 -11.52 -19.14 -48.68
C LEU G 17 -12.83 -18.38 -48.77
N GLY G 18 -13.93 -19.03 -48.42
CA GLY G 18 -15.22 -18.39 -48.51
C GLY G 18 -15.29 -17.21 -47.57
N LEU G 19 -15.01 -16.00 -48.06
CA LEU G 19 -14.92 -14.90 -47.12
C LEU G 19 -16.05 -13.88 -47.34
N PRO G 20 -16.64 -13.39 -46.28
CA PRO G 20 -17.65 -12.34 -46.39
C PRO G 20 -16.97 -11.00 -46.59
N PRO G 21 -17.71 -9.99 -47.04
CA PRO G 21 -17.13 -8.68 -47.34
C PRO G 21 -15.95 -8.20 -46.49
N GLY G 22 -16.14 -7.90 -45.21
CA GLY G 22 -15.08 -7.20 -44.50
C GLY G 22 -13.77 -7.95 -44.42
N VAL G 23 -13.81 -9.28 -44.52
CA VAL G 23 -12.69 -10.10 -44.09
C VAL G 23 -11.66 -10.20 -45.20
N GLN G 24 -10.50 -9.61 -44.97
CA GLN G 24 -9.31 -9.83 -45.77
C GLN G 24 -8.37 -10.76 -45.03
N VAL G 25 -7.26 -11.11 -45.67
CA VAL G 25 -6.32 -12.08 -45.10
C VAL G 25 -5.62 -11.49 -43.88
N GLY G 26 -5.14 -10.25 -43.98
CA GLY G 26 -4.36 -9.67 -42.90
C GLY G 26 -5.10 -9.65 -41.58
N ASP G 27 -6.38 -9.27 -41.60
CA ASP G 27 -7.22 -9.39 -40.41
C ASP G 27 -7.28 -10.83 -39.94
N LEU G 28 -7.27 -11.78 -40.88
CA LEU G 28 -7.57 -13.16 -40.54
C LEU G 28 -6.39 -13.81 -39.81
N LEU G 29 -5.15 -13.46 -40.20
CA LEU G 29 -3.98 -13.97 -39.47
C LEU G 29 -3.66 -13.13 -38.23
N ARG G 30 -3.89 -11.82 -38.29
CA ARG G 30 -3.82 -11.04 -37.07
C ARG G 30 -4.71 -11.65 -35.98
N ASN G 31 -5.91 -12.07 -36.38
CA ASN G 31 -6.83 -12.80 -35.49
C ASN G 31 -6.16 -13.99 -34.83
N GLU G 32 -5.37 -14.76 -35.58
CA GLU G 32 -4.74 -15.94 -35.02
C GLU G 32 -3.67 -15.57 -33.99
N GLN G 33 -2.86 -14.55 -34.29
CA GLN G 33 -1.89 -14.05 -33.30
C GLN G 33 -2.57 -13.72 -31.97
N THR G 34 -3.61 -12.88 -32.05
CA THR G 34 -4.30 -12.44 -30.84
C THR G 34 -5.01 -13.59 -30.13
N MET G 35 -5.52 -14.56 -30.90
CA MET G 35 -6.21 -15.70 -30.29
C MET G 35 -5.25 -16.60 -29.54
N GLY G 36 -4.03 -16.75 -30.03
CA GLY G 36 -3.01 -17.44 -29.28
C GLY G 36 -2.74 -16.72 -27.97
N SER G 37 -2.38 -15.43 -28.07
CA SER G 37 -2.00 -14.71 -26.86
C SER G 37 -3.12 -14.74 -25.80
N LEU G 38 -4.35 -14.45 -26.20
CA LEU G 38 -5.44 -14.48 -25.22
C LEU G 38 -5.83 -15.89 -24.81
N ARG G 39 -5.51 -16.90 -25.61
CA ARG G 39 -5.65 -18.27 -25.14
C ARG G 39 -4.79 -18.49 -23.90
N GLN G 40 -3.52 -18.07 -23.98
CA GLN G 40 -2.65 -18.12 -22.81
C GLN G 40 -3.27 -17.36 -21.64
N VAL G 41 -3.78 -16.16 -21.89
CA VAL G 41 -4.39 -15.36 -20.82
C VAL G 41 -5.56 -16.08 -20.18
N TYR G 42 -6.36 -16.79 -20.98
CA TYR G 42 -7.49 -17.50 -20.42
C TYR G 42 -7.03 -18.66 -19.53
N LEU G 43 -6.02 -19.41 -19.99
CA LEU G 43 -5.45 -20.46 -19.13
C LEU G 43 -4.98 -19.87 -17.80
N LEU G 44 -4.25 -18.75 -17.88
CA LEU G 44 -3.82 -18.10 -16.65
C LEU G 44 -5.01 -17.71 -15.79
N ALA G 45 -6.12 -17.28 -16.41
CA ALA G 45 -7.27 -16.84 -15.64
C ALA G 45 -7.88 -17.98 -14.85
N VAL G 46 -8.15 -19.12 -15.51
CA VAL G 46 -8.80 -20.23 -14.83
C VAL G 46 -7.87 -20.87 -13.80
N GLN G 47 -6.56 -20.81 -14.06
CA GLN G 47 -5.58 -21.19 -13.04
C GLN G 47 -5.69 -20.32 -11.80
N ALA G 48 -5.54 -19.01 -11.98
CA ALA G 48 -5.63 -18.09 -10.84
C ALA G 48 -6.94 -18.24 -10.10
N ASN G 49 -8.00 -18.62 -10.81
CA ASN G 49 -9.31 -18.75 -10.17
C ASN G 49 -9.48 -20.08 -9.43
N SER G 50 -8.89 -21.16 -9.91
CA SER G 50 -8.87 -22.36 -9.10
C SER G 50 -8.07 -22.12 -7.83
N ILE G 51 -6.89 -21.51 -7.95
CA ILE G 51 -6.11 -21.25 -6.75
C ILE G 51 -6.90 -20.35 -5.81
N THR G 52 -7.53 -19.30 -6.34
CA THR G 52 -8.27 -18.43 -5.45
C THR G 52 -9.49 -19.12 -4.81
N ASP G 53 -10.00 -20.19 -5.44
CA ASP G 53 -11.07 -20.97 -4.81
C ASP G 53 -10.54 -21.84 -3.67
N HIS G 54 -9.38 -22.48 -3.88
CA HIS G 54 -8.74 -23.19 -2.78
C HIS G 54 -8.44 -22.24 -1.62
N LEU G 55 -7.96 -21.05 -1.92
CA LEU G 55 -7.79 -20.03 -0.89
C LEU G 55 -9.09 -19.78 -0.14
N LYS G 56 -10.20 -19.59 -0.88
CA LYS G 56 -11.49 -19.44 -0.22
C LYS G 56 -11.75 -20.58 0.75
N ARG G 57 -11.42 -21.80 0.35
CA ARG G 57 -11.70 -22.93 1.23
C ARG G 57 -10.84 -22.85 2.49
N PHE G 58 -9.53 -22.65 2.34
CA PHE G 58 -8.67 -22.47 3.52
C PHE G 58 -9.22 -21.38 4.43
N ASP G 59 -9.36 -20.16 3.91
CA ASP G 59 -9.76 -19.02 4.73
C ASP G 59 -11.14 -19.20 5.33
N ALA G 60 -11.99 -20.02 4.72
CA ALA G 60 -13.30 -20.23 5.30
C ALA G 60 -13.29 -21.33 6.34
N VAL G 61 -12.36 -22.29 6.23
CA VAL G 61 -12.42 -23.50 7.04
C VAL G 61 -12.28 -23.19 8.52
N ARG G 62 -11.52 -22.14 8.87
CA ARG G 62 -11.31 -21.78 10.26
C ARG G 62 -10.58 -22.90 10.98
N VAL G 63 -10.95 -23.15 12.24
CA VAL G 63 -10.37 -24.14 13.14
C VAL G 63 -8.85 -24.34 12.99
N PRO G 64 -8.01 -23.30 13.16
CA PRO G 64 -6.58 -23.56 13.34
C PRO G 64 -6.12 -23.28 14.78
N GLU G 65 -5.25 -24.11 15.34
CA GLU G 65 -4.83 -23.95 16.73
C GLU G 65 -3.32 -23.92 16.90
N SER G 66 -2.70 -25.08 16.77
CA SER G 66 -1.25 -25.25 16.71
C SER G 66 -0.81 -25.68 15.33
N CYS G 67 -1.70 -26.30 14.59
CA CYS G 67 -1.55 -26.55 13.19
C CYS G 67 -1.59 -25.25 12.33
N ARG G 68 -1.61 -24.08 12.97
CA ARG G 68 -1.82 -22.83 12.24
C ARG G 68 -0.65 -22.45 11.36
N GLY G 69 0.58 -22.73 11.79
CA GLY G 69 1.71 -22.36 10.96
C GLY G 69 1.74 -23.08 9.64
N VAL G 70 1.40 -24.37 9.64
CA VAL G 70 1.35 -25.11 8.38
C VAL G 70 0.30 -24.53 7.45
N VAL G 71 -0.87 -24.18 8.00
CA VAL G 71 -1.97 -23.64 7.19
C VAL G 71 -1.60 -22.26 6.66
N GLU G 72 -0.96 -21.44 7.50
CA GLU G 72 -0.56 -20.11 7.08
C GLU G 72 0.48 -20.16 5.98
N ALA G 73 1.38 -21.13 6.04
CA ALA G 73 2.37 -21.25 4.98
C ALA G 73 1.77 -21.81 3.71
N GLN G 74 0.75 -22.68 3.82
CA GLN G 74 0.12 -23.18 2.59
C GLN G 74 -0.68 -22.07 1.91
N VAL G 75 -1.37 -21.24 2.68
CA VAL G 75 -1.98 -20.04 2.15
C VAL G 75 -0.92 -19.12 1.54
N ALA G 76 0.24 -19.02 2.18
CA ALA G 76 1.32 -18.17 1.68
C ALA G 76 1.80 -18.65 0.31
N LYS G 77 1.95 -19.96 0.16
CA LYS G 77 2.37 -20.48 -1.13
C LYS G 77 1.30 -20.24 -2.19
N LEU G 78 0.05 -20.58 -1.90
CA LEU G 78 -1.02 -20.31 -2.85
C LEU G 78 -1.01 -18.85 -3.29
N GLU G 79 -1.22 -17.94 -2.34
CA GLU G 79 -1.24 -16.52 -2.67
C GLU G 79 -0.02 -16.12 -3.49
N ALA G 80 1.15 -16.68 -3.17
CA ALA G 80 2.37 -16.34 -3.90
C ALA G 80 2.27 -16.72 -5.37
N VAL G 81 1.99 -18.01 -5.64
CA VAL G 81 1.78 -18.46 -7.03
C VAL G 81 0.75 -17.59 -7.74
N ARG G 82 -0.36 -17.29 -7.05
CA ARG G 82 -1.40 -16.51 -7.72
C ARG G 82 -0.91 -15.12 -8.09
N SER G 83 -0.10 -14.49 -7.23
CA SER G 83 0.48 -13.20 -7.60
C SER G 83 1.32 -13.32 -8.86
N VAL G 84 2.14 -14.36 -8.94
CA VAL G 84 2.93 -14.55 -10.16
C VAL G 84 2.03 -14.69 -11.37
N ILE G 85 0.88 -15.35 -11.22
CA ILE G 85 -0.02 -15.59 -12.35
C ILE G 85 -0.61 -14.27 -12.85
N TRP G 86 -1.20 -13.50 -11.93
CA TRP G 86 -1.78 -12.22 -12.31
C TRP G 86 -0.73 -11.30 -12.92
N ASN G 87 0.48 -11.28 -12.37
CA ASN G 87 1.52 -10.45 -12.97
C ASN G 87 1.91 -10.93 -14.37
N THR G 88 1.96 -12.25 -14.61
CA THR G 88 2.19 -12.73 -15.96
C THR G 88 1.12 -12.22 -16.92
N MET G 89 -0.15 -12.28 -16.49
CA MET G 89 -1.22 -11.74 -17.31
C MET G 89 -0.97 -10.27 -17.64
N ILE G 90 -0.66 -9.47 -16.63
CA ILE G 90 -0.33 -8.07 -16.90
C ILE G 90 0.83 -7.97 -17.87
N SER G 91 1.83 -8.82 -17.70
CA SER G 91 3.03 -8.67 -18.48
C SER G 91 2.80 -8.94 -19.95
N LEU G 92 1.87 -9.83 -20.30
CA LEU G 92 1.59 -9.97 -21.73
C LEU G 92 0.45 -9.08 -22.22
N ALA G 93 -0.37 -8.56 -21.30
CA ALA G 93 -1.23 -7.44 -21.66
C ALA G 93 -0.42 -6.28 -22.22
N VAL G 94 0.62 -5.87 -21.49
CA VAL G 94 1.41 -4.75 -21.98
C VAL G 94 2.04 -5.08 -23.33
N SER G 95 2.49 -6.32 -23.51
CA SER G 95 3.13 -6.66 -24.78
C SER G 95 2.14 -6.52 -25.93
N GLY G 96 0.92 -7.05 -25.75
CA GLY G 96 -0.13 -6.83 -26.73
C GLY G 96 -0.40 -5.36 -26.98
N ILE G 97 -0.20 -4.51 -25.96
CA ILE G 97 -0.32 -3.08 -26.16
C ILE G 97 0.87 -2.54 -26.96
N GLU G 98 2.02 -3.22 -26.91
CA GLU G 98 3.17 -2.79 -27.69
C GLU G 98 3.01 -3.11 -29.16
N MET G 99 2.25 -4.15 -29.48
CA MET G 99 2.04 -4.46 -30.89
C MET G 99 1.17 -3.39 -31.58
N ASP G 100 0.23 -2.79 -30.86
CA ASP G 100 -0.70 -1.84 -31.46
C ASP G 100 -0.03 -0.49 -31.76
N GLU G 101 -0.61 0.21 -32.74
CA GLU G 101 -0.06 1.45 -33.29
C GLU G 101 -0.48 2.70 -32.55
N ASN G 102 -1.57 2.65 -31.78
CA ASN G 102 -2.06 3.82 -31.04
C ASN G 102 -1.47 3.87 -29.63
N GLY G 103 -1.30 2.72 -28.99
CA GLY G 103 -0.63 2.67 -27.71
C GLY G 103 0.88 2.49 -27.86
N LEU H 17 27.72 -48.20 -2.64
CA LEU H 17 26.29 -48.37 -2.37
C LEU H 17 25.93 -47.99 -0.92
N GLY H 18 25.31 -48.93 -0.20
CA GLY H 18 25.13 -48.82 1.23
C GLY H 18 23.95 -47.99 1.69
N LEU H 19 23.06 -47.57 0.79
CA LEU H 19 21.99 -46.64 1.13
C LEU H 19 20.92 -47.34 1.98
N PRO H 20 20.64 -46.84 3.19
CA PRO H 20 19.90 -47.62 4.20
C PRO H 20 18.46 -47.90 3.75
N PRO H 21 17.70 -48.66 4.55
CA PRO H 21 16.32 -48.94 4.19
C PRO H 21 15.51 -47.67 4.01
N GLY H 22 14.71 -47.66 2.95
CA GLY H 22 13.79 -46.59 2.68
C GLY H 22 14.33 -45.48 1.83
N VAL H 23 15.60 -45.54 1.43
CA VAL H 23 16.23 -44.50 0.62
C VAL H 23 16.20 -45.01 -0.82
N GLN H 24 15.17 -44.61 -1.55
CA GLN H 24 15.01 -45.00 -2.92
C GLN H 24 15.83 -44.09 -3.83
N VAL H 25 15.89 -44.46 -5.12
CA VAL H 25 16.64 -43.64 -6.07
C VAL H 25 15.91 -42.32 -6.33
N GLY H 26 14.58 -42.36 -6.45
CA GLY H 26 13.82 -41.14 -6.65
C GLY H 26 14.05 -40.13 -5.55
N ASP H 27 14.26 -40.60 -4.32
CA ASP H 27 14.52 -39.71 -3.19
C ASP H 27 15.92 -39.10 -3.26
N LEU H 28 16.93 -39.88 -3.63
CA LEU H 28 18.29 -39.33 -3.64
C LEU H 28 18.47 -38.35 -4.79
N LEU H 29 18.11 -38.79 -6.01
CA LEU H 29 18.14 -37.88 -7.15
C LEU H 29 17.30 -36.63 -6.86
N ARG H 30 16.11 -36.81 -6.29
CA ARG H 30 15.29 -35.65 -5.95
C ARG H 30 15.96 -34.77 -4.91
N ASN H 31 16.74 -35.37 -3.99
CA ASN H 31 17.55 -34.59 -3.08
C ASN H 31 18.49 -33.67 -3.83
N GLU H 32 19.25 -34.20 -4.79
CA GLU H 32 20.15 -33.32 -5.54
C GLU H 32 19.37 -32.23 -6.28
N GLN H 33 18.32 -32.61 -7.01
CA GLN H 33 17.60 -31.66 -7.84
C GLN H 33 17.00 -30.52 -7.02
N THR H 34 16.41 -30.83 -5.86
CA THR H 34 15.89 -29.74 -5.04
C THR H 34 17.00 -29.02 -4.27
N MET H 35 18.02 -29.75 -3.85
CA MET H 35 19.09 -29.13 -3.08
C MET H 35 19.83 -28.08 -3.88
N GLY H 36 19.93 -28.24 -5.20
CA GLY H 36 20.50 -27.15 -6.01
C GLY H 36 19.72 -25.86 -5.84
N SER H 37 18.40 -25.93 -6.01
CA SER H 37 17.56 -24.74 -5.87
C SER H 37 17.67 -24.15 -4.47
N LEU H 38 17.67 -24.99 -3.44
CA LEU H 38 17.70 -24.46 -2.08
C LEU H 38 19.06 -23.88 -1.70
N ARG H 39 20.15 -24.41 -2.27
CA ARG H 39 21.45 -23.77 -2.10
C ARG H 39 21.42 -22.35 -2.69
N GLN H 40 20.99 -22.24 -3.95
CA GLN H 40 20.72 -20.92 -4.53
C GLN H 40 20.04 -19.98 -3.54
N VAL H 41 18.93 -20.44 -2.98
CA VAL H 41 18.16 -19.61 -2.05
C VAL H 41 19.00 -19.21 -0.85
N TYR H 42 19.77 -20.16 -0.28
CA TYR H 42 20.60 -19.82 0.86
C TYR H 42 21.51 -18.66 0.52
N LEU H 43 22.23 -18.78 -0.60
CA LEU H 43 23.16 -17.72 -0.99
C LEU H 43 22.43 -16.38 -1.13
N LEU H 44 21.20 -16.40 -1.66
CA LEU H 44 20.43 -15.17 -1.74
C LEU H 44 20.10 -14.59 -0.35
N ALA H 45 19.72 -15.47 0.60
CA ALA H 45 19.38 -14.98 1.93
C ALA H 45 20.59 -14.33 2.57
N VAL H 46 21.77 -14.92 2.38
CA VAL H 46 23.00 -14.33 2.90
C VAL H 46 23.20 -12.93 2.33
N GLN H 47 23.05 -12.78 1.00
CA GLN H 47 23.19 -11.46 0.39
C GLN H 47 22.21 -10.47 1.02
N ALA H 48 20.94 -10.86 1.14
CA ALA H 48 19.93 -9.91 1.57
C ALA H 48 20.18 -9.46 2.99
N ASN H 49 20.63 -10.39 3.85
CA ASN H 49 20.94 -10.01 5.22
C ASN H 49 22.18 -9.13 5.30
N SER H 50 23.21 -9.45 4.51
CA SER H 50 24.38 -8.59 4.44
C SER H 50 23.96 -7.15 4.14
N ILE H 51 23.08 -6.97 3.15
CA ILE H 51 22.58 -5.64 2.82
C ILE H 51 21.78 -5.06 3.98
N THR H 52 20.98 -5.88 4.69
CA THR H 52 20.17 -5.30 5.75
C THR H 52 21.03 -4.78 6.89
N ASP H 53 22.17 -5.45 7.12
CA ASP H 53 23.13 -4.99 8.12
C ASP H 53 23.79 -3.67 7.69
N HIS H 54 24.19 -3.55 6.42
CA HIS H 54 24.74 -2.27 5.96
C HIS H 54 23.68 -1.16 6.04
N LEU H 55 22.47 -1.46 5.58
CA LEU H 55 21.39 -0.50 5.64
C LEU H 55 21.13 -0.06 7.07
N LYS H 56 21.38 -0.93 8.05
CA LYS H 56 21.41 -0.47 9.44
C LYS H 56 22.60 0.47 9.68
N ARG H 57 23.79 0.15 9.15
CA ARG H 57 24.93 1.05 9.28
C ARG H 57 24.51 2.48 9.02
N PHE H 58 23.96 2.73 7.82
CA PHE H 58 23.59 4.09 7.42
C PHE H 58 22.61 4.81 8.36
N ASP H 59 22.11 4.14 9.40
CA ASP H 59 21.37 4.81 10.47
C ASP H 59 22.27 5.33 11.58
N ALA H 60 23.46 4.75 11.76
CA ALA H 60 24.49 5.33 12.61
C ALA H 60 25.26 6.46 11.93
N VAL H 61 24.81 6.90 10.74
CA VAL H 61 25.41 8.03 10.07
C VAL H 61 24.80 9.30 10.63
N ARG H 62 25.61 10.37 10.65
CA ARG H 62 25.14 11.65 11.13
C ARG H 62 24.13 12.28 10.19
N VAL H 63 24.39 12.18 8.88
CA VAL H 63 23.53 12.69 7.80
C VAL H 63 23.41 14.21 7.90
N PRO H 64 24.49 14.98 7.68
CA PRO H 64 24.35 16.44 7.59
C PRO H 64 23.56 16.85 6.35
N GLU H 65 22.62 17.79 6.53
CA GLU H 65 21.58 18.03 5.51
C GLU H 65 22.18 18.34 4.14
N SER H 66 23.32 19.01 4.08
CA SER H 66 23.95 19.26 2.79
C SER H 66 24.47 17.99 2.15
N CYS H 67 24.82 16.99 2.94
CA CYS H 67 25.32 15.72 2.46
C CYS H 67 24.22 14.65 2.38
N ARG H 68 23.00 14.99 2.80
CA ARG H 68 21.99 13.96 3.06
C ARG H 68 21.49 13.29 1.79
N GLY H 69 21.39 14.03 0.68
CA GLY H 69 20.87 13.43 -0.52
C GLY H 69 21.71 12.28 -1.05
N VAL H 70 23.03 12.37 -0.88
CA VAL H 70 23.96 11.33 -1.32
C VAL H 70 23.84 10.08 -0.47
N VAL H 71 23.71 10.25 0.85
CA VAL H 71 23.45 9.12 1.73
C VAL H 71 22.14 8.47 1.35
N GLU H 72 21.07 9.25 1.32
CA GLU H 72 19.77 8.72 0.93
C GLU H 72 19.85 7.96 -0.39
N ALA H 73 20.71 8.41 -1.30
CA ALA H 73 20.86 7.72 -2.57
C ALA H 73 21.46 6.34 -2.37
N GLN H 74 22.54 6.24 -1.58
CA GLN H 74 23.15 4.93 -1.34
C GLN H 74 22.19 4.00 -0.62
N VAL H 75 21.43 4.53 0.33
CA VAL H 75 20.39 3.74 0.98
C VAL H 75 19.35 3.24 -0.03
N ALA H 76 19.00 4.09 -1.00
CA ALA H 76 17.99 3.73 -2.01
C ALA H 76 18.50 2.65 -2.97
N LYS H 77 19.73 2.78 -3.44
CA LYS H 77 20.34 1.76 -4.30
C LYS H 77 20.45 0.42 -3.58
N LEU H 78 20.91 0.45 -2.32
CA LEU H 78 20.94 -0.77 -1.53
C LEU H 78 19.56 -1.41 -1.42
N GLU H 79 18.56 -0.62 -0.96
CA GLU H 79 17.21 -1.15 -0.84
C GLU H 79 16.76 -1.80 -2.14
N ALA H 80 17.12 -1.20 -3.29
CA ALA H 80 16.73 -1.76 -4.60
C ALA H 80 17.34 -3.14 -4.82
N VAL H 81 18.64 -3.29 -4.51
CA VAL H 81 19.24 -4.62 -4.60
C VAL H 81 18.51 -5.59 -3.68
N ARG H 82 18.18 -5.15 -2.47
CA ARG H 82 17.52 -6.08 -1.56
C ARG H 82 16.19 -6.54 -2.10
N SER H 83 15.37 -5.59 -2.59
CA SER H 83 14.08 -5.96 -3.19
C SER H 83 14.23 -6.98 -4.29
N VAL H 84 15.17 -6.75 -5.21
CA VAL H 84 15.36 -7.72 -6.29
C VAL H 84 15.84 -9.06 -5.74
N ILE H 85 16.67 -9.08 -4.69
CA ILE H 85 17.06 -10.34 -4.03
C ILE H 85 15.84 -11.11 -3.55
N TRP H 86 15.07 -10.50 -2.64
CA TRP H 86 13.88 -11.12 -2.09
C TRP H 86 12.95 -11.62 -3.19
N ASN H 87 12.55 -10.72 -4.09
CA ASN H 87 11.64 -11.13 -5.16
C ASN H 87 12.22 -12.29 -5.99
N THR H 88 13.54 -12.38 -6.09
CA THR H 88 14.14 -13.55 -6.72
C THR H 88 13.84 -14.80 -5.91
N MET H 89 13.81 -14.70 -4.59
CA MET H 89 13.53 -15.88 -3.79
C MET H 89 12.06 -16.30 -3.90
N ILE H 90 11.17 -15.32 -3.97
CA ILE H 90 9.77 -15.65 -4.24
C ILE H 90 9.65 -16.37 -5.58
N SER H 91 10.40 -15.90 -6.58
CA SER H 91 10.36 -16.55 -7.88
C SER H 91 10.87 -17.99 -7.79
N LEU H 92 12.02 -18.18 -7.15
CA LEU H 92 12.56 -19.54 -6.97
C LEU H 92 11.57 -20.46 -6.25
N ALA H 93 10.81 -19.91 -5.28
CA ALA H 93 9.83 -20.71 -4.56
C ALA H 93 8.68 -21.13 -5.47
N VAL H 94 8.10 -20.19 -6.21
CA VAL H 94 7.04 -20.57 -7.16
C VAL H 94 7.54 -21.65 -8.11
N SER H 95 8.73 -21.45 -8.69
CA SER H 95 9.35 -22.48 -9.51
C SER H 95 9.37 -23.82 -8.78
N GLY H 96 9.89 -23.82 -7.55
CA GLY H 96 9.85 -25.04 -6.75
C GLY H 96 8.47 -25.67 -6.72
N ILE H 97 7.45 -24.84 -6.50
CA ILE H 97 6.11 -25.37 -6.26
C ILE H 97 5.56 -26.05 -7.51
N GLU H 98 5.84 -25.48 -8.70
CA GLU H 98 5.39 -26.13 -9.93
C GLU H 98 6.16 -27.41 -10.21
N MET H 99 7.48 -27.38 -10.02
CA MET H 99 8.29 -28.56 -10.26
C MET H 99 7.85 -29.72 -9.38
N ASP H 100 7.64 -29.46 -8.09
CA ASP H 100 7.17 -30.48 -7.15
C ASP H 100 5.75 -30.87 -7.51
N GLU H 101 5.60 -31.85 -8.41
CA GLU H 101 4.27 -32.26 -8.85
C GLU H 101 3.44 -32.74 -7.68
N ASN H 102 4.02 -33.57 -6.84
CA ASN H 102 3.35 -34.06 -5.63
C ASN H 102 3.58 -33.09 -4.48
N LYS H 105 -0.80 -31.62 -5.22
CA LYS H 105 -0.60 -30.37 -4.48
C LYS H 105 -1.60 -29.30 -4.95
N ALA H 106 -2.88 -29.53 -4.65
CA ALA H 106 -3.95 -28.58 -4.99
C ALA H 106 -4.77 -28.19 -3.75
N ILE I 15 49.48 1.30 -31.50
CA ILE I 15 48.17 0.90 -31.96
C ILE I 15 47.12 1.75 -31.21
N ASP I 16 47.60 2.87 -30.68
CA ASP I 16 46.75 3.87 -30.02
C ASP I 16 46.25 4.89 -31.03
N GLY I 18 45.46 9.30 -29.44
CA GLY I 18 45.85 10.39 -28.56
C GLY I 18 44.72 11.04 -27.78
N LEU I 19 44.78 10.92 -26.46
CA LEU I 19 43.70 11.32 -25.55
C LEU I 19 44.27 12.00 -24.31
N PRO I 20 43.50 12.91 -23.70
CA PRO I 20 44.06 13.84 -22.69
C PRO I 20 44.42 13.17 -21.38
N PRO I 21 45.28 13.83 -20.56
CA PRO I 21 45.96 13.17 -19.44
C PRO I 21 45.21 12.07 -18.71
N GLY I 22 44.21 12.41 -17.92
CA GLY I 22 43.70 11.41 -16.99
C GLY I 22 43.09 10.18 -17.65
N VAL I 23 42.85 10.24 -18.96
CA VAL I 23 41.99 9.27 -19.61
C VAL I 23 42.81 8.05 -20.02
N GLN I 24 42.28 6.88 -19.68
CA GLN I 24 42.91 5.58 -19.90
C GLN I 24 42.14 4.80 -20.96
N VAL I 25 42.77 3.74 -21.46
CA VAL I 25 42.15 2.90 -22.47
C VAL I 25 40.99 2.13 -21.86
N GLY I 26 41.23 1.49 -20.71
CA GLY I 26 40.14 0.79 -20.04
C GLY I 26 39.03 1.70 -19.53
N ASP I 27 39.31 3.00 -19.37
CA ASP I 27 38.29 3.93 -18.92
C ASP I 27 37.27 4.22 -20.01
N LEU I 28 37.72 4.32 -21.27
CA LEU I 28 36.77 4.48 -22.37
C LEU I 28 35.82 3.29 -22.45
N LEU I 29 36.35 2.08 -22.27
CA LEU I 29 35.53 0.89 -22.34
C LEU I 29 34.57 0.78 -21.16
N ARG I 30 35.04 1.08 -19.96
CA ARG I 30 34.15 1.15 -18.79
C ARG I 30 33.01 2.11 -19.08
N ASN I 31 33.34 3.32 -19.52
CA ASN I 31 32.38 4.35 -19.90
C ASN I 31 31.36 3.81 -20.89
N GLU I 32 31.78 3.54 -22.14
CA GLU I 32 30.82 3.18 -23.19
C GLU I 32 30.02 1.92 -22.84
N GLN I 33 30.61 1.00 -22.08
CA GLN I 33 29.87 -0.11 -21.49
C GLN I 33 28.66 0.34 -20.67
N THR I 34 28.88 0.98 -19.52
CA THR I 34 27.72 1.43 -18.74
C THR I 34 26.81 2.33 -19.56
N MET I 35 27.43 3.16 -20.40
CA MET I 35 26.74 4.17 -21.18
C MET I 35 25.66 3.57 -22.08
N GLY I 36 25.91 2.40 -22.66
CA GLY I 36 24.84 1.73 -23.39
C GLY I 36 23.61 1.49 -22.53
N SER I 37 23.81 0.83 -21.39
CA SER I 37 22.78 0.62 -20.39
C SER I 37 22.02 1.90 -20.10
N LEU I 38 22.74 3.01 -19.97
CA LEU I 38 22.10 4.28 -19.63
C LEU I 38 21.38 4.95 -20.79
N ARG I 39 21.74 4.66 -22.04
CA ARG I 39 20.86 5.09 -23.14
C ARG I 39 19.54 4.34 -23.08
N GLN I 40 19.61 3.02 -22.86
CA GLN I 40 18.39 2.25 -22.73
C GLN I 40 17.50 2.82 -21.63
N VAL I 41 18.10 3.18 -20.49
CA VAL I 41 17.32 3.78 -19.41
C VAL I 41 16.73 5.13 -19.84
N TYR I 42 17.51 5.95 -20.55
CA TYR I 42 16.97 7.23 -21.04
C TYR I 42 15.74 7.01 -21.91
N LEU I 43 15.79 6.02 -22.80
CA LEU I 43 14.63 5.70 -23.64
C LEU I 43 13.44 5.34 -22.78
N LEU I 44 13.64 4.41 -21.84
CA LEU I 44 12.58 4.10 -20.89
C LEU I 44 11.99 5.36 -20.28
N ALA I 45 12.84 6.34 -19.98
CA ALA I 45 12.35 7.50 -19.26
C ALA I 45 11.48 8.36 -20.15
N VAL I 46 11.92 8.63 -21.37
CA VAL I 46 11.04 9.44 -22.22
C VAL I 46 9.74 8.72 -22.47
N GLN I 47 9.76 7.38 -22.55
CA GLN I 47 8.50 6.65 -22.69
C GLN I 47 7.59 6.91 -21.50
N ALA I 48 8.13 6.74 -20.29
CA ALA I 48 7.30 6.94 -19.10
C ALA I 48 6.69 8.33 -19.10
N ASN I 49 7.47 9.35 -19.46
CA ASN I 49 6.93 10.70 -19.46
C ASN I 49 5.89 10.89 -20.55
N SER I 50 6.08 10.29 -21.73
CA SER I 50 5.04 10.37 -22.75
C SER I 50 3.73 9.84 -22.19
N ILE I 51 3.76 8.60 -21.71
CA ILE I 51 2.60 8.00 -21.08
C ILE I 51 1.99 8.94 -20.04
N THR I 52 2.83 9.69 -19.33
CA THR I 52 2.29 10.58 -18.30
C THR I 52 1.60 11.79 -18.93
N ASP I 53 2.09 12.27 -20.07
CA ASP I 53 1.38 13.24 -20.89
C ASP I 53 -0.02 12.74 -21.22
N HIS I 54 -0.07 11.69 -22.05
CA HIS I 54 -1.34 11.04 -22.41
C HIS I 54 -2.28 10.92 -21.21
N LEU I 55 -1.83 10.28 -20.13
CA LEU I 55 -2.66 10.08 -18.96
C LEU I 55 -3.21 11.39 -18.41
N LYS I 56 -2.38 12.43 -18.39
CA LYS I 56 -2.84 13.71 -17.86
C LYS I 56 -3.90 14.34 -18.76
N ARG I 57 -3.80 14.12 -20.08
CA ARG I 57 -4.91 14.50 -20.96
C ARG I 57 -6.20 13.77 -20.55
N PHE I 58 -6.13 12.44 -20.41
CA PHE I 58 -7.32 11.68 -20.05
C PHE I 58 -7.99 12.21 -18.79
N ASP I 59 -7.21 12.59 -17.78
CA ASP I 59 -7.84 13.17 -16.61
C ASP I 59 -8.32 14.60 -16.85
N ALA I 60 -7.73 15.31 -17.81
CA ALA I 60 -8.08 16.72 -18.02
C ALA I 60 -9.38 16.89 -18.79
N VAL I 61 -9.63 16.04 -19.78
CA VAL I 61 -10.79 16.18 -20.65
C VAL I 61 -12.07 15.84 -19.87
N ARG I 62 -13.18 16.41 -20.33
CA ARG I 62 -14.50 16.16 -19.76
C ARG I 62 -15.08 14.85 -20.28
N VAL I 63 -15.53 13.99 -19.37
CA VAL I 63 -15.93 12.62 -19.69
C VAL I 63 -17.43 12.47 -19.39
N PRO I 64 -18.22 11.93 -20.31
CA PRO I 64 -19.65 11.71 -20.02
C PRO I 64 -19.88 10.37 -19.33
N GLU I 65 -20.70 10.39 -18.28
CA GLU I 65 -20.77 9.27 -17.33
C GLU I 65 -21.04 7.91 -18.00
N SER I 66 -21.52 7.90 -19.23
CA SER I 66 -21.72 6.67 -19.96
C SER I 66 -20.45 6.20 -20.63
N CYS I 67 -19.49 7.09 -20.85
CA CYS I 67 -18.23 6.78 -21.52
C CYS I 67 -17.11 6.57 -20.52
N ARG I 68 -17.42 6.61 -19.23
CA ARG I 68 -16.37 6.53 -18.23
C ARG I 68 -15.68 5.18 -18.24
N GLY I 69 -16.41 4.09 -18.46
CA GLY I 69 -15.78 2.77 -18.46
C GLY I 69 -14.67 2.65 -19.48
N VAL I 70 -14.97 3.01 -20.74
CA VAL I 70 -13.98 2.95 -21.81
C VAL I 70 -12.74 3.75 -21.46
N VAL I 71 -12.93 4.95 -20.90
CA VAL I 71 -11.81 5.82 -20.58
C VAL I 71 -10.98 5.23 -19.43
N GLU I 72 -11.65 4.87 -18.33
CA GLU I 72 -10.98 4.26 -17.19
C GLU I 72 -10.16 3.04 -17.59
N ALA I 73 -10.59 2.31 -18.61
CA ALA I 73 -9.75 1.20 -19.04
C ALA I 73 -8.61 1.66 -19.92
N GLN I 74 -8.78 2.71 -20.71
CA GLN I 74 -7.61 3.24 -21.38
C GLN I 74 -6.58 3.68 -20.35
N VAL I 75 -7.04 4.31 -19.28
CA VAL I 75 -6.12 4.80 -18.27
C VAL I 75 -5.45 3.64 -17.57
N ALA I 76 -6.22 2.59 -17.24
CA ALA I 76 -5.65 1.38 -16.67
C ALA I 76 -4.55 0.83 -17.56
N LYS I 77 -4.82 0.72 -18.86
CA LYS I 77 -3.85 0.14 -19.77
C LYS I 77 -2.56 0.98 -19.79
N LEU I 78 -2.70 2.29 -19.97
CA LEU I 78 -1.53 3.16 -20.02
C LEU I 78 -0.75 3.07 -18.71
N GLU I 79 -1.46 3.23 -17.58
CA GLU I 79 -0.81 3.11 -16.28
C GLU I 79 -0.02 1.81 -16.16
N ALA I 80 -0.55 0.71 -16.70
CA ALA I 80 0.14 -0.57 -16.57
C ALA I 80 1.42 -0.59 -17.40
N VAL I 81 1.35 -0.09 -18.64
CA VAL I 81 2.57 0.04 -19.45
C VAL I 81 3.63 0.86 -18.69
N ARG I 82 3.21 1.96 -18.05
CA ARG I 82 4.17 2.79 -17.33
C ARG I 82 4.77 2.03 -16.15
N SER I 83 3.92 1.37 -15.36
CA SER I 83 4.42 0.58 -14.22
C SER I 83 5.51 -0.39 -14.65
N VAL I 84 5.28 -1.14 -15.74
CA VAL I 84 6.32 -2.08 -16.14
C VAL I 84 7.53 -1.35 -16.74
N ILE I 85 7.36 -0.10 -17.20
CA ILE I 85 8.51 0.69 -17.68
C ILE I 85 9.40 1.10 -16.50
N TRP I 86 8.82 1.65 -15.45
CA TRP I 86 9.59 2.00 -14.26
C TRP I 86 10.22 0.77 -13.61
N ASN I 87 9.48 -0.34 -13.51
CA ASN I 87 10.13 -1.54 -12.98
C ASN I 87 11.27 -1.99 -13.89
N THR I 88 11.18 -1.73 -15.21
CA THR I 88 12.33 -2.03 -16.08
C THR I 88 13.50 -1.11 -15.77
N MET I 89 13.21 0.13 -15.35
CA MET I 89 14.29 1.03 -14.95
C MET I 89 15.00 0.50 -13.72
N ILE I 90 14.27 0.25 -12.63
CA ILE I 90 14.89 -0.32 -11.43
C ILE I 90 15.65 -1.59 -11.79
N SER I 91 15.01 -2.49 -12.55
CA SER I 91 15.67 -3.71 -12.95
C SER I 91 17.02 -3.43 -13.62
N LEU I 92 17.05 -2.43 -14.50
CA LEU I 92 18.30 -2.05 -15.15
C LEU I 92 19.29 -1.47 -14.13
N ALA I 93 18.79 -0.69 -13.17
CA ALA I 93 19.68 -0.04 -12.20
C ALA I 93 20.33 -1.06 -11.28
N VAL I 94 19.57 -2.06 -10.82
CA VAL I 94 20.15 -3.10 -10.00
C VAL I 94 21.14 -3.92 -10.81
N SER I 95 20.80 -4.22 -12.07
CA SER I 95 21.73 -4.99 -12.90
C SER I 95 23.04 -4.23 -13.12
N GLY I 96 22.98 -2.90 -13.25
CA GLY I 96 24.19 -2.12 -13.45
C GLY I 96 24.93 -1.76 -12.18
N ILE I 97 24.24 -1.84 -11.04
CA ILE I 97 24.92 -1.70 -9.76
C ILE I 97 25.74 -2.95 -9.49
N GLU I 98 25.20 -4.12 -9.82
CA GLU I 98 25.97 -5.36 -9.64
C GLU I 98 27.22 -5.42 -10.54
N MET I 99 27.20 -4.78 -11.71
CA MET I 99 28.23 -5.06 -12.70
C MET I 99 29.54 -4.31 -12.42
N ASP I 100 29.46 -3.13 -11.80
CA ASP I 100 30.60 -2.39 -11.29
C ASP I 100 30.67 -2.58 -9.78
N GLU I 101 31.85 -2.97 -9.28
CA GLU I 101 32.05 -3.27 -7.86
C GLU I 101 31.43 -2.20 -6.97
N ASN I 102 30.59 -2.65 -6.03
CA ASN I 102 29.93 -1.75 -5.08
C ASN I 102 31.00 -1.17 -4.16
N GLY I 103 31.41 0.07 -4.45
CA GLY I 103 32.32 0.76 -3.55
C GLY I 103 31.67 1.11 -2.23
N LEU I 104 30.35 1.31 -2.26
CA LEU I 104 29.56 1.64 -1.08
C LEU I 104 29.43 0.48 -0.10
N LYS I 105 29.93 -0.72 -0.45
CA LYS I 105 29.95 -1.82 0.50
C LYS I 105 30.82 -1.49 1.71
N ALA I 106 32.01 -0.94 1.46
CA ALA I 106 32.92 -0.54 2.52
C ALA I 106 32.26 0.48 3.45
N LEU I 107 32.30 1.77 3.11
CA LEU I 107 31.85 2.73 4.10
C LEU I 107 31.53 4.07 3.44
N LEU I 108 30.57 4.78 4.04
CA LEU I 108 30.38 6.23 3.86
C LEU I 108 29.44 6.76 4.95
N LEU J 19 -1.09 -4.25 50.77
CA LEU J 19 -0.61 -4.99 51.94
C LEU J 19 0.78 -5.67 51.75
N PRO J 20 1.00 -6.48 50.69
CA PRO J 20 2.26 -7.28 50.60
C PRO J 20 3.49 -6.40 50.44
N PRO J 21 4.70 -6.98 50.56
CA PRO J 21 5.90 -6.14 50.77
C PRO J 21 6.15 -5.08 49.71
N GLY J 22 5.97 -5.41 48.44
CA GLY J 22 6.37 -4.50 47.38
C GLY J 22 5.28 -3.59 46.82
N VAL J 23 4.09 -3.60 47.40
CA VAL J 23 2.95 -2.95 46.75
C VAL J 23 2.89 -1.45 47.03
N GLN J 24 3.65 -0.95 48.00
CA GLN J 24 3.74 0.50 48.19
C GLN J 24 4.45 1.18 47.03
N VAL J 25 5.40 0.50 46.39
CA VAL J 25 6.28 1.15 45.41
C VAL J 25 5.61 1.25 44.05
N GLY J 26 4.97 0.17 43.60
CA GLY J 26 4.14 0.23 42.42
C GLY J 26 2.72 0.52 42.82
N ASP J 27 2.29 1.76 42.68
CA ASP J 27 0.99 2.16 43.20
C ASP J 27 -0.13 1.35 42.56
N LEU J 28 -1.08 0.91 43.40
CA LEU J 28 -2.29 0.26 42.93
C LEU J 28 -3.06 1.16 41.97
N LEU J 29 -3.00 2.47 42.19
CA LEU J 29 -3.78 3.38 41.36
C LEU J 29 -3.33 3.32 39.91
N ARG J 30 -2.03 3.20 39.67
CA ARG J 30 -1.58 3.07 38.29
C ARG J 30 -2.01 1.72 37.70
N ASN J 31 -2.11 0.68 38.53
CA ASN J 31 -2.69 -0.60 38.07
C ASN J 31 -4.14 -0.42 37.65
N GLU J 32 -4.89 0.42 38.37
CA GLU J 32 -6.29 0.63 38.03
C GLU J 32 -6.43 1.48 36.77
N GLN J 33 -5.61 2.53 36.65
CA GLN J 33 -5.63 3.42 35.50
C GLN J 33 -5.25 2.68 34.22
N THR J 34 -4.12 1.97 34.23
CA THR J 34 -3.76 1.12 33.10
C THR J 34 -4.82 0.07 32.84
N MET J 35 -5.38 -0.49 33.92
CA MET J 35 -6.42 -1.50 33.78
C MET J 35 -7.60 -0.99 32.96
N GLY J 36 -7.93 0.29 33.11
CA GLY J 36 -9.03 0.81 32.31
C GLY J 36 -8.82 0.60 30.82
N SER J 37 -7.75 1.20 30.33
CA SER J 37 -7.37 1.03 28.94
C SER J 37 -7.38 -0.44 28.54
N LEU J 38 -6.72 -1.30 29.34
CA LEU J 38 -6.56 -2.69 28.90
C LEU J 38 -7.89 -3.43 28.82
N ARG J 39 -8.84 -3.11 29.71
CA ARG J 39 -10.18 -3.68 29.62
C ARG J 39 -10.83 -3.32 28.28
N GLN J 40 -10.86 -2.02 27.95
CA GLN J 40 -11.35 -1.60 26.65
C GLN J 40 -10.67 -2.36 25.52
N VAL J 41 -9.35 -2.41 25.55
CA VAL J 41 -8.61 -3.08 24.47
C VAL J 41 -9.08 -4.51 24.32
N TYR J 42 -9.20 -5.24 25.43
CA TYR J 42 -9.69 -6.62 25.36
C TYR J 42 -11.03 -6.70 24.65
N LEU J 43 -11.98 -5.84 25.06
CA LEU J 43 -13.28 -5.82 24.38
C LEU J 43 -13.14 -5.62 22.89
N LEU J 44 -12.30 -4.67 22.47
CA LEU J 44 -12.14 -4.43 21.05
C LEU J 44 -11.49 -5.61 20.35
N ALA J 45 -10.70 -6.39 21.08
CA ALA J 45 -10.04 -7.52 20.44
C ALA J 45 -11.02 -8.65 20.21
N VAL J 46 -11.82 -8.99 21.23
CA VAL J 46 -12.79 -10.06 21.05
C VAL J 46 -13.86 -9.66 20.05
N GLN J 47 -14.20 -8.36 20.01
CA GLN J 47 -15.12 -7.87 18.98
C GLN J 47 -14.53 -8.03 17.59
N ALA J 48 -13.31 -7.53 17.38
CA ALA J 48 -12.65 -7.69 16.09
C ALA J 48 -12.50 -9.15 15.70
N ASN J 49 -12.33 -10.03 16.68
CA ASN J 49 -12.16 -11.45 16.43
C ASN J 49 -13.47 -12.14 16.09
N SER J 50 -14.55 -11.78 16.77
CA SER J 50 -15.88 -12.19 16.31
C SER J 50 -16.10 -11.75 14.87
N ILE J 51 -15.88 -10.47 14.58
CA ILE J 51 -16.08 -9.93 13.24
C ILE J 51 -15.26 -10.69 12.21
N THR J 52 -14.04 -11.09 12.57
CA THR J 52 -13.25 -11.90 11.66
C THR J 52 -13.81 -13.30 11.50
N ASP J 53 -14.40 -13.85 12.55
CA ASP J 53 -15.07 -15.13 12.38
C ASP J 53 -16.20 -15.02 11.37
N HIS J 54 -17.04 -14.00 11.53
CA HIS J 54 -18.16 -13.75 10.62
C HIS J 54 -17.67 -13.62 9.16
N LEU J 55 -16.62 -12.82 8.95
CA LEU J 55 -16.06 -12.73 7.61
C LEU J 55 -15.62 -14.08 7.06
N LYS J 56 -15.01 -14.93 7.91
CA LYS J 56 -14.64 -16.27 7.45
C LYS J 56 -15.86 -17.13 7.12
N ARG J 57 -16.98 -16.93 7.82
CA ARG J 57 -18.20 -17.63 7.41
C ARG J 57 -18.79 -17.05 6.12
N PHE J 58 -18.31 -15.91 5.65
CA PHE J 58 -18.75 -15.46 4.33
C PHE J 58 -18.04 -16.15 3.17
N ASP J 59 -16.86 -16.70 3.37
CA ASP J 59 -16.17 -17.37 2.27
C ASP J 59 -16.74 -18.74 1.95
N ALA J 60 -17.64 -19.25 2.78
CA ALA J 60 -18.10 -20.62 2.57
C ALA J 60 -19.19 -20.70 1.51
N VAL J 61 -20.08 -19.71 1.46
CA VAL J 61 -21.34 -19.81 0.71
C VAL J 61 -21.09 -19.86 -0.79
N ARG J 62 -22.15 -20.18 -1.54
CA ARG J 62 -22.03 -20.48 -2.96
C ARG J 62 -21.72 -19.25 -3.80
N VAL J 63 -22.00 -18.06 -3.28
CA VAL J 63 -21.80 -16.75 -3.94
C VAL J 63 -22.25 -16.80 -5.40
N PRO J 64 -23.55 -16.93 -5.66
CA PRO J 64 -24.05 -16.89 -7.06
C PRO J 64 -23.81 -15.52 -7.68
N GLU J 65 -23.50 -15.52 -8.98
CA GLU J 65 -23.00 -14.29 -9.62
C GLU J 65 -23.93 -13.11 -9.39
N SER J 66 -25.23 -13.32 -9.59
CA SER J 66 -26.24 -12.29 -9.33
C SER J 66 -26.17 -11.73 -7.91
N CYS J 67 -25.56 -12.47 -6.96
CA CYS J 67 -25.42 -12.02 -5.58
C CYS J 67 -24.11 -11.34 -5.25
N ARG J 68 -23.08 -11.45 -6.09
CA ARG J 68 -21.76 -10.97 -5.69
C ARG J 68 -21.86 -9.58 -5.09
N GLY J 69 -22.64 -8.71 -5.73
CA GLY J 69 -22.79 -7.34 -5.26
C GLY J 69 -23.21 -7.24 -3.80
N VAL J 70 -24.31 -7.92 -3.43
CA VAL J 70 -24.82 -7.77 -2.08
C VAL J 70 -23.90 -8.44 -1.06
N VAL J 71 -23.05 -9.36 -1.49
CA VAL J 71 -22.20 -10.04 -0.51
C VAL J 71 -20.94 -9.23 -0.26
N GLU J 72 -20.27 -8.80 -1.33
CA GLU J 72 -19.12 -7.92 -1.19
C GLU J 72 -19.41 -6.74 -0.30
N ALA J 73 -20.58 -6.12 -0.46
CA ALA J 73 -20.96 -5.02 0.44
C ALA J 73 -21.14 -5.52 1.87
N GLN J 74 -21.81 -6.65 2.07
CA GLN J 74 -21.86 -7.22 3.41
C GLN J 74 -20.45 -7.50 3.92
N VAL J 75 -19.52 -7.88 3.04
CA VAL J 75 -18.14 -8.01 3.47
C VAL J 75 -17.59 -6.64 3.80
N ALA J 76 -17.83 -5.65 2.94
CA ALA J 76 -17.23 -4.32 3.08
C ALA J 76 -17.46 -3.75 4.47
N LYS J 77 -18.72 -3.70 4.87
CA LYS J 77 -19.09 -3.25 6.21
C LYS J 77 -18.27 -3.95 7.28
N LEU J 78 -18.33 -5.30 7.32
CA LEU J 78 -17.52 -6.03 8.29
C LEU J 78 -16.09 -5.57 8.22
N GLU J 79 -15.47 -5.67 7.03
CA GLU J 79 -14.08 -5.26 6.92
C GLU J 79 -13.90 -3.87 7.50
N ALA J 80 -14.71 -2.92 7.03
CA ALA J 80 -14.61 -1.53 7.49
C ALA J 80 -14.66 -1.46 8.99
N VAL J 81 -15.70 -2.08 9.58
CA VAL J 81 -15.83 -2.07 11.03
C VAL J 81 -14.57 -2.61 11.67
N ARG J 82 -14.14 -3.80 11.24
CA ARG J 82 -12.94 -4.40 11.83
C ARG J 82 -11.80 -3.41 11.84
N SER J 83 -11.53 -2.78 10.69
CA SER J 83 -10.36 -1.92 10.60
C SER J 83 -10.47 -0.77 11.60
N VAL J 84 -11.66 -0.18 11.73
CA VAL J 84 -11.84 0.89 12.71
C VAL J 84 -11.45 0.39 14.09
N ILE J 85 -11.96 -0.78 14.48
CA ILE J 85 -11.66 -1.34 15.79
C ILE J 85 -10.14 -1.47 15.95
N TRP J 86 -9.45 -2.05 14.95
CA TRP J 86 -8.01 -2.19 15.09
C TRP J 86 -7.37 -0.83 15.32
N ASN J 87 -7.78 0.17 14.53
CA ASN J 87 -7.20 1.48 14.72
C ASN J 87 -7.63 2.07 16.06
N THR J 88 -8.86 1.77 16.50
CA THR J 88 -9.28 2.24 17.81
C THR J 88 -8.42 1.62 18.89
N MET J 89 -7.94 0.40 18.68
CA MET J 89 -7.02 -0.19 19.66
C MET J 89 -5.68 0.53 19.61
N ILE J 90 -5.18 0.84 18.41
CA ILE J 90 -3.85 1.40 18.26
C ILE J 90 -3.75 2.76 18.93
N SER J 91 -4.73 3.63 18.70
CA SER J 91 -4.70 4.91 19.39
C SER J 91 -4.74 4.70 20.89
N LEU J 92 -5.54 3.74 21.36
CA LEU J 92 -5.51 3.40 22.78
C LEU J 92 -4.10 3.03 23.23
N ALA J 93 -3.44 2.13 22.49
CA ALA J 93 -2.04 1.85 22.71
C ALA J 93 -1.21 3.12 22.73
N VAL J 94 -1.38 3.98 21.71
CA VAL J 94 -0.61 5.22 21.66
C VAL J 94 -0.86 6.03 22.91
N SER J 95 -2.11 6.10 23.38
CA SER J 95 -2.36 6.89 24.58
C SER J 95 -1.49 6.41 25.74
N GLY J 96 -1.39 5.09 25.91
CA GLY J 96 -0.59 4.55 27.00
C GLY J 96 0.88 4.93 26.90
N ILE J 97 1.44 4.89 25.70
CA ILE J 97 2.85 5.25 25.56
C ILE J 97 3.05 6.72 25.87
N GLU J 98 2.06 7.55 25.54
CA GLU J 98 2.25 9.00 25.70
C GLU J 98 2.07 9.43 27.15
N MET J 99 1.50 8.58 27.99
CA MET J 99 1.46 8.84 29.43
C MET J 99 1.98 7.63 30.19
N GLY K 18 1.06 51.20 17.32
CA GLY K 18 0.73 51.80 16.04
C GLY K 18 1.03 50.86 14.91
N LEU K 19 0.44 51.09 13.73
CA LEU K 19 0.51 50.13 12.65
C LEU K 19 1.19 50.67 11.40
N PRO K 20 2.15 49.94 10.83
CA PRO K 20 2.75 50.30 9.54
C PRO K 20 1.76 50.16 8.40
N PRO K 21 2.16 50.48 7.14
CA PRO K 21 1.16 50.71 6.08
C PRO K 21 0.14 49.61 5.86
N GLY K 22 0.51 48.51 5.25
CA GLY K 22 -0.52 47.60 4.78
C GLY K 22 -1.27 46.81 5.83
N VAL K 23 -1.15 47.15 7.11
CA VAL K 23 -1.61 46.30 8.19
C VAL K 23 -2.95 46.79 8.71
N GLN K 24 -3.91 45.86 8.81
CA GLN K 24 -5.25 46.13 9.31
C GLN K 24 -5.57 45.13 10.42
N VAL K 25 -6.69 45.34 11.11
CA VAL K 25 -7.00 44.55 12.31
C VAL K 25 -7.16 43.08 11.94
N GLY K 26 -8.14 42.78 11.08
CA GLY K 26 -8.42 41.41 10.68
C GLY K 26 -7.22 40.64 10.17
N ASP K 27 -6.22 41.36 9.66
CA ASP K 27 -4.98 40.72 9.23
C ASP K 27 -4.17 40.28 10.45
N LEU K 28 -4.17 41.10 11.49
CA LEU K 28 -3.47 40.76 12.72
C LEU K 28 -4.17 39.61 13.44
N LEU K 29 -5.49 39.70 13.55
CA LEU K 29 -6.25 38.60 14.14
C LEU K 29 -6.01 37.30 13.38
N ARG K 30 -6.20 37.31 12.05
CA ARG K 30 -5.92 36.11 11.27
C ARG K 30 -4.50 35.62 11.50
N ASN K 31 -3.58 36.53 11.76
CA ASN K 31 -2.22 36.11 12.14
C ASN K 31 -2.22 35.35 13.45
N GLU K 32 -2.99 35.79 14.45
CA GLU K 32 -2.96 35.04 15.71
C GLU K 32 -3.72 33.72 15.60
N GLN K 33 -4.80 33.70 14.81
CA GLN K 33 -5.58 32.49 14.63
C GLN K 33 -4.79 31.43 13.89
N THR K 34 -3.90 31.82 12.98
CA THR K 34 -3.14 30.80 12.25
C THR K 34 -1.79 30.53 12.89
N MET K 35 -1.20 31.50 13.59
CA MET K 35 -0.03 31.21 14.41
C MET K 35 -0.36 30.19 15.50
N GLY K 36 -1.54 30.32 16.12
CA GLY K 36 -1.93 29.39 17.17
C GLY K 36 -1.88 27.94 16.72
N SER K 37 -2.45 27.67 15.55
CA SER K 37 -2.40 26.34 14.97
C SER K 37 -0.98 25.95 14.58
N LEU K 38 -0.22 26.88 14.00
CA LEU K 38 1.11 26.53 13.53
C LEU K 38 2.08 26.22 14.66
N ARG K 39 1.87 26.76 15.86
CA ARG K 39 2.75 26.39 16.98
C ARG K 39 2.58 24.91 17.36
N GLN K 40 1.33 24.45 17.47
CA GLN K 40 1.09 23.03 17.70
C GLN K 40 1.76 22.21 16.62
N VAL K 41 1.57 22.60 15.37
CA VAL K 41 2.20 21.88 14.26
C VAL K 41 3.71 21.77 14.46
N TYR K 42 4.33 22.85 14.95
CA TYR K 42 5.77 22.85 15.21
C TYR K 42 6.16 21.87 16.33
N LEU K 43 5.51 21.98 17.50
CA LEU K 43 5.79 21.05 18.59
C LEU K 43 5.64 19.60 18.14
N LEU K 44 4.58 19.31 17.39
CA LEU K 44 4.40 17.97 16.83
C LEU K 44 5.55 17.61 15.91
N ALA K 45 6.10 18.59 15.19
CA ALA K 45 7.20 18.28 14.28
C ALA K 45 8.44 17.86 15.06
N VAL K 46 8.78 18.59 16.13
CA VAL K 46 9.98 18.21 16.87
C VAL K 46 9.77 16.88 17.57
N GLN K 47 8.56 16.62 18.06
CA GLN K 47 8.33 15.34 18.73
C GLN K 47 8.48 14.17 17.75
N ALA K 48 7.91 14.29 16.55
CA ALA K 48 8.08 13.24 15.55
C ALA K 48 9.56 13.04 15.20
N ASN K 49 10.27 14.15 15.01
CA ASN K 49 11.72 14.11 14.77
C ASN K 49 12.44 13.30 15.83
N SER K 50 12.26 13.66 17.11
CA SER K 50 12.97 12.96 18.17
C SER K 50 12.64 11.47 18.16
N ILE K 51 11.36 11.11 18.05
CA ILE K 51 11.02 9.69 17.87
C ILE K 51 11.87 9.06 16.77
N THR K 52 12.09 9.80 15.68
CA THR K 52 12.91 9.26 14.59
C THR K 52 14.38 9.11 14.99
N ASP K 53 14.92 10.06 15.75
CA ASP K 53 16.27 9.90 16.28
C ASP K 53 16.38 8.62 17.09
N HIS K 54 15.55 8.51 18.13
CA HIS K 54 15.44 7.30 18.95
C HIS K 54 15.41 6.03 18.09
N LEU K 55 14.63 6.04 17.01
CA LEU K 55 14.64 4.90 16.08
C LEU K 55 16.01 4.71 15.44
N LYS K 56 16.71 5.81 15.11
CA LYS K 56 18.07 5.69 14.59
C LYS K 56 18.98 4.98 15.59
N ARG K 57 18.82 5.29 16.87
CA ARG K 57 19.55 4.56 17.91
C ARG K 57 19.21 3.08 17.88
N PHE K 58 17.93 2.74 17.71
CA PHE K 58 17.56 1.33 17.70
C PHE K 58 18.21 0.58 16.54
N ASP K 59 18.23 1.18 15.35
CA ASP K 59 18.89 0.50 14.24
C ASP K 59 20.40 0.47 14.40
N ALA K 60 20.98 1.36 15.20
CA ALA K 60 22.43 1.35 15.39
C ALA K 60 22.92 0.04 16.01
N VAL K 61 22.35 -0.35 17.15
CA VAL K 61 22.99 -1.36 18.01
C VAL K 61 22.75 -2.76 17.47
N ARG K 62 23.57 -3.71 17.95
CA ARG K 62 23.51 -5.11 17.55
C ARG K 62 22.50 -5.88 18.39
N VAL K 63 21.55 -6.54 17.72
CA VAL K 63 20.41 -7.17 18.39
C VAL K 63 20.75 -8.63 18.65
N PRO K 64 20.89 -9.06 19.91
CA PRO K 64 20.96 -10.50 20.19
C PRO K 64 19.64 -11.15 19.85
N GLU K 65 19.71 -12.36 19.28
CA GLU K 65 18.48 -13.02 18.81
C GLU K 65 17.46 -13.14 19.93
N SER K 66 17.91 -13.61 21.10
CA SER K 66 17.07 -13.69 22.29
C SER K 66 16.27 -12.42 22.52
N CYS K 67 16.82 -11.28 22.13
CA CYS K 67 16.24 -10.00 22.48
C CYS K 67 15.53 -9.31 21.32
N ARG K 68 15.59 -9.87 20.09
CA ARG K 68 15.02 -9.21 18.93
C ARG K 68 13.56 -8.85 19.16
N GLY K 69 12.76 -9.83 19.54
CA GLY K 69 11.38 -9.60 19.88
C GLY K 69 11.11 -8.33 20.66
N VAL K 70 11.92 -8.07 21.68
CA VAL K 70 11.67 -6.92 22.54
C VAL K 70 11.98 -5.63 21.80
N VAL K 71 13.15 -5.55 21.15
CA VAL K 71 13.52 -4.28 20.51
C VAL K 71 12.58 -3.99 19.35
N GLU K 72 12.25 -5.02 18.56
CA GLU K 72 11.23 -4.86 17.54
C GLU K 72 9.99 -4.23 18.15
N ALA K 73 9.55 -4.76 19.29
CA ALA K 73 8.33 -4.21 19.90
C ALA K 73 8.49 -2.72 20.13
N GLN K 74 9.64 -2.29 20.67
CA GLN K 74 9.82 -0.88 20.95
C GLN K 74 9.65 -0.08 19.67
N VAL K 75 10.35 -0.47 18.61
CA VAL K 75 10.25 0.33 17.39
C VAL K 75 8.79 0.43 17.00
N ALA K 76 8.08 -0.70 17.06
CA ALA K 76 6.65 -0.79 16.81
C ALA K 76 5.96 0.31 17.59
N LYS K 77 5.99 0.22 18.92
CA LYS K 77 5.38 1.26 19.75
C LYS K 77 5.85 2.63 19.26
N LEU K 78 7.16 2.84 19.21
CA LEU K 78 7.69 4.12 18.80
C LEU K 78 7.08 4.53 17.46
N GLU K 79 7.21 3.67 16.45
CA GLU K 79 6.68 3.98 15.12
C GLU K 79 5.21 4.35 15.21
N ALA K 80 4.43 3.53 15.95
CA ALA K 80 3.02 3.82 16.18
C ALA K 80 2.80 5.28 16.59
N VAL K 81 3.43 5.69 17.71
CA VAL K 81 3.29 7.08 18.15
C VAL K 81 3.59 8.03 17.00
N ARG K 82 4.72 7.80 16.30
CA ARG K 82 5.11 8.76 15.28
C ARG K 82 4.03 8.89 14.23
N SER K 83 3.44 7.75 13.82
CA SER K 83 2.40 7.83 12.81
C SER K 83 1.25 8.70 13.30
N VAL K 84 0.83 8.48 14.54
CA VAL K 84 -0.26 9.27 15.06
C VAL K 84 0.11 10.75 15.02
N ILE K 85 1.36 11.07 15.38
CA ILE K 85 1.82 12.45 15.34
C ILE K 85 1.65 13.01 13.94
N TRP K 86 2.16 12.29 12.94
CA TRP K 86 2.04 12.78 11.58
C TRP K 86 0.57 12.95 11.18
N ASN K 87 -0.29 11.99 11.52
CA ASN K 87 -1.69 12.17 11.16
C ASN K 87 -2.26 13.41 11.81
N THR K 88 -1.95 13.63 13.09
CA THR K 88 -2.42 14.87 13.71
C THR K 88 -1.94 16.06 12.93
N MET K 89 -0.68 16.03 12.49
CA MET K 89 -0.17 17.14 11.69
C MET K 89 -1.03 17.33 10.45
N ILE K 90 -1.25 16.25 9.71
CA ILE K 90 -2.13 16.34 8.54
C ILE K 90 -3.50 16.87 8.95
N SER K 91 -4.03 16.36 10.06
CA SER K 91 -5.37 16.77 10.50
C SER K 91 -5.42 18.25 10.80
N LEU K 92 -4.29 18.83 11.19
CA LEU K 92 -4.32 20.29 11.39
C LEU K 92 -4.24 21.01 10.06
N ALA K 93 -3.38 20.54 9.15
CA ALA K 93 -3.30 21.10 7.81
C ALA K 93 -4.68 21.26 7.23
N VAL K 94 -5.42 20.16 7.12
CA VAL K 94 -6.75 20.19 6.53
C VAL K 94 -7.70 21.06 7.35
N SER K 95 -7.62 20.98 8.69
CA SER K 95 -8.55 21.85 9.46
C SER K 95 -8.19 23.28 9.42
N GLY K 96 -7.25 23.61 8.55
CA GLY K 96 -6.91 24.99 8.26
C GLY K 96 -7.31 25.35 6.84
N ILE K 97 -7.07 24.43 5.89
CA ILE K 97 -7.39 24.71 4.50
C ILE K 97 -8.86 25.09 4.38
N GLU K 98 -9.72 24.36 5.08
CA GLU K 98 -11.16 24.54 5.00
C GLU K 98 -11.62 25.84 5.65
N MET K 99 -10.75 26.47 6.44
CA MET K 99 -11.03 27.79 7.01
C MET K 99 -10.35 28.90 6.24
N ASP K 100 -9.67 28.57 5.14
CA ASP K 100 -9.04 29.55 4.27
C ASP K 100 -10.07 30.15 3.33
N GLU K 101 -10.04 31.47 3.19
CA GLU K 101 -10.99 32.19 2.35
C GLU K 101 -10.85 31.81 0.87
N ASN K 102 -11.15 30.55 0.54
CA ASN K 102 -11.16 30.06 -0.84
C ASN K 102 -11.92 28.74 -0.87
N GLY K 103 -12.98 28.71 -1.67
CA GLY K 103 -13.53 27.49 -2.26
C GLY K 103 -14.13 26.48 -1.32
N LEU K 104 -13.30 25.89 -0.45
CA LEU K 104 -13.81 24.90 0.48
C LEU K 104 -14.50 25.58 1.65
N LYS K 105 -14.01 26.74 2.07
CA LYS K 105 -14.71 27.47 3.12
C LYS K 105 -16.02 28.05 2.61
N ALA K 106 -16.07 28.42 1.33
CA ALA K 106 -17.34 28.89 0.75
C ALA K 106 -18.36 27.76 0.70
N LEU K 107 -18.00 26.61 0.12
CA LEU K 107 -18.92 25.48 0.05
C LEU K 107 -19.34 25.01 1.44
N LEU K 108 -18.39 24.98 2.39
CA LEU K 108 -18.74 24.61 3.76
C LEU K 108 -19.62 25.66 4.43
N ASP K 109 -19.62 26.90 3.93
CA ASP K 109 -20.52 27.92 4.48
C ASP K 109 -21.93 27.80 3.91
N LYS K 110 -22.07 27.46 2.63
CA LYS K 110 -23.41 27.30 2.07
C LYS K 110 -24.13 26.11 2.69
N GLN K 111 -23.51 24.93 2.65
CA GLN K 111 -23.94 23.75 3.41
C GLN K 111 -22.82 22.72 3.44
N LEU L 17 -52.44 5.78 12.84
CA LEU L 17 -53.28 6.93 13.19
C LEU L 17 -53.54 7.80 11.97
N GLY L 18 -52.47 8.33 11.37
CA GLY L 18 -52.60 9.11 10.16
C GLY L 18 -51.74 8.59 9.02
N LEU L 19 -51.28 7.34 9.13
CA LEU L 19 -50.26 6.74 8.29
C LEU L 19 -50.81 5.60 7.44
N PRO L 20 -50.16 5.28 6.33
CA PRO L 20 -50.66 4.23 5.44
C PRO L 20 -50.28 2.84 5.94
N PRO L 21 -50.90 1.80 5.39
CA PRO L 21 -50.62 0.43 5.84
C PRO L 21 -49.14 0.08 5.86
N GLY L 22 -48.69 -0.40 7.01
CA GLY L 22 -47.38 -0.97 7.17
C GLY L 22 -46.35 -0.07 7.77
N VAL L 23 -46.70 1.17 8.07
CA VAL L 23 -45.69 2.16 8.38
C VAL L 23 -45.37 2.19 9.86
N GLN L 24 -46.40 2.23 10.71
CA GLN L 24 -46.26 2.48 12.16
C GLN L 24 -45.28 3.61 12.43
N VAL L 25 -44.78 3.74 13.66
CA VAL L 25 -44.11 4.96 14.10
C VAL L 25 -42.66 4.73 14.50
N GLY L 26 -42.34 3.57 15.09
CA GLY L 26 -40.94 3.27 15.35
C GLY L 26 -40.09 3.35 14.10
N ASP L 27 -40.59 2.75 13.01
CA ASP L 27 -39.97 2.95 11.70
C ASP L 27 -39.78 4.42 11.38
N LEU L 28 -40.75 5.27 11.72
CA LEU L 28 -40.67 6.68 11.33
C LEU L 28 -39.51 7.38 12.03
N LEU L 29 -39.44 7.27 13.35
CA LEU L 29 -38.31 7.86 14.08
C LEU L 29 -36.98 7.29 13.63
N ARG L 30 -36.91 5.98 13.36
CA ARG L 30 -35.64 5.45 12.90
C ARG L 30 -35.29 5.93 11.50
N ASN L 31 -36.30 6.22 10.68
CA ASN L 31 -36.05 6.82 9.37
C ASN L 31 -35.44 8.19 9.51
N GLU L 32 -35.95 9.00 10.44
CA GLU L 32 -35.36 10.31 10.67
C GLU L 32 -33.96 10.20 11.25
N GLN L 33 -33.76 9.27 12.18
CA GLN L 33 -32.45 9.03 12.76
C GLN L 33 -31.43 8.70 11.68
N THR L 34 -31.81 7.81 10.74
CA THR L 34 -30.90 7.43 9.65
C THR L 34 -30.69 8.59 8.67
N MET L 35 -31.75 9.35 8.37
CA MET L 35 -31.60 10.51 7.50
C MET L 35 -30.60 11.51 8.03
N GLY L 36 -30.41 11.57 9.35
CA GLY L 36 -29.37 12.44 9.88
C GLY L 36 -27.96 12.11 9.39
N SER L 37 -27.49 10.91 9.71
CA SER L 37 -26.17 10.49 9.26
C SER L 37 -26.07 10.53 7.75
N LEU L 38 -27.12 10.10 7.04
CA LEU L 38 -27.02 10.04 5.59
C LEU L 38 -26.98 11.43 4.96
N ARG L 39 -27.64 12.42 5.57
CA ARG L 39 -27.51 13.79 5.08
C ARG L 39 -26.08 14.29 5.25
N GLN L 40 -25.50 14.07 6.43
CA GLN L 40 -24.09 14.37 6.62
C GLN L 40 -23.23 13.74 5.52
N VAL L 41 -23.46 12.47 5.20
CA VAL L 41 -22.57 11.85 4.23
C VAL L 41 -22.83 12.38 2.83
N TYR L 42 -24.04 12.88 2.53
CA TYR L 42 -24.28 13.52 1.24
C TYR L 42 -23.49 14.80 1.10
N LEU L 43 -23.61 15.70 2.09
CA LEU L 43 -22.81 16.90 2.05
C LEU L 43 -21.32 16.57 1.93
N LEU L 44 -20.85 15.54 2.64
CA LEU L 44 -19.45 15.15 2.50
C LEU L 44 -19.13 14.62 1.10
N ALA L 45 -20.04 13.88 0.48
CA ALA L 45 -19.75 13.33 -0.84
C ALA L 45 -19.75 14.40 -1.91
N VAL L 46 -20.62 15.41 -1.81
CA VAL L 46 -20.51 16.50 -2.76
C VAL L 46 -19.23 17.28 -2.53
N GLN L 47 -18.82 17.49 -1.28
CA GLN L 47 -17.53 18.14 -1.06
C GLN L 47 -16.41 17.37 -1.74
N ALA L 48 -16.37 16.06 -1.55
CA ALA L 48 -15.35 15.26 -2.22
C ALA L 48 -15.35 15.52 -3.72
N ASN L 49 -16.55 15.50 -4.35
CA ASN L 49 -16.60 15.71 -5.79
C ASN L 49 -16.25 17.13 -6.21
N SER L 50 -16.52 18.14 -5.38
CA SER L 50 -15.93 19.44 -5.62
C SER L 50 -14.42 19.31 -5.76
N ILE L 51 -13.78 18.64 -4.79
CA ILE L 51 -12.32 18.65 -4.80
C ILE L 51 -11.77 17.81 -5.96
N THR L 52 -12.46 16.75 -6.35
CA THR L 52 -12.00 16.04 -7.54
C THR L 52 -12.15 16.91 -8.78
N ASP L 53 -13.25 17.65 -8.90
CA ASP L 53 -13.36 18.57 -10.02
C ASP L 53 -12.19 19.55 -10.02
N HIS L 54 -11.84 20.09 -8.84
CA HIS L 54 -10.75 21.04 -8.74
C HIS L 54 -9.43 20.41 -9.18
N LEU L 55 -9.19 19.16 -8.78
CA LEU L 55 -8.00 18.46 -9.23
C LEU L 55 -8.00 18.28 -10.76
N LYS L 56 -9.18 18.06 -11.36
CA LYS L 56 -9.25 17.96 -12.82
C LYS L 56 -8.85 19.28 -13.49
N ARG L 57 -9.30 20.40 -12.92
CA ARG L 57 -8.81 21.69 -13.39
C ARG L 57 -7.31 21.77 -13.31
N PHE L 58 -6.70 21.23 -12.23
CA PHE L 58 -5.24 21.27 -12.13
C PHE L 58 -4.57 20.41 -13.18
N ASP L 59 -5.10 19.21 -13.44
CA ASP L 59 -4.56 18.42 -14.53
C ASP L 59 -4.63 19.21 -15.84
N ALA L 60 -5.71 19.98 -16.03
CA ALA L 60 -5.95 20.64 -17.30
C ALA L 60 -4.89 21.71 -17.58
N VAL L 61 -4.62 22.57 -16.61
CA VAL L 61 -3.63 23.63 -16.81
C VAL L 61 -2.28 23.02 -17.19
N ARG L 62 -1.58 23.68 -18.12
CA ARG L 62 -0.25 23.26 -18.54
C ARG L 62 0.79 24.02 -17.73
N VAL L 63 1.65 23.29 -17.05
CA VAL L 63 2.50 23.83 -15.99
C VAL L 63 3.89 24.12 -16.55
N PRO L 64 4.50 25.25 -16.24
CA PRO L 64 5.94 25.41 -16.44
C PRO L 64 6.67 24.76 -15.27
N GLU L 65 7.91 24.34 -15.53
CA GLU L 65 8.62 23.49 -14.57
C GLU L 65 8.91 24.22 -13.26
N SER L 66 9.20 25.52 -13.33
CA SER L 66 9.39 26.31 -12.12
C SER L 66 8.22 26.17 -11.14
N CYS L 67 6.99 26.13 -11.67
CA CYS L 67 5.80 26.00 -10.83
C CYS L 67 5.52 24.57 -10.37
N ARG L 68 6.16 23.55 -10.94
CA ARG L 68 5.77 22.17 -10.63
C ARG L 68 5.61 21.98 -9.13
N GLY L 69 6.69 22.24 -8.40
CA GLY L 69 6.66 22.23 -6.95
C GLY L 69 5.46 22.95 -6.38
N VAL L 70 5.30 24.25 -6.67
CA VAL L 70 4.11 24.95 -6.22
C VAL L 70 2.84 24.18 -6.59
N VAL L 71 2.60 23.92 -7.88
CA VAL L 71 1.38 23.22 -8.29
C VAL L 71 1.23 21.94 -7.47
N GLU L 72 2.31 21.17 -7.35
CA GLU L 72 2.24 19.88 -6.66
C GLU L 72 1.70 20.04 -5.24
N ALA L 73 2.21 21.03 -4.49
CA ALA L 73 1.70 21.29 -3.15
C ALA L 73 0.19 21.46 -3.15
N GLN L 74 -0.34 22.41 -3.92
CA GLN L 74 -1.79 22.51 -4.04
C GLN L 74 -2.48 21.18 -4.26
N VAL L 75 -2.03 20.42 -5.24
CA VAL L 75 -2.62 19.12 -5.44
C VAL L 75 -2.51 18.29 -4.15
N ALA L 76 -1.29 18.19 -3.61
CA ALA L 76 -1.08 17.74 -2.23
C ALA L 76 -2.21 18.11 -1.29
N LYS L 77 -2.32 19.39 -0.95
CA LYS L 77 -3.34 19.83 0.00
C LYS L 77 -4.71 19.26 -0.36
N LEU L 78 -5.14 19.47 -1.62
CA LEU L 78 -6.48 19.02 -1.98
C LEU L 78 -6.63 17.53 -1.69
N GLU L 79 -5.71 16.70 -2.19
CA GLU L 79 -5.79 15.28 -1.90
C GLU L 79 -5.92 15.04 -0.40
N ALA L 80 -5.10 15.71 0.39
CA ALA L 80 -5.22 15.60 1.84
C ALA L 80 -6.65 15.80 2.26
N VAL L 81 -7.19 16.98 1.97
CA VAL L 81 -8.58 17.27 2.30
C VAL L 81 -9.48 16.13 1.84
N ARG L 82 -9.41 15.76 0.54
CA ARG L 82 -10.35 14.77 0.05
C ARG L 82 -10.26 13.48 0.86
N SER L 83 -9.04 13.05 1.18
CA SER L 83 -8.92 11.78 1.87
C SER L 83 -9.47 11.89 3.28
N VAL L 84 -9.19 13.00 3.97
CA VAL L 84 -9.81 13.19 5.26
C VAL L 84 -11.31 13.09 5.12
N ILE L 85 -11.87 13.77 4.11
CA ILE L 85 -13.31 13.74 3.88
C ILE L 85 -13.78 12.30 3.67
N TRP L 86 -13.09 11.55 2.79
CA TRP L 86 -13.45 10.16 2.60
C TRP L 86 -13.47 9.41 3.93
N ASN L 87 -12.40 9.55 4.73
CA ASN L 87 -12.37 8.84 6.01
C ASN L 87 -13.58 9.19 6.86
N THR L 88 -13.94 10.47 6.93
CA THR L 88 -15.13 10.84 7.70
C THR L 88 -16.31 9.98 7.29
N MET L 89 -16.57 9.89 5.98
CA MET L 89 -17.68 9.08 5.50
C MET L 89 -17.59 7.67 6.05
N ILE L 90 -16.44 7.01 5.85
CA ILE L 90 -16.28 5.63 6.31
C ILE L 90 -16.63 5.52 7.79
N SER L 91 -16.12 6.45 8.60
CA SER L 91 -16.38 6.38 10.02
C SER L 91 -17.86 6.47 10.30
N LEU L 92 -18.54 7.40 9.61
CA LEU L 92 -19.99 7.54 9.72
C LEU L 92 -20.67 6.22 9.41
N ALA L 93 -20.24 5.56 8.33
CA ALA L 93 -20.68 4.21 8.02
C ALA L 93 -20.72 3.38 9.29
N VAL L 94 -19.55 3.13 9.89
CA VAL L 94 -19.48 2.18 11.00
C VAL L 94 -20.26 2.68 12.20
N SER L 95 -20.37 4.00 12.39
CA SER L 95 -21.08 4.48 13.57
C SER L 95 -22.54 4.04 13.54
N GLY L 96 -23.12 3.92 12.33
CA GLY L 96 -24.47 3.39 12.22
C GLY L 96 -24.53 1.88 12.20
N ILE L 97 -23.49 1.24 11.71
CA ILE L 97 -23.53 -0.21 11.60
C ILE L 97 -23.55 -0.82 12.99
N GLU L 98 -22.74 -0.27 13.91
CA GLU L 98 -22.53 -0.90 15.21
C GLU L 98 -23.82 -0.99 16.02
N MET L 99 -24.73 -0.03 15.87
CA MET L 99 -25.96 -0.01 16.65
C MET L 99 -27.04 -0.84 15.97
N ASP L 100 -27.67 -1.73 16.76
CA ASP L 100 -28.94 -2.39 16.45
C ASP L 100 -28.79 -3.49 15.41
N GLU L 101 -29.57 -3.43 14.31
CA GLU L 101 -29.74 -4.57 13.42
C GLU L 101 -28.56 -4.75 12.45
N ASN L 102 -27.97 -5.94 12.49
CA ASN L 102 -26.88 -6.30 11.59
C ASN L 102 -26.66 -7.82 11.56
C ACT M . 24.65 3.50 -12.73
O ACT M . 23.67 3.00 -12.09
OXT ACT M . 24.66 4.75 -12.92
CH3 ACT M . 25.78 2.65 -13.27
C1 GOL N . 27.40 5.26 -6.02
O1 GOL N . 27.65 4.86 -4.69
C2 GOL N . 27.26 4.11 -7.02
O2 GOL N . 27.98 4.40 -8.17
C3 GOL N . 27.75 2.78 -6.47
O3 GOL N . 27.04 1.67 -7.00
C ACT O . -10.18 -7.67 31.38
O ACT O . -11.02 -8.56 31.15
OXT ACT O . -10.46 -6.85 32.29
CH3 ACT O . -8.90 -7.62 30.59
C1 GOL P . -3.42 -1.77 10.36
O1 GOL P . -2.11 -1.74 10.85
C2 GOL P . -3.87 -3.20 10.60
O2 GOL P . -3.25 -4.04 9.66
C3 GOL P . -3.36 -3.63 11.96
O3 GOL P . -3.85 -4.92 12.22
C ACT Q . -10.03 -18.91 -25.62
O ACT Q . -10.10 -20.16 -25.72
OXT ACT Q . -9.25 -18.33 -26.41
CH3 ACT Q . -10.81 -18.11 -24.61
C1 GOL R . -1.59 27.10 -9.69
O1 GOL R . -2.14 27.52 -8.45
C2 GOL R . -1.34 28.25 -10.66
O2 GOL R . -0.31 29.12 -10.21
C3 GOL R . -0.97 27.72 -12.04
O3 GOL R . -0.10 28.64 -12.68
#